data_1B2M
# 
_entry.id   1B2M 
# 
_audit_conform.dict_name       mmcif_pdbx.dic 
_audit_conform.dict_version    5.398 
_audit_conform.dict_location   http://mmcif.pdb.org/dictionaries/ascii/mmcif_pdbx.dic 
# 
loop_
_database_2.database_id 
_database_2.database_code 
_database_2.pdbx_database_accession 
_database_2.pdbx_DOI 
PDB   1B2M         pdb_00001b2m 10.2210/pdb1b2m/pdb 
NDB   PR0012       ?            ?                   
RCSB  RCSB000147   ?            ?                   
WWPDB D_1000000147 ?            ?                   
# 
loop_
_pdbx_audit_revision_history.ordinal 
_pdbx_audit_revision_history.data_content_type 
_pdbx_audit_revision_history.major_revision 
_pdbx_audit_revision_history.minor_revision 
_pdbx_audit_revision_history.revision_date 
1 'Structure model' 1 0 1999-03-25 
2 'Structure model' 1 1 2008-04-26 
3 'Structure model' 1 2 2011-07-13 
4 'Structure model' 1 3 2017-02-01 
5 'Structure model' 1 4 2023-08-09 
6 'Structure model' 1 5 2024-10-30 
# 
_pdbx_audit_revision_details.ordinal             1 
_pdbx_audit_revision_details.revision_ordinal    1 
_pdbx_audit_revision_details.data_content_type   'Structure model' 
_pdbx_audit_revision_details.provider            repository 
_pdbx_audit_revision_details.type                'Initial release' 
_pdbx_audit_revision_details.description         ? 
_pdbx_audit_revision_details.details             ? 
# 
loop_
_pdbx_audit_revision_group.ordinal 
_pdbx_audit_revision_group.revision_ordinal 
_pdbx_audit_revision_group.data_content_type 
_pdbx_audit_revision_group.group 
1 2 'Structure model' 'Version format compliance' 
2 3 'Structure model' 'Version format compliance' 
3 4 'Structure model' 'Structure summary'         
4 5 'Structure model' 'Data collection'           
5 5 'Structure model' 'Database references'       
6 5 'Structure model' 'Derived calculations'      
7 5 'Structure model' 'Refinement description'    
8 6 'Structure model' 'Structure summary'         
# 
loop_
_pdbx_audit_revision_category.ordinal 
_pdbx_audit_revision_category.revision_ordinal 
_pdbx_audit_revision_category.data_content_type 
_pdbx_audit_revision_category.category 
1 5 'Structure model' chem_comp_atom                
2 5 'Structure model' chem_comp_bond                
3 5 'Structure model' database_2                    
4 5 'Structure model' pdbx_initial_refinement_model 
5 5 'Structure model' struct_conn                   
6 6 'Structure model' pdbx_entry_details            
7 6 'Structure model' pdbx_modification_feature     
# 
loop_
_pdbx_audit_revision_item.ordinal 
_pdbx_audit_revision_item.revision_ordinal 
_pdbx_audit_revision_item.data_content_type 
_pdbx_audit_revision_item.item 
1 5 'Structure model' '_database_2.pdbx_DOI'                
2 5 'Structure model' '_database_2.pdbx_database_accession' 
3 5 'Structure model' '_struct_conn.pdbx_leaving_atom_flag' 
# 
_pdbx_database_status.status_code                     REL 
_pdbx_database_status.entry_id                        1B2M 
_pdbx_database_status.recvd_initial_deposition_date   1998-11-27 
_pdbx_database_status.deposit_site                    BNL 
_pdbx_database_status.process_site                    RCSB 
_pdbx_database_status.SG_entry                        . 
_pdbx_database_status.status_code_sf                  ? 
_pdbx_database_status.status_code_mr                  ? 
_pdbx_database_status.status_code_cs                  ? 
_pdbx_database_status.methods_development_category    ? 
_pdbx_database_status.pdb_format_compatible           Y 
_pdbx_database_status.status_code_nmr_data            ? 
# 
loop_
_audit_author.name 
_audit_author.pdbx_ordinal 
'Arni, R.K.'     1 
'Watanabe, L.'   2 
'Ward, R.J.'     3 
'Kreitman, R.J.' 4 
'Kumar, K.'      5 
'Walz Jr., F.G.' 6 
# 
loop_
_citation.id 
_citation.title 
_citation.journal_abbrev 
_citation.journal_volume 
_citation.page_first 
_citation.page_last 
_citation.year 
_citation.journal_id_ASTM 
_citation.country 
_citation.journal_id_ISSN 
_citation.journal_id_CSD 
_citation.book_publisher 
_citation.pdbx_database_id_PubMed 
_citation.pdbx_database_id_DOI 
primary 
;Three-dimensional structure of ribonuclease T1 complexed with an isosteric phosphonate substrate analogue of GpU: alternate substrate binding modes and catalysis.
;
Biochemistry               38  2452  2461 1999 BICHAW US 0006-2960 0033 ? 10029539 10.1021/bi982612q 
1       
;Three-Dimensional Structure of Gln 25-Ribonuclease T1 at 1.84 Angstroms Resolution: Structural Variations at the Base Recognition and Catalytic Sites
;
Biochemistry               31  3126  3135 1992 BICHAW US 0006-2960 0033 ? ?        ?                 
2       
;Crystal Structure of Guanosine-Free Ribonuclease T1, Complexed with Vanadate(V), Suggests Conformational Change Upon Substrate Binding
;
Biochemistry               28  7592  ?    1989 BICHAW US 0006-2960 0033 ? ?        ?                 
3       
;Three Dimensional Structures of the Ribonuclease T1 2'-Gmp Complex at 1.9 Angstroms Resolution
;
J.Biol.Chem.               263 15358 ?    1988 JBCHA3 US 0021-9258 0071 ? ?        ?                 
4       
;Restrained Least-Squares Refinement of the Crystal Structure of the Ribonuclease T1 2'-Guanylic Acid Complex at 1.9 Angstroms Resolution
;
'Acta Crystallogr.,Sect.B' 43  548   ?    1987 ASBSDK DK 0108-7681 0622 ? ?        ?                 
5       'Structure and Function of the Enzyme Ribonuclease T1' 'Fresenius Z.Anal.Chem.'   327 67    ?    1987 ZACFAU GW 0016-1152 
0596 ? ?        ?                 
6       'Crystallization of Ribonuclease T1' J.Mol.Biol.                136 95    ?    1980 JMOBAK UK 0022-2836 0070 ? ?        ? 
# 
loop_
_citation_author.citation_id 
_citation_author.name 
_citation_author.ordinal 
_citation_author.identifier_ORCID 
primary 'Arni, R.K.'            1  ? 
primary 'Watanabe, L.'          2  ? 
primary 'Ward, R.J.'            3  ? 
primary 'Kreitman, R.J.'        4  ? 
primary 'Kumar, K.'             5  ? 
primary 'Walz Jr., F.G.'        6  ? 
1       'Arni, R.K.'            7  ? 
1       'Pal, G.P.'             8  ? 
1       'Ravichandran, K.G.'    9  ? 
1       'Tulinsky, A.'          10 ? 
1       'Metcalf Jr., P.F.G.W.' 11 ? 
2       'Kostrewa, D.'          12 ? 
2       'Choe, H.-W.'           13 ? 
2       'Heinemann, U.'         14 ? 
2       'Saenger, W.'           15 ? 
3       'Arni, R.'              16 ? 
3       'Heinemann, U.'         17 ? 
3       'Tokuoka, R.'           18 ? 
3       'Saenger, W.'           19 ? 
4       'Arni, R.'              20 ? 
4       'Heinemann, V.'         21 ? 
4       'Maslowska, M.'         22 ? 
4       'Tokuoka, R.'           23 ? 
4       'Saenger, W.'           24 ? 
5       'Arni, R.'              25 ? 
5       'Heinemann, U.'         26 ? 
5       'Saenger, W.'           27 ? 
6       'Martin, P.O.'          28 ? 
6       'Tulinsky, A.'          29 ? 
6       'Walz, F.G.'            30 ? 
# 
loop_
_entity.id 
_entity.type 
_entity.src_method 
_entity.pdbx_description 
_entity.formula_weight 
_entity.pdbx_number_of_molecules 
_entity.pdbx_ec 
_entity.pdbx_mutation 
_entity.pdbx_fragment 
_entity.details 
1 polymer syn "5'-R(*GP*(U34))-3'" 620.441   3  ?        ?                ? ?                                            
2 polymer nat 'RIBONUCLEASE T1'    11093.644 2  3.1.27.3 'GLN 25 VARIANT' ? 
;RNASE T1 COMPLEXED WITH 5'-R(*GP*(CH2)U)-3
;
3 water   nat water                18.015    92 ?        ?                ? ?                                            
# 
loop_
_entity_poly.entity_id 
_entity_poly.type 
_entity_poly.nstd_linkage 
_entity_poly.nstd_monomer 
_entity_poly.pdbx_seq_one_letter_code 
_entity_poly.pdbx_seq_one_letter_code_can 
_entity_poly.pdbx_strand_id 
_entity_poly.pdbx_target_identifier 
1 polyribonucleotide no yes 'G(U34)' GU C,D,E ? 
2 'polypeptide(L)'   no no  
;ACDYTCGSNCYSSSDVSTAQAAGYQLHEDGETVGSNSYPHKYNNYEGFDFSVSSPYYEWPILSSGDVYSGGSPGADRVVF
NENNQLAGVITHTGASGNNFVECT
;
;ACDYTCGSNCYSSSDVSTAQAAGYQLHEDGETVGSNSYPHKYNNYEGFDFSVSSPYYEWPILSSGDVYSGGSPGADRVVF
NENNQLAGVITHTGASGNNFVECT
;
A,B   ? 
# 
_pdbx_entity_nonpoly.entity_id   3 
_pdbx_entity_nonpoly.name        water 
_pdbx_entity_nonpoly.comp_id     HOH 
# 
loop_
_entity_poly_seq.entity_id 
_entity_poly_seq.num 
_entity_poly_seq.mon_id 
_entity_poly_seq.hetero 
1 1   G   n 
1 2   U34 n 
2 1   ALA n 
2 2   CYS n 
2 3   ASP n 
2 4   TYR n 
2 5   THR n 
2 6   CYS n 
2 7   GLY n 
2 8   SER n 
2 9   ASN n 
2 10  CYS n 
2 11  TYR n 
2 12  SER n 
2 13  SER n 
2 14  SER n 
2 15  ASP n 
2 16  VAL n 
2 17  SER n 
2 18  THR n 
2 19  ALA n 
2 20  GLN n 
2 21  ALA n 
2 22  ALA n 
2 23  GLY n 
2 24  TYR n 
2 25  GLN n 
2 26  LEU n 
2 27  HIS n 
2 28  GLU n 
2 29  ASP n 
2 30  GLY n 
2 31  GLU n 
2 32  THR n 
2 33  VAL n 
2 34  GLY n 
2 35  SER n 
2 36  ASN n 
2 37  SER n 
2 38  TYR n 
2 39  PRO n 
2 40  HIS n 
2 41  LYS n 
2 42  TYR n 
2 43  ASN n 
2 44  ASN n 
2 45  TYR n 
2 46  GLU n 
2 47  GLY n 
2 48  PHE n 
2 49  ASP n 
2 50  PHE n 
2 51  SER n 
2 52  VAL n 
2 53  SER n 
2 54  SER n 
2 55  PRO n 
2 56  TYR n 
2 57  TYR n 
2 58  GLU n 
2 59  TRP n 
2 60  PRO n 
2 61  ILE n 
2 62  LEU n 
2 63  SER n 
2 64  SER n 
2 65  GLY n 
2 66  ASP n 
2 67  VAL n 
2 68  TYR n 
2 69  SER n 
2 70  GLY n 
2 71  GLY n 
2 72  SER n 
2 73  PRO n 
2 74  GLY n 
2 75  ALA n 
2 76  ASP n 
2 77  ARG n 
2 78  VAL n 
2 79  VAL n 
2 80  PHE n 
2 81  ASN n 
2 82  GLU n 
2 83  ASN n 
2 84  ASN n 
2 85  GLN n 
2 86  LEU n 
2 87  ALA n 
2 88  GLY n 
2 89  VAL n 
2 90  ILE n 
2 91  THR n 
2 92  HIS n 
2 93  THR n 
2 94  GLY n 
2 95  ALA n 
2 96  SER n 
2 97  GLY n 
2 98  ASN n 
2 99  ASN n 
2 100 PHE n 
2 101 VAL n 
2 102 GLU n 
2 103 CYS n 
2 104 THR n 
# 
_entity_src_nat.entity_id                  2 
_entity_src_nat.pdbx_src_id                1 
_entity_src_nat.pdbx_alt_source_flag       sample 
_entity_src_nat.pdbx_beg_seq_num           ? 
_entity_src_nat.pdbx_end_seq_num           ? 
_entity_src_nat.common_name                ? 
_entity_src_nat.pdbx_organism_scientific   'Aspergillus oryzae' 
_entity_src_nat.pdbx_ncbi_taxonomy_id      5062 
_entity_src_nat.genus                      Aspergillus 
_entity_src_nat.species                    ? 
_entity_src_nat.strain                     ? 
_entity_src_nat.tissue                     ? 
_entity_src_nat.tissue_fraction            ? 
_entity_src_nat.pdbx_secretion             ? 
_entity_src_nat.pdbx_fragment              ? 
_entity_src_nat.pdbx_variant               ? 
_entity_src_nat.pdbx_cell_line             ? 
_entity_src_nat.pdbx_atcc                  ? 
_entity_src_nat.pdbx_cellular_location     ? 
_entity_src_nat.pdbx_organ                 ? 
_entity_src_nat.pdbx_organelle             ? 
_entity_src_nat.pdbx_cell                  ? 
_entity_src_nat.pdbx_plasmid_name          ? 
_entity_src_nat.pdbx_plasmid_details       ? 
_entity_src_nat.details                    ? 
# 
loop_
_chem_comp.id 
_chem_comp.type 
_chem_comp.mon_nstd_flag 
_chem_comp.name 
_chem_comp.pdbx_synonyms 
_chem_comp.formula 
_chem_comp.formula_weight 
ALA 'L-peptide linking' y ALANINE                          ? 'C3 H7 N O2'      89.093  
ARG 'L-peptide linking' y ARGININE                         ? 'C6 H15 N4 O2 1'  175.209 
ASN 'L-peptide linking' y ASPARAGINE                       ? 'C4 H8 N2 O3'     132.118 
ASP 'L-peptide linking' y 'ASPARTIC ACID'                  ? 'C4 H7 N O4'      133.103 
CYS 'L-peptide linking' y CYSTEINE                         ? 'C3 H7 N O2 S'    121.158 
G   'RNA linking'       y "GUANOSINE-5'-MONOPHOSPHATE"     ? 'C10 H14 N5 O8 P' 363.221 
GLN 'L-peptide linking' y GLUTAMINE                        ? 'C5 H10 N2 O3'    146.144 
GLU 'L-peptide linking' y 'GLUTAMIC ACID'                  ? 'C5 H9 N O4'      147.129 
GLY 'peptide linking'   y GLYCINE                          ? 'C2 H5 N O2'      75.067  
HIS 'L-peptide linking' y HISTIDINE                        ? 'C6 H10 N3 O2 1'  156.162 
HOH non-polymer         . WATER                            ? 'H2 O'            18.015  
ILE 'L-peptide linking' y ISOLEUCINE                       ? 'C6 H13 N O2'     131.173 
LEU 'L-peptide linking' y LEUCINE                          ? 'C6 H13 N O2'     131.173 
LYS 'L-peptide linking' y LYSINE                           ? 'C6 H15 N2 O2 1'  147.195 
PHE 'L-peptide linking' y PHENYLALANINE                    ? 'C9 H11 N O2'     165.189 
PRO 'L-peptide linking' y PROLINE                          ? 'C5 H9 N O2'      115.130 
SER 'L-peptide linking' y SERINE                           ? 'C3 H7 N O3'      105.093 
THR 'L-peptide linking' y THREONINE                        ? 'C4 H9 N O3'      119.119 
TRP 'L-peptide linking' y TRYPTOPHAN                       ? 'C11 H12 N2 O2'   204.225 
TYR 'L-peptide linking' y TYROSINE                         ? 'C9 H11 N O3'     181.189 
U34 'RNA linking'       n 
;URIDINE 5'-MONOMETHYLPHOSPHATE
;
? 'C10 H15 N2 O9 P' 338.208 
VAL 'L-peptide linking' y VALINE                           ? 'C5 H11 N O2'     117.146 
# 
loop_
_pdbx_poly_seq_scheme.asym_id 
_pdbx_poly_seq_scheme.entity_id 
_pdbx_poly_seq_scheme.seq_id 
_pdbx_poly_seq_scheme.mon_id 
_pdbx_poly_seq_scheme.ndb_seq_num 
_pdbx_poly_seq_scheme.pdb_seq_num 
_pdbx_poly_seq_scheme.auth_seq_num 
_pdbx_poly_seq_scheme.pdb_mon_id 
_pdbx_poly_seq_scheme.auth_mon_id 
_pdbx_poly_seq_scheme.pdb_strand_id 
_pdbx_poly_seq_scheme.pdb_ins_code 
_pdbx_poly_seq_scheme.hetero 
A 1 1   G   1   105 105 G   G   C . n 
A 1 2   U34 2   106 106 U34 +U  C . n 
B 1 1   G   1   105 105 G   G   D . n 
B 1 2   U34 2   106 106 U34 +U  D . n 
C 1 1   G   1   105 105 G   G   E . n 
C 1 2   U34 2   106 106 U34 +U  E . n 
D 2 1   ALA 1   1   1   ALA ALA A . n 
D 2 2   CYS 2   2   2   CYS CYS A . n 
D 2 3   ASP 3   3   3   ASP ASP A . n 
D 2 4   TYR 4   4   4   TYR TYR A . n 
D 2 5   THR 5   5   5   THR THR A . n 
D 2 6   CYS 6   6   6   CYS CYS A . n 
D 2 7   GLY 7   7   7   GLY GLY A . n 
D 2 8   SER 8   8   8   SER SER A . n 
D 2 9   ASN 9   9   9   ASN ASN A . n 
D 2 10  CYS 10  10  10  CYS CYS A . n 
D 2 11  TYR 11  11  11  TYR TYR A . n 
D 2 12  SER 12  12  12  SER SER A . n 
D 2 13  SER 13  13  13  SER SER A . n 
D 2 14  SER 14  14  14  SER SER A . n 
D 2 15  ASP 15  15  15  ASP ASP A . n 
D 2 16  VAL 16  16  16  VAL VAL A . n 
D 2 17  SER 17  17  17  SER SER A . n 
D 2 18  THR 18  18  18  THR THR A . n 
D 2 19  ALA 19  19  19  ALA ALA A . n 
D 2 20  GLN 20  20  20  GLN GLN A . n 
D 2 21  ALA 21  21  21  ALA ALA A . n 
D 2 22  ALA 22  22  22  ALA ALA A . n 
D 2 23  GLY 23  23  23  GLY GLY A . n 
D 2 24  TYR 24  24  24  TYR TYR A . n 
D 2 25  GLN 25  25  25  GLN GLN A . n 
D 2 26  LEU 26  26  26  LEU LEU A . n 
D 2 27  HIS 27  27  27  HIS HIS A . n 
D 2 28  GLU 28  28  28  GLU GLU A . n 
D 2 29  ASP 29  29  29  ASP ASP A . n 
D 2 30  GLY 30  30  30  GLY GLY A . n 
D 2 31  GLU 31  31  31  GLU GLU A . n 
D 2 32  THR 32  32  32  THR THR A . n 
D 2 33  VAL 33  33  33  VAL VAL A . n 
D 2 34  GLY 34  34  34  GLY GLY A . n 
D 2 35  SER 35  35  35  SER SER A . n 
D 2 36  ASN 36  36  36  ASN ASN A . n 
D 2 37  SER 37  37  37  SER SER A . n 
D 2 38  TYR 38  38  38  TYR TYR A . n 
D 2 39  PRO 39  39  39  PRO PRO A . n 
D 2 40  HIS 40  40  40  HIS HIS A . n 
D 2 41  LYS 41  41  41  LYS LYS A . n 
D 2 42  TYR 42  42  42  TYR TYR A . n 
D 2 43  ASN 43  43  43  ASN ASN A . n 
D 2 44  ASN 44  44  44  ASN ASN A . n 
D 2 45  TYR 45  45  45  TYR TYR A . n 
D 2 46  GLU 46  46  46  GLU GLU A . n 
D 2 47  GLY 47  47  47  GLY GLY A . n 
D 2 48  PHE 48  48  48  PHE PHE A . n 
D 2 49  ASP 49  49  49  ASP ASP A . n 
D 2 50  PHE 50  50  50  PHE PHE A . n 
D 2 51  SER 51  51  51  SER SER A . n 
D 2 52  VAL 52  52  52  VAL VAL A . n 
D 2 53  SER 53  53  53  SER SER A . n 
D 2 54  SER 54  54  54  SER SER A . n 
D 2 55  PRO 55  55  55  PRO PRO A . n 
D 2 56  TYR 56  56  56  TYR TYR A . n 
D 2 57  TYR 57  57  57  TYR TYR A . n 
D 2 58  GLU 58  58  58  GLU GLU A . n 
D 2 59  TRP 59  59  59  TRP TRP A . n 
D 2 60  PRO 60  60  60  PRO PRO A . n 
D 2 61  ILE 61  61  61  ILE ILE A . n 
D 2 62  LEU 62  62  62  LEU LEU A . n 
D 2 63  SER 63  63  63  SER SER A . n 
D 2 64  SER 64  64  64  SER SER A . n 
D 2 65  GLY 65  65  65  GLY GLY A . n 
D 2 66  ASP 66  66  66  ASP ASP A . n 
D 2 67  VAL 67  67  67  VAL VAL A . n 
D 2 68  TYR 68  68  68  TYR TYR A . n 
D 2 69  SER 69  69  69  SER SER A . n 
D 2 70  GLY 70  70  70  GLY GLY A . n 
D 2 71  GLY 71  71  71  GLY GLY A . n 
D 2 72  SER 72  72  72  SER SER A . n 
D 2 73  PRO 73  73  73  PRO PRO A . n 
D 2 74  GLY 74  74  74  GLY GLY A . n 
D 2 75  ALA 75  75  75  ALA ALA A . n 
D 2 76  ASP 76  76  76  ASP ASP A . n 
D 2 77  ARG 77  77  77  ARG ARG A . n 
D 2 78  VAL 78  78  78  VAL VAL A . n 
D 2 79  VAL 79  79  79  VAL VAL A . n 
D 2 80  PHE 80  80  80  PHE PHE A . n 
D 2 81  ASN 81  81  81  ASN ASN A . n 
D 2 82  GLU 82  82  82  GLU GLU A . n 
D 2 83  ASN 83  83  83  ASN ASN A . n 
D 2 84  ASN 84  84  84  ASN ASN A . n 
D 2 85  GLN 85  85  85  GLN GLN A . n 
D 2 86  LEU 86  86  86  LEU LEU A . n 
D 2 87  ALA 87  87  87  ALA ALA A . n 
D 2 88  GLY 88  88  88  GLY GLY A . n 
D 2 89  VAL 89  89  89  VAL VAL A . n 
D 2 90  ILE 90  90  90  ILE ILE A . n 
D 2 91  THR 91  91  91  THR THR A . n 
D 2 92  HIS 92  92  92  HIS HIS A . n 
D 2 93  THR 93  93  93  THR THR A . n 
D 2 94  GLY 94  94  94  GLY GLY A . n 
D 2 95  ALA 95  95  95  ALA ALA A . n 
D 2 96  SER 96  96  96  SER SER A . n 
D 2 97  GLY 97  97  97  GLY GLY A . n 
D 2 98  ASN 98  98  98  ASN ASN A . n 
D 2 99  ASN 99  99  99  ASN ASN A . n 
D 2 100 PHE 100 100 100 PHE PHE A . n 
D 2 101 VAL 101 101 101 VAL VAL A . n 
D 2 102 GLU 102 102 102 GLU GLU A . n 
D 2 103 CYS 103 103 103 CYS CYS A . n 
D 2 104 THR 104 104 104 THR THR A . n 
E 2 1   ALA 1   1   1   ALA ALA B . n 
E 2 2   CYS 2   2   2   CYS CYS B . n 
E 2 3   ASP 3   3   3   ASP ASP B . n 
E 2 4   TYR 4   4   4   TYR TYR B . n 
E 2 5   THR 5   5   5   THR THR B . n 
E 2 6   CYS 6   6   6   CYS CYS B . n 
E 2 7   GLY 7   7   7   GLY GLY B . n 
E 2 8   SER 8   8   8   SER SER B . n 
E 2 9   ASN 9   9   9   ASN ASN B . n 
E 2 10  CYS 10  10  10  CYS CYS B . n 
E 2 11  TYR 11  11  11  TYR TYR B . n 
E 2 12  SER 12  12  12  SER SER B . n 
E 2 13  SER 13  13  13  SER SER B . n 
E 2 14  SER 14  14  14  SER SER B . n 
E 2 15  ASP 15  15  15  ASP ASP B . n 
E 2 16  VAL 16  16  16  VAL VAL B . n 
E 2 17  SER 17  17  17  SER SER B . n 
E 2 18  THR 18  18  18  THR THR B . n 
E 2 19  ALA 19  19  19  ALA ALA B . n 
E 2 20  GLN 20  20  20  GLN GLN B . n 
E 2 21  ALA 21  21  21  ALA ALA B . n 
E 2 22  ALA 22  22  22  ALA ALA B . n 
E 2 23  GLY 23  23  23  GLY GLY B . n 
E 2 24  TYR 24  24  24  TYR TYR B . n 
E 2 25  GLN 25  25  25  GLN GLN B . n 
E 2 26  LEU 26  26  26  LEU LEU B . n 
E 2 27  HIS 27  27  27  HIS HIS B . n 
E 2 28  GLU 28  28  28  GLU GLU B . n 
E 2 29  ASP 29  29  29  ASP ASP B . n 
E 2 30  GLY 30  30  30  GLY GLY B . n 
E 2 31  GLU 31  31  31  GLU GLU B . n 
E 2 32  THR 32  32  32  THR THR B . n 
E 2 33  VAL 33  33  33  VAL VAL B . n 
E 2 34  GLY 34  34  34  GLY GLY B . n 
E 2 35  SER 35  35  35  SER SER B . n 
E 2 36  ASN 36  36  36  ASN ASN B . n 
E 2 37  SER 37  37  37  SER SER B . n 
E 2 38  TYR 38  38  38  TYR TYR B . n 
E 2 39  PRO 39  39  39  PRO PRO B . n 
E 2 40  HIS 40  40  40  HIS HIS B . n 
E 2 41  LYS 41  41  41  LYS LYS B . n 
E 2 42  TYR 42  42  42  TYR TYR B . n 
E 2 43  ASN 43  43  43  ASN ASN B . n 
E 2 44  ASN 44  44  44  ASN ASN B . n 
E 2 45  TYR 45  45  45  TYR TYR B . n 
E 2 46  GLU 46  46  46  GLU GLU B . n 
E 2 47  GLY 47  47  47  GLY GLY B . n 
E 2 48  PHE 48  48  48  PHE PHE B . n 
E 2 49  ASP 49  49  49  ASP ASP B . n 
E 2 50  PHE 50  50  50  PHE PHE B . n 
E 2 51  SER 51  51  51  SER SER B . n 
E 2 52  VAL 52  52  52  VAL VAL B . n 
E 2 53  SER 53  53  53  SER SER B . n 
E 2 54  SER 54  54  54  SER SER B . n 
E 2 55  PRO 55  55  55  PRO PRO B . n 
E 2 56  TYR 56  56  56  TYR TYR B . n 
E 2 57  TYR 57  57  57  TYR TYR B . n 
E 2 58  GLU 58  58  58  GLU GLU B . n 
E 2 59  TRP 59  59  59  TRP TRP B . n 
E 2 60  PRO 60  60  60  PRO PRO B . n 
E 2 61  ILE 61  61  61  ILE ILE B . n 
E 2 62  LEU 62  62  62  LEU LEU B . n 
E 2 63  SER 63  63  63  SER SER B . n 
E 2 64  SER 64  64  64  SER SER B . n 
E 2 65  GLY 65  65  65  GLY GLY B . n 
E 2 66  ASP 66  66  66  ASP ASP B . n 
E 2 67  VAL 67  67  67  VAL VAL B . n 
E 2 68  TYR 68  68  68  TYR TYR B . n 
E 2 69  SER 69  69  69  SER SER B . n 
E 2 70  GLY 70  70  70  GLY GLY B . n 
E 2 71  GLY 71  71  71  GLY GLY B . n 
E 2 72  SER 72  72  72  SER SER B . n 
E 2 73  PRO 73  73  73  PRO PRO B . n 
E 2 74  GLY 74  74  74  GLY GLY B . n 
E 2 75  ALA 75  75  75  ALA ALA B . n 
E 2 76  ASP 76  76  76  ASP ASP B . n 
E 2 77  ARG 77  77  77  ARG ARG B . n 
E 2 78  VAL 78  78  78  VAL VAL B . n 
E 2 79  VAL 79  79  79  VAL VAL B . n 
E 2 80  PHE 80  80  80  PHE PHE B . n 
E 2 81  ASN 81  81  81  ASN ASN B . n 
E 2 82  GLU 82  82  82  GLU GLU B . n 
E 2 83  ASN 83  83  83  ASN ASN B . n 
E 2 84  ASN 84  84  84  ASN ASN B . n 
E 2 85  GLN 85  85  85  GLN GLN B . n 
E 2 86  LEU 86  86  86  LEU LEU B . n 
E 2 87  ALA 87  87  87  ALA ALA B . n 
E 2 88  GLY 88  88  88  GLY GLY B . n 
E 2 89  VAL 89  89  89  VAL VAL B . n 
E 2 90  ILE 90  90  90  ILE ILE B . n 
E 2 91  THR 91  91  91  THR THR B . n 
E 2 92  HIS 92  92  92  HIS HIS B . n 
E 2 93  THR 93  93  93  THR THR B . n 
E 2 94  GLY 94  94  94  GLY GLY B . n 
E 2 95  ALA 95  95  95  ALA ALA B . n 
E 2 96  SER 96  96  96  SER SER B . n 
E 2 97  GLY 97  97  97  GLY GLY B . n 
E 2 98  ASN 98  98  98  ASN ASN B . n 
E 2 99  ASN 99  99  99  ASN ASN B . n 
E 2 100 PHE 100 100 100 PHE PHE B . n 
E 2 101 VAL 101 101 101 VAL VAL B . n 
E 2 102 GLU 102 102 102 GLU GLU B . n 
E 2 103 CYS 103 103 103 CYS CYS B . n 
E 2 104 THR 104 104 104 THR THR B . n 
# 
loop_
_pdbx_nonpoly_scheme.asym_id 
_pdbx_nonpoly_scheme.entity_id 
_pdbx_nonpoly_scheme.mon_id 
_pdbx_nonpoly_scheme.ndb_seq_num 
_pdbx_nonpoly_scheme.pdb_seq_num 
_pdbx_nonpoly_scheme.auth_seq_num 
_pdbx_nonpoly_scheme.pdb_mon_id 
_pdbx_nonpoly_scheme.auth_mon_id 
_pdbx_nonpoly_scheme.pdb_strand_id 
_pdbx_nonpoly_scheme.pdb_ins_code 
F 3 HOH 1  137 137 HOH HOH C . 
G 3 HOH 1  188 188 HOH HOH D . 
G 3 HOH 2  195 195 HOH HOH D . 
H 3 HOH 1  107 107 HOH HOH A . 
H 3 HOH 2  108 108 HOH HOH A . 
H 3 HOH 3  110 110 HOH HOH A . 
H 3 HOH 4  111 111 HOH HOH A . 
H 3 HOH 5  112 112 HOH HOH A . 
H 3 HOH 6  113 113 HOH HOH A . 
H 3 HOH 7  114 114 HOH HOH A . 
H 3 HOH 8  115 115 HOH HOH A . 
H 3 HOH 9  116 116 HOH HOH A . 
H 3 HOH 10 117 117 HOH HOH A . 
H 3 HOH 11 118 118 HOH HOH A . 
H 3 HOH 12 119 119 HOH HOH A . 
H 3 HOH 13 120 120 HOH HOH A . 
H 3 HOH 14 127 127 HOH HOH A . 
H 3 HOH 15 133 133 HOH HOH A . 
H 3 HOH 16 134 134 HOH HOH A . 
H 3 HOH 17 135 135 HOH HOH A . 
H 3 HOH 18 139 139 HOH HOH A . 
H 3 HOH 19 140 140 HOH HOH A . 
H 3 HOH 20 141 141 HOH HOH A . 
H 3 HOH 21 142 142 HOH HOH A . 
H 3 HOH 22 144 144 HOH HOH A . 
H 3 HOH 23 145 145 HOH HOH A . 
H 3 HOH 24 146 146 HOH HOH A . 
H 3 HOH 25 147 147 HOH HOH A . 
H 3 HOH 26 148 148 HOH HOH A . 
H 3 HOH 27 149 149 HOH HOH A . 
H 3 HOH 28 155 155 HOH HOH A . 
H 3 HOH 29 156 156 HOH HOH A . 
H 3 HOH 30 157 157 HOH HOH A . 
H 3 HOH 31 169 169 HOH HOH A . 
H 3 HOH 32 170 170 HOH HOH A . 
H 3 HOH 33 171 171 HOH HOH A . 
H 3 HOH 34 177 177 HOH HOH A . 
H 3 HOH 35 178 178 HOH HOH A . 
H 3 HOH 36 179 179 HOH HOH A . 
H 3 HOH 37 180 180 HOH HOH A . 
H 3 HOH 38 181 181 HOH HOH A . 
H 3 HOH 39 182 182 HOH HOH A . 
H 3 HOH 40 183 183 HOH HOH A . 
H 3 HOH 41 184 184 HOH HOH A . 
H 3 HOH 42 185 185 HOH HOH A . 
H 3 HOH 43 186 186 HOH HOH A . 
H 3 HOH 44 187 187 HOH HOH A . 
H 3 HOH 45 189 189 HOH HOH A . 
H 3 HOH 46 190 190 HOH HOH A . 
H 3 HOH 47 191 191 HOH HOH A . 
H 3 HOH 48 194 194 HOH HOH A . 
I 3 HOH 1  109 109 HOH HOH B . 
I 3 HOH 2  121 121 HOH HOH B . 
I 3 HOH 3  122 122 HOH HOH B . 
I 3 HOH 4  123 123 HOH HOH B . 
I 3 HOH 5  124 124 HOH HOH B . 
I 3 HOH 6  125 125 HOH HOH B . 
I 3 HOH 7  126 126 HOH HOH B . 
I 3 HOH 8  128 128 HOH HOH B . 
I 3 HOH 9  129 129 HOH HOH B . 
I 3 HOH 10 130 130 HOH HOH B . 
I 3 HOH 11 131 131 HOH HOH B . 
I 3 HOH 12 132 132 HOH HOH B . 
I 3 HOH 13 136 136 HOH HOH B . 
I 3 HOH 14 138 138 HOH HOH B . 
I 3 HOH 15 143 143 HOH HOH B . 
I 3 HOH 16 150 150 HOH HOH B . 
I 3 HOH 17 151 151 HOH HOH B . 
I 3 HOH 18 152 152 HOH HOH B . 
I 3 HOH 19 153 153 HOH HOH B . 
I 3 HOH 20 154 154 HOH HOH B . 
I 3 HOH 21 158 158 HOH HOH B . 
I 3 HOH 22 159 159 HOH HOH B . 
I 3 HOH 23 160 160 HOH HOH B . 
I 3 HOH 24 161 161 HOH HOH B . 
I 3 HOH 25 162 162 HOH HOH B . 
I 3 HOH 26 163 163 HOH HOH B . 
I 3 HOH 27 164 164 HOH HOH B . 
I 3 HOH 28 165 165 HOH HOH B . 
I 3 HOH 29 166 166 HOH HOH B . 
I 3 HOH 30 167 167 HOH HOH B . 
I 3 HOH 31 168 168 HOH HOH B . 
I 3 HOH 32 172 172 HOH HOH B . 
I 3 HOH 33 173 173 HOH HOH B . 
I 3 HOH 34 174 174 HOH HOH B . 
I 3 HOH 35 175 175 HOH HOH B . 
I 3 HOH 36 176 176 HOH HOH B . 
I 3 HOH 37 192 192 HOH HOH B . 
I 3 HOH 38 193 193 HOH HOH B . 
I 3 HOH 39 196 196 HOH HOH B . 
I 3 HOH 40 197 197 HOH HOH B . 
I 3 HOH 41 198 198 HOH HOH B . 
# 
loop_
_pdbx_unobs_or_zero_occ_atoms.id 
_pdbx_unobs_or_zero_occ_atoms.PDB_model_num 
_pdbx_unobs_or_zero_occ_atoms.polymer_flag 
_pdbx_unobs_or_zero_occ_atoms.occupancy_flag 
_pdbx_unobs_or_zero_occ_atoms.auth_asym_id 
_pdbx_unobs_or_zero_occ_atoms.auth_comp_id 
_pdbx_unobs_or_zero_occ_atoms.auth_seq_id 
_pdbx_unobs_or_zero_occ_atoms.PDB_ins_code 
_pdbx_unobs_or_zero_occ_atoms.auth_atom_id 
_pdbx_unobs_or_zero_occ_atoms.label_alt_id 
_pdbx_unobs_or_zero_occ_atoms.label_asym_id 
_pdbx_unobs_or_zero_occ_atoms.label_comp_id 
_pdbx_unobs_or_zero_occ_atoms.label_seq_id 
_pdbx_unobs_or_zero_occ_atoms.label_atom_id 
1 1 Y 1 C U34 106 ? OXT ? A U34 2 OXT 
2 1 Y 1 D U34 106 ? OXT ? B U34 2 OXT 
3 1 Y 1 E U34 106 ? OXT ? C U34 2 OXT 
# 
loop_
_software.name 
_software.classification 
_software.version 
_software.citation_id 
_software.pdbx_ordinal 
AMoRE  phasing    .   ? 1 
X-PLOR refinement 3.1 ? 2 
# 
_cell.entry_id           1B2M 
_cell.length_a           69.910 
_cell.length_b           90.290 
_cell.length_c           33.980 
_cell.angle_alpha        90.00 
_cell.angle_beta         90.00 
_cell.angle_gamma        90.00 
_cell.Z_PDB              12 
_cell.pdbx_unique_axis   ? 
_cell.length_a_esd       ? 
_cell.length_b_esd       ? 
_cell.length_c_esd       ? 
_cell.angle_alpha_esd    ? 
_cell.angle_beta_esd     ? 
_cell.angle_gamma_esd    ? 
# 
_symmetry.entry_id                         1B2M 
_symmetry.space_group_name_H-M             'P 21 21 21' 
_symmetry.pdbx_full_space_group_name_H-M   ? 
_symmetry.cell_setting                     orthorhombic 
_symmetry.Int_Tables_number                19 
_symmetry.space_group_name_Hall            ? 
# 
_exptl.entry_id          1B2M 
_exptl.method            'X-RAY DIFFRACTION' 
_exptl.crystals_number   1 
# 
_exptl_crystal.id                    1 
_exptl_crystal.density_meas          ? 
_exptl_crystal.density_percent_sol   44.82 
_exptl_crystal.density_Matthews      2.23 
_exptl_crystal.description           ? 
_exptl_crystal.F_000                 ? 
_exptl_crystal.preparation           ? 
# 
_exptl_crystal_grow.crystal_id      1 
_exptl_crystal_grow.method          ? 
_exptl_crystal_grow.temp            ? 
_exptl_crystal_grow.temp_details    ? 
_exptl_crystal_grow.pH              4.10 
_exptl_crystal_grow.pdbx_details    'pH 4.10' 
_exptl_crystal_grow.pdbx_pH_range   ? 
# 
loop_
_exptl_crystal_grow_comp.crystal_id 
_exptl_crystal_grow_comp.id 
_exptl_crystal_grow_comp.sol_id 
_exptl_crystal_grow_comp.name 
_exptl_crystal_grow_comp.volume 
_exptl_crystal_grow_comp.conc 
_exptl_crystal_grow_comp.details 
1 1 1 'SODIUM ACETATE' ? ? ? 
1 2 1 TRIS             ? ? ? 
1 3 1 MGCL2            ? ? ? 
1 4 1 'PEG 4000'       ? ? ? 
1 5 2 'PEG 4000'       ? ? ? 
# 
_diffrn.id                     1 
_diffrn.ambient_temp           287.00 
_diffrn.ambient_temp_details   ? 
_diffrn.crystal_id             1 
# 
_diffrn_detector.diffrn_id              1 
_diffrn_detector.detector               'IMAGE PLATE' 
_diffrn_detector.type                   RIGAKU 
_diffrn_detector.pdbx_collection_date   ? 
_diffrn_detector.details                ? 
# 
_diffrn_radiation.diffrn_id                        1 
_diffrn_radiation.wavelength_id                    1 
_diffrn_radiation.pdbx_monochromatic_or_laue_m_l   M 
_diffrn_radiation.monochromator                    'NI FILTER' 
_diffrn_radiation.pdbx_diffrn_protocol             'SINGLE WAVELENGTH' 
_diffrn_radiation.pdbx_scattering_type             x-ray 
# 
_diffrn_radiation_wavelength.id           1 
_diffrn_radiation_wavelength.wavelength   1.5418 
_diffrn_radiation_wavelength.wt           1.0 
# 
_diffrn_source.diffrn_id                   1 
_diffrn_source.source                      'ROTATING ANODE' 
_diffrn_source.type                        'RIGAKU RU200' 
_diffrn_source.pdbx_synchrotron_site       ? 
_diffrn_source.pdbx_synchrotron_beamline   ? 
_diffrn_source.pdbx_wavelength             1.5418 
_diffrn_source.pdbx_wavelength_list        ? 
# 
_reflns.entry_id                     1B2M 
_reflns.observed_criterion_sigma_I   2.000 
_reflns.observed_criterion_sigma_F   ? 
_reflns.d_resolution_low             20.000 
_reflns.d_resolution_high            2.000 
_reflns.number_obs                   11298 
_reflns.number_all                   ? 
_reflns.percent_possible_obs         75.000 
_reflns.pdbx_Rmerge_I_obs            ? 
_reflns.pdbx_Rsym_value              0.64 
_reflns.pdbx_netI_over_sigmaI        ? 
_reflns.B_iso_Wilson_estimate        ? 
_reflns.pdbx_redundancy              ? 
_reflns.R_free_details               ? 
_reflns.limit_k_min                  ? 
_reflns.observed_criterion_F_min     ? 
_reflns.pdbx_chi_squared             ? 
_reflns.pdbx_scaling_rejects         ? 
_reflns.pdbx_ordinal                 1 
_reflns.pdbx_diffrn_id               1 
# 
_refine.entry_id                                 1B2M 
_refine.ls_number_reflns_obs                     9879 
_refine.ls_number_reflns_all                     ? 
_refine.pdbx_ls_sigma_I                          ? 
_refine.pdbx_ls_sigma_F                          2.000 
_refine.pdbx_data_cutoff_high_absF               ? 
_refine.pdbx_data_cutoff_low_absF                ? 
_refine.pdbx_data_cutoff_high_rms_absF           ? 
_refine.ls_d_res_low                             8.000 
_refine.ls_d_res_high                            2.000 
_refine.ls_percent_reflns_obs                    75.000 
_refine.ls_R_factor_obs                          0.187 
_refine.ls_R_factor_all                          ? 
_refine.ls_R_factor_R_work                       0.187 
_refine.ls_R_factor_R_free                       0.254 
_refine.ls_R_factor_R_free_error                 ? 
_refine.ls_R_factor_R_free_error_details         ? 
_refine.ls_percent_reflns_R_free                 10.000 
_refine.ls_number_reflns_R_free                  ? 
_refine.ls_number_parameters                     ? 
_refine.ls_number_restraints                     ? 
_refine.occupancy_min                            ? 
_refine.occupancy_max                            ? 
_refine.B_iso_mean                               ? 
_refine.aniso_B[1][1]                            ? 
_refine.aniso_B[2][2]                            ? 
_refine.aniso_B[3][3]                            ? 
_refine.aniso_B[1][2]                            ? 
_refine.aniso_B[1][3]                            ? 
_refine.aniso_B[2][3]                            ? 
_refine.solvent_model_details                    ? 
_refine.solvent_model_param_ksol                 ? 
_refine.solvent_model_param_bsol                 ? 
_refine.pdbx_ls_cross_valid_method               ? 
_refine.details                                  ? 
_refine.pdbx_starting_model                      1RNT 
_refine.pdbx_method_to_determine_struct          'MOLECULAR REPLACEMENT' 
_refine.pdbx_isotropic_thermal_model             ? 
_refine.pdbx_stereochemistry_target_values       ? 
_refine.pdbx_stereochem_target_val_spec_case     ? 
_refine.pdbx_R_Free_selection_details            RANDOM 
_refine.pdbx_overall_ESU_R                       ? 
_refine.pdbx_overall_ESU_R_Free                  ? 
_refine.overall_SU_ML                            ? 
_refine.overall_SU_B                             ? 
_refine.ls_redundancy_reflns_obs                 ? 
_refine.correlation_coeff_Fo_to_Fc               ? 
_refine.correlation_coeff_Fo_to_Fc_free          ? 
_refine.overall_SU_R_Cruickshank_DPI             ? 
_refine.overall_SU_R_free                        ? 
_refine.pdbx_refine_id                           'X-RAY DIFFRACTION' 
_refine.pdbx_overall_phase_error                 ? 
_refine.pdbx_solvent_vdw_probe_radii             ? 
_refine.pdbx_solvent_ion_probe_radii             ? 
_refine.pdbx_solvent_shrinkage_radii             ? 
_refine.ls_wR_factor_R_free                      ? 
_refine.ls_wR_factor_R_work                      ? 
_refine.overall_FOM_free_R_set                   ? 
_refine.overall_FOM_work_R_set                   ? 
_refine.pdbx_diffrn_id                           1 
_refine.pdbx_TLS_residual_ADP_flag               ? 
_refine.pdbx_overall_SU_R_free_Cruickshank_DPI   ? 
_refine.pdbx_overall_SU_R_Blow_DPI               ? 
_refine.pdbx_overall_SU_R_free_Blow_DPI          ? 
# 
_refine_hist.pdbx_refine_id                   'X-RAY DIFFRACTION' 
_refine_hist.cycle_id                         LAST 
_refine_hist.pdbx_number_atoms_protein        1562 
_refine_hist.pdbx_number_atoms_nucleic_acid   120 
_refine_hist.pdbx_number_atoms_ligand         0 
_refine_hist.number_atoms_solvent             92 
_refine_hist.number_atoms_total               1774 
_refine_hist.d_res_high                       2.000 
_refine_hist.d_res_low                        8.000 
# 
loop_
_refine_ls_restr.type 
_refine_ls_restr.dev_ideal 
_refine_ls_restr.dev_ideal_target 
_refine_ls_restr.weight 
_refine_ls_restr.number 
_refine_ls_restr.pdbx_refine_id 
_refine_ls_restr.pdbx_restraint_function 
x_bond_d                0.011 ? ? ? 'X-RAY DIFFRACTION' ? 
x_bond_d_na             ?     ? ? ? 'X-RAY DIFFRACTION' ? 
x_bond_d_prot           ?     ? ? ? 'X-RAY DIFFRACTION' ? 
x_angle_d               ?     ? ? ? 'X-RAY DIFFRACTION' ? 
x_angle_d_na            ?     ? ? ? 'X-RAY DIFFRACTION' ? 
x_angle_d_prot          ?     ? ? ? 'X-RAY DIFFRACTION' ? 
x_angle_deg             1.74  ? ? ? 'X-RAY DIFFRACTION' ? 
x_angle_deg_na          ?     ? ? ? 'X-RAY DIFFRACTION' ? 
x_angle_deg_prot        ?     ? ? ? 'X-RAY DIFFRACTION' ? 
x_dihedral_angle_d      ?     ? ? ? 'X-RAY DIFFRACTION' ? 
x_dihedral_angle_d_na   ?     ? ? ? 'X-RAY DIFFRACTION' ? 
x_dihedral_angle_d_prot ?     ? ? ? 'X-RAY DIFFRACTION' ? 
x_improper_angle_d      1.42  ? ? ? 'X-RAY DIFFRACTION' ? 
x_improper_angle_d_na   ?     ? ? ? 'X-RAY DIFFRACTION' ? 
x_improper_angle_d_prot ?     ? ? ? 'X-RAY DIFFRACTION' ? 
x_mcbond_it             ?     ? ? ? 'X-RAY DIFFRACTION' ? 
x_mcangle_it            ?     ? ? ? 'X-RAY DIFFRACTION' ? 
x_scbond_it             ?     ? ? ? 'X-RAY DIFFRACTION' ? 
x_scangle_it            ?     ? ? ? 'X-RAY DIFFRACTION' ? 
# 
loop_
_struct_ncs_oper.id 
_struct_ncs_oper.code 
_struct_ncs_oper.details 
_struct_ncs_oper.matrix[1][1] 
_struct_ncs_oper.matrix[1][2] 
_struct_ncs_oper.matrix[1][3] 
_struct_ncs_oper.matrix[2][1] 
_struct_ncs_oper.matrix[2][2] 
_struct_ncs_oper.matrix[2][3] 
_struct_ncs_oper.matrix[3][1] 
_struct_ncs_oper.matrix[3][2] 
_struct_ncs_oper.matrix[3][3] 
_struct_ncs_oper.vector[1] 
_struct_ncs_oper.vector[2] 
_struct_ncs_oper.vector[3] 
1 given ? 0.00380462 0.58528457  0.81079909  0.30859043 0.77055577 -0.55770473 -0.95122549 0.25235814  -0.17766039 3.38013   0.21252   70.13620 
2 given ? 0.75982172 -0.57835401 -0.29641134 0.50762926 0.24363766 0.82647486  -0.40559777 -0.78042931 0.47834062  -10.06172 -69.10056 -7.92187  
# 
_struct.entry_id                  1B2M 
_struct.title                     
;THREE-DIMENSIONAL STRUCTURE OF RIBONULCEASE T1 COMPLEXED WITH AN ISOSTERIC PHOSPHONATE ANALOGUE OF GPU: ALTERNATE SUBSTRATE BINDING MODES AND CATALYSIS.
;
_struct.pdbx_model_details        ? 
_struct.pdbx_CASP_flag            ? 
_struct.pdbx_model_type_details   ? 
# 
_struct_keywords.entry_id        1B2M 
_struct_keywords.pdbx_keywords   HYDROLASE/RNA 
_struct_keywords.text            'HYDROLASE, ENDORIBONUCLEASE, HYDROLASE/RNA, HYDROLASE-RNA complex' 
# 
loop_
_struct_asym.id 
_struct_asym.pdbx_blank_PDB_chainid_flag 
_struct_asym.pdbx_modified 
_struct_asym.entity_id 
_struct_asym.details 
A N N 1 ? 
B N N 1 ? 
C N N 1 ? 
D N N 2 ? 
E N N 2 ? 
F N N 3 ? 
G N N 3 ? 
H N N 3 ? 
I N N 3 ? 
# 
loop_
_struct_ref.id 
_struct_ref.db_name 
_struct_ref.db_code 
_struct_ref.entity_id 
_struct_ref.pdbx_seq_one_letter_code 
_struct_ref.pdbx_align_begin 
_struct_ref.pdbx_db_accession 
_struct_ref.pdbx_db_isoform 
1 UNP RNT1_ASPOR 2 ? ? P00651 ? 
2 PDB 1B2M       1 ? ? 1B2M   ? 
# 
loop_
_struct_ref_seq.align_id 
_struct_ref_seq.ref_id 
_struct_ref_seq.pdbx_PDB_id_code 
_struct_ref_seq.pdbx_strand_id 
_struct_ref_seq.seq_align_beg 
_struct_ref_seq.pdbx_seq_align_beg_ins_code 
_struct_ref_seq.seq_align_end 
_struct_ref_seq.pdbx_seq_align_end_ins_code 
_struct_ref_seq.pdbx_db_accession 
_struct_ref_seq.db_align_beg 
_struct_ref_seq.pdbx_db_align_beg_ins_code 
_struct_ref_seq.db_align_end 
_struct_ref_seq.pdbx_db_align_end_ins_code 
_struct_ref_seq.pdbx_auth_seq_align_beg 
_struct_ref_seq.pdbx_auth_seq_align_end 
1 1 1B2M A 1 ? 104 ? P00651 27  ? 130 ? 1   104 
2 1 1B2M B 1 ? 104 ? P00651 27  ? 130 ? 1   104 
3 2 1B2M C 1 ? 2   ? 1B2M   105 ? 106 ? 105 106 
4 2 1B2M D 1 ? 2   ? 1B2M   105 ? 106 ? 105 106 
5 2 1B2M E 1 ? 2   ? 1B2M   105 ? 106 ? 105 106 
# 
loop_
_pdbx_struct_assembly.id 
_pdbx_struct_assembly.details 
_pdbx_struct_assembly.method_details 
_pdbx_struct_assembly.oligomeric_details 
_pdbx_struct_assembly.oligomeric_count 
1 author_defined_assembly ? dimeric  2 
2 author_defined_assembly ? trimeric 3 
# 
loop_
_pdbx_struct_assembly_gen.assembly_id 
_pdbx_struct_assembly_gen.oper_expression 
_pdbx_struct_assembly_gen.asym_id_list 
1 1 A,D,F,H   
2 1 B,C,E,G,I 
# 
_pdbx_struct_oper_list.id                   1 
_pdbx_struct_oper_list.type                 'identity operation' 
_pdbx_struct_oper_list.name                 1_555 
_pdbx_struct_oper_list.symmetry_operation   x,y,z 
_pdbx_struct_oper_list.matrix[1][1]         1.0000000000 
_pdbx_struct_oper_list.matrix[1][2]         0.0000000000 
_pdbx_struct_oper_list.matrix[1][3]         0.0000000000 
_pdbx_struct_oper_list.vector[1]            0.0000000000 
_pdbx_struct_oper_list.matrix[2][1]         0.0000000000 
_pdbx_struct_oper_list.matrix[2][2]         1.0000000000 
_pdbx_struct_oper_list.matrix[2][3]         0.0000000000 
_pdbx_struct_oper_list.vector[2]            0.0000000000 
_pdbx_struct_oper_list.matrix[3][1]         0.0000000000 
_pdbx_struct_oper_list.matrix[3][2]         0.0000000000 
_pdbx_struct_oper_list.matrix[3][3]         1.0000000000 
_pdbx_struct_oper_list.vector[3]            0.0000000000 
# 
loop_
_struct_biol.id 
_struct_biol.pdbx_parent_biol_id 
_struct_biol.details 
1 ? ? 
2 ? ? 
# 
loop_
_struct_conf.conf_type_id 
_struct_conf.id 
_struct_conf.pdbx_PDB_helix_id 
_struct_conf.beg_label_comp_id 
_struct_conf.beg_label_asym_id 
_struct_conf.beg_label_seq_id 
_struct_conf.pdbx_beg_PDB_ins_code 
_struct_conf.end_label_comp_id 
_struct_conf.end_label_asym_id 
_struct_conf.end_label_seq_id 
_struct_conf.pdbx_end_PDB_ins_code 
_struct_conf.beg_auth_comp_id 
_struct_conf.beg_auth_asym_id 
_struct_conf.beg_auth_seq_id 
_struct_conf.end_auth_comp_id 
_struct_conf.end_auth_asym_id 
_struct_conf.end_auth_seq_id 
_struct_conf.pdbx_PDB_helix_class 
_struct_conf.details 
_struct_conf.pdbx_PDB_helix_length 
HELX_P HELX_P1 1 SER D 13 ? GLU D 28 ? SER A 13 GLU A 28 1 ? 16 
HELX_P HELX_P2 2 SER E 13 ? ASP E 29 ? SER B 13 ASP B 29 1 ? 17 
# 
_struct_conf_type.id          HELX_P 
_struct_conf_type.criteria    ? 
_struct_conf_type.reference   ? 
# 
loop_
_struct_conn.id 
_struct_conn.conn_type_id 
_struct_conn.pdbx_leaving_atom_flag 
_struct_conn.pdbx_PDB_id 
_struct_conn.ptnr1_label_asym_id 
_struct_conn.ptnr1_label_comp_id 
_struct_conn.ptnr1_label_seq_id 
_struct_conn.ptnr1_label_atom_id 
_struct_conn.pdbx_ptnr1_label_alt_id 
_struct_conn.pdbx_ptnr1_PDB_ins_code 
_struct_conn.pdbx_ptnr1_standard_comp_id 
_struct_conn.ptnr1_symmetry 
_struct_conn.ptnr2_label_asym_id 
_struct_conn.ptnr2_label_comp_id 
_struct_conn.ptnr2_label_seq_id 
_struct_conn.ptnr2_label_atom_id 
_struct_conn.pdbx_ptnr2_label_alt_id 
_struct_conn.pdbx_ptnr2_PDB_ins_code 
_struct_conn.ptnr1_auth_asym_id 
_struct_conn.ptnr1_auth_comp_id 
_struct_conn.ptnr1_auth_seq_id 
_struct_conn.ptnr2_auth_asym_id 
_struct_conn.ptnr2_auth_comp_id 
_struct_conn.ptnr2_auth_seq_id 
_struct_conn.ptnr2_symmetry 
_struct_conn.pdbx_ptnr3_label_atom_id 
_struct_conn.pdbx_ptnr3_label_seq_id 
_struct_conn.pdbx_ptnr3_label_comp_id 
_struct_conn.pdbx_ptnr3_label_asym_id 
_struct_conn.pdbx_ptnr3_label_alt_id 
_struct_conn.pdbx_ptnr3_PDB_ins_code 
_struct_conn.details 
_struct_conn.pdbx_dist_value 
_struct_conn.pdbx_value_order 
_struct_conn.pdbx_role 
disulf1 disulf ?    ? D CYS 2 SG    ? ? ? 1_555 D CYS 10  SG ? ? A CYS 2   A CYS 10  1_555 ? ? ? ? ? ? ? 2.016 ? ? 
disulf2 disulf ?    ? D CYS 6 SG    ? ? ? 1_555 D CYS 103 SG ? ? A CYS 6   A CYS 103 1_555 ? ? ? ? ? ? ? 2.035 ? ? 
disulf3 disulf ?    ? E CYS 2 SG    ? ? ? 1_555 E CYS 10  SG ? ? B CYS 2   B CYS 10  1_555 ? ? ? ? ? ? ? 2.017 ? ? 
disulf4 disulf ?    ? E CYS 6 SG    ? ? ? 1_555 E CYS 103 SG ? ? B CYS 6   B CYS 103 1_555 ? ? ? ? ? ? ? 2.024 ? ? 
covale1 covale both ? A G   1 "O3'" ? ? ? 1_555 A U34 2   P  ? ? C G   105 C U34 106 1_555 ? ? ? ? ? ? ? 1.604 ? ? 
covale2 covale both ? B G   1 "O3'" ? ? ? 1_555 B U34 2   P  ? ? D G   105 D U34 106 1_555 ? ? ? ? ? ? ? 1.579 ? ? 
covale3 covale both ? C G   1 "O3'" ? ? ? 1_555 C U34 2   P  ? ? E G   105 E U34 106 1_555 ? ? ? ? ? ? ? 1.599 ? ? 
# 
loop_
_struct_conn_type.id 
_struct_conn_type.criteria 
_struct_conn_type.reference 
disulf ? ? 
covale ? ? 
# 
loop_
_pdbx_modification_feature.ordinal 
_pdbx_modification_feature.label_comp_id 
_pdbx_modification_feature.label_asym_id 
_pdbx_modification_feature.label_seq_id 
_pdbx_modification_feature.label_alt_id 
_pdbx_modification_feature.modified_residue_label_comp_id 
_pdbx_modification_feature.modified_residue_label_asym_id 
_pdbx_modification_feature.modified_residue_label_seq_id 
_pdbx_modification_feature.modified_residue_label_alt_id 
_pdbx_modification_feature.auth_comp_id 
_pdbx_modification_feature.auth_asym_id 
_pdbx_modification_feature.auth_seq_id 
_pdbx_modification_feature.PDB_ins_code 
_pdbx_modification_feature.symmetry 
_pdbx_modification_feature.modified_residue_auth_comp_id 
_pdbx_modification_feature.modified_residue_auth_asym_id 
_pdbx_modification_feature.modified_residue_auth_seq_id 
_pdbx_modification_feature.modified_residue_PDB_ins_code 
_pdbx_modification_feature.modified_residue_symmetry 
_pdbx_modification_feature.comp_id_linking_atom 
_pdbx_modification_feature.modified_residue_id_linking_atom 
_pdbx_modification_feature.modified_residue_id 
_pdbx_modification_feature.ref_pcm_id 
_pdbx_modification_feature.ref_comp_id 
_pdbx_modification_feature.type 
_pdbx_modification_feature.category 
1 CYS D 2 ? CYS D 10  ? CYS A 2 ? 1_555 CYS A 10  ? 1_555 SG SG . . . None 'Disulfide bridge' 
2 CYS D 6 ? CYS D 103 ? CYS A 6 ? 1_555 CYS A 103 ? 1_555 SG SG . . . None 'Disulfide bridge' 
3 CYS E 2 ? CYS E 10  ? CYS B 2 ? 1_555 CYS B 10  ? 1_555 SG SG . . . None 'Disulfide bridge' 
4 CYS E 6 ? CYS E 103 ? CYS B 6 ? 1_555 CYS B 103 ? 1_555 SG SG . . . None 'Disulfide bridge' 
# 
loop_
_struct_mon_prot_cis.pdbx_id 
_struct_mon_prot_cis.label_comp_id 
_struct_mon_prot_cis.label_seq_id 
_struct_mon_prot_cis.label_asym_id 
_struct_mon_prot_cis.label_alt_id 
_struct_mon_prot_cis.pdbx_PDB_ins_code 
_struct_mon_prot_cis.auth_comp_id 
_struct_mon_prot_cis.auth_seq_id 
_struct_mon_prot_cis.auth_asym_id 
_struct_mon_prot_cis.pdbx_label_comp_id_2 
_struct_mon_prot_cis.pdbx_label_seq_id_2 
_struct_mon_prot_cis.pdbx_label_asym_id_2 
_struct_mon_prot_cis.pdbx_PDB_ins_code_2 
_struct_mon_prot_cis.pdbx_auth_comp_id_2 
_struct_mon_prot_cis.pdbx_auth_seq_id_2 
_struct_mon_prot_cis.pdbx_auth_asym_id_2 
_struct_mon_prot_cis.pdbx_PDB_model_num 
_struct_mon_prot_cis.pdbx_omega_angle 
1 TYR 38 D . ? TYR 38 A PRO 39 D ? PRO 39 A 1 -0.07 
2 SER 54 D . ? SER 54 A PRO 55 D ? PRO 55 A 1 1.24  
3 TYR 38 E . ? TYR 38 B PRO 39 E ? PRO 39 B 1 1.06  
4 SER 54 E . ? SER 54 B PRO 55 E ? PRO 55 B 1 -0.08 
# 
loop_
_struct_sheet.id 
_struct_sheet.type 
_struct_sheet.number_strands 
_struct_sheet.details 
A ? 2 ? 
B ? 4 ? 
C ? 2 ? 
D ? 4 ? 
# 
loop_
_struct_sheet_order.sheet_id 
_struct_sheet_order.range_id_1 
_struct_sheet_order.range_id_2 
_struct_sheet_order.offset 
_struct_sheet_order.sense 
A 1 2 ? anti-parallel 
B 1 2 ? anti-parallel 
B 2 3 ? anti-parallel 
B 3 4 ? anti-parallel 
C 1 2 ? anti-parallel 
D 1 2 ? anti-parallel 
D 2 3 ? anti-parallel 
D 3 4 ? anti-parallel 
# 
loop_
_struct_sheet_range.sheet_id 
_struct_sheet_range.id 
_struct_sheet_range.beg_label_comp_id 
_struct_sheet_range.beg_label_asym_id 
_struct_sheet_range.beg_label_seq_id 
_struct_sheet_range.pdbx_beg_PDB_ins_code 
_struct_sheet_range.end_label_comp_id 
_struct_sheet_range.end_label_asym_id 
_struct_sheet_range.end_label_seq_id 
_struct_sheet_range.pdbx_end_PDB_ins_code 
_struct_sheet_range.beg_auth_comp_id 
_struct_sheet_range.beg_auth_asym_id 
_struct_sheet_range.beg_auth_seq_id 
_struct_sheet_range.end_auth_comp_id 
_struct_sheet_range.end_auth_asym_id 
_struct_sheet_range.end_auth_seq_id 
A 1 TYR D 4  ? CYS D 6  ? TYR A 4  CYS A 6  
A 2 ASN D 9  ? TYR D 11 ? ASN A 9  TYR A 11 
B 1 HIS D 40 ? TYR D 42 ? HIS A 40 TYR A 42 
B 2 TYR D 56 ? PRO D 60 ? TYR A 56 PRO A 60 
B 3 ASP D 76 ? ASN D 81 ? ASP A 76 ASN A 81 
B 4 LEU D 86 ? THR D 91 ? LEU A 86 THR A 91 
C 1 TYR E 4  ? CYS E 6  ? TYR B 4  CYS B 6  
C 2 ASN E 9  ? TYR E 11 ? ASN B 9  TYR B 11 
D 1 HIS E 40 ? TYR E 42 ? HIS B 40 TYR B 42 
D 2 TYR E 56 ? PRO E 60 ? TYR B 56 PRO B 60 
D 3 ASP E 76 ? ASN E 81 ? ASP B 76 ASN B 81 
D 4 LEU E 86 ? THR E 91 ? LEU B 86 THR B 91 
# 
loop_
_pdbx_struct_sheet_hbond.sheet_id 
_pdbx_struct_sheet_hbond.range_id_1 
_pdbx_struct_sheet_hbond.range_id_2 
_pdbx_struct_sheet_hbond.range_1_label_atom_id 
_pdbx_struct_sheet_hbond.range_1_label_comp_id 
_pdbx_struct_sheet_hbond.range_1_label_asym_id 
_pdbx_struct_sheet_hbond.range_1_label_seq_id 
_pdbx_struct_sheet_hbond.range_1_PDB_ins_code 
_pdbx_struct_sheet_hbond.range_1_auth_atom_id 
_pdbx_struct_sheet_hbond.range_1_auth_comp_id 
_pdbx_struct_sheet_hbond.range_1_auth_asym_id 
_pdbx_struct_sheet_hbond.range_1_auth_seq_id 
_pdbx_struct_sheet_hbond.range_2_label_atom_id 
_pdbx_struct_sheet_hbond.range_2_label_comp_id 
_pdbx_struct_sheet_hbond.range_2_label_asym_id 
_pdbx_struct_sheet_hbond.range_2_label_seq_id 
_pdbx_struct_sheet_hbond.range_2_PDB_ins_code 
_pdbx_struct_sheet_hbond.range_2_auth_atom_id 
_pdbx_struct_sheet_hbond.range_2_auth_comp_id 
_pdbx_struct_sheet_hbond.range_2_auth_asym_id 
_pdbx_struct_sheet_hbond.range_2_auth_seq_id 
A 1 2 O TYR D 4  ? O TYR A 4  N TYR D 11 ? N TYR A 11 
B 1 2 O HIS D 40 ? O HIS A 40 N GLU D 58 ? N GLU A 58 
B 2 3 O TYR D 57 ? O TYR A 57 N PHE D 80 ? N PHE A 80 
B 3 4 O ARG D 77 ? O ARG A 77 N ILE D 90 ? N ILE A 90 
C 1 2 O TYR E 4  ? O TYR B 4  N TYR E 11 ? N TYR B 11 
D 1 2 O HIS E 40 ? O HIS B 40 N GLU E 58 ? N GLU B 58 
D 2 3 O TYR E 57 ? O TYR B 57 N PHE E 80 ? N PHE B 80 
D 3 4 O ARG E 77 ? O ARG B 77 N ILE E 90 ? N ILE B 90 
# 
_pdbx_entry_details.entry_id                   1B2M 
_pdbx_entry_details.compound_details           ? 
_pdbx_entry_details.source_details             ? 
_pdbx_entry_details.nonpolymer_details         ? 
_pdbx_entry_details.sequence_details           ? 
_pdbx_entry_details.has_ligand_of_interest     ? 
_pdbx_entry_details.has_protein_modification   Y 
# 
loop_
_pdbx_validate_rmsd_angle.id 
_pdbx_validate_rmsd_angle.PDB_model_num 
_pdbx_validate_rmsd_angle.auth_atom_id_1 
_pdbx_validate_rmsd_angle.auth_asym_id_1 
_pdbx_validate_rmsd_angle.auth_comp_id_1 
_pdbx_validate_rmsd_angle.auth_seq_id_1 
_pdbx_validate_rmsd_angle.PDB_ins_code_1 
_pdbx_validate_rmsd_angle.label_alt_id_1 
_pdbx_validate_rmsd_angle.auth_atom_id_2 
_pdbx_validate_rmsd_angle.auth_asym_id_2 
_pdbx_validate_rmsd_angle.auth_comp_id_2 
_pdbx_validate_rmsd_angle.auth_seq_id_2 
_pdbx_validate_rmsd_angle.PDB_ins_code_2 
_pdbx_validate_rmsd_angle.label_alt_id_2 
_pdbx_validate_rmsd_angle.auth_atom_id_3 
_pdbx_validate_rmsd_angle.auth_asym_id_3 
_pdbx_validate_rmsd_angle.auth_comp_id_3 
_pdbx_validate_rmsd_angle.auth_seq_id_3 
_pdbx_validate_rmsd_angle.PDB_ins_code_3 
_pdbx_validate_rmsd_angle.label_alt_id_3 
_pdbx_validate_rmsd_angle.angle_value 
_pdbx_validate_rmsd_angle.angle_target_value 
_pdbx_validate_rmsd_angle.angle_deviation 
_pdbx_validate_rmsd_angle.angle_standard_deviation 
_pdbx_validate_rmsd_angle.linker_flag 
1 1 C5 C G 105 ? ? N7 C G 105 ? ? C8 C G 105 ? ? 99.58  104.30 -4.72 0.50 N 
2 1 N7 C G 105 ? ? C8 C G 105 ? ? N9 C G 105 ? ? 120.05 113.10 6.95  0.50 N 
3 1 C8 C G 105 ? ? N9 C G 105 ? ? C4 C G 105 ? ? 102.76 106.40 -3.64 0.40 N 
4 1 C5 D G 105 ? ? N7 D G 105 ? ? C8 D G 105 ? ? 100.76 104.30 -3.54 0.50 N 
5 1 N7 D G 105 ? ? C8 D G 105 ? ? N9 D G 105 ? ? 119.93 113.10 6.83  0.50 N 
6 1 C8 D G 105 ? ? N9 D G 105 ? ? C4 D G 105 ? ? 102.92 106.40 -3.48 0.40 N 
7 1 C5 E G 105 ? ? N7 E G 105 ? ? C8 E G 105 ? ? 100.24 104.30 -4.06 0.50 N 
8 1 N7 E G 105 ? ? C8 E G 105 ? ? N9 E G 105 ? ? 119.92 113.10 6.82  0.50 N 
9 1 C8 E G 105 ? ? N9 E G 105 ? ? C4 E G 105 ? ? 102.86 106.40 -3.54 0.40 N 
# 
loop_
_pdbx_validate_torsion.id 
_pdbx_validate_torsion.PDB_model_num 
_pdbx_validate_torsion.auth_comp_id 
_pdbx_validate_torsion.auth_asym_id 
_pdbx_validate_torsion.auth_seq_id 
_pdbx_validate_torsion.PDB_ins_code 
_pdbx_validate_torsion.label_alt_id 
_pdbx_validate_torsion.phi 
_pdbx_validate_torsion.psi 
1 1 SER A 37 ? ? 50.39  77.79  
2 1 ASN A 44 ? ? 73.54  51.45  
3 1 SER B 37 ? ? 50.17  76.12  
4 1 ASN B 44 ? ? 73.23  41.60  
5 1 THR B 93 ? ? -47.75 107.55 
# 
loop_
_pdbx_struct_mod_residue.id 
_pdbx_struct_mod_residue.label_asym_id 
_pdbx_struct_mod_residue.label_comp_id 
_pdbx_struct_mod_residue.label_seq_id 
_pdbx_struct_mod_residue.auth_asym_id 
_pdbx_struct_mod_residue.auth_comp_id 
_pdbx_struct_mod_residue.auth_seq_id 
_pdbx_struct_mod_residue.PDB_ins_code 
_pdbx_struct_mod_residue.parent_comp_id 
_pdbx_struct_mod_residue.details 
1 A U34 2 C U34 106 ? U 
;URIDINE 5'-MONOMETHYLPHOSPHATE
;
2 B U34 2 D U34 106 ? U 
;URIDINE 5'-MONOMETHYLPHOSPHATE
;
3 C U34 2 E U34 106 ? U 
;URIDINE 5'-MONOMETHYLPHOSPHATE
;
# 
loop_
_chem_comp_atom.comp_id 
_chem_comp_atom.atom_id 
_chem_comp_atom.type_symbol 
_chem_comp_atom.pdbx_aromatic_flag 
_chem_comp_atom.pdbx_stereo_config 
_chem_comp_atom.pdbx_ordinal 
ALA N      N N N 1   
ALA CA     C N S 2   
ALA C      C N N 3   
ALA O      O N N 4   
ALA CB     C N N 5   
ALA OXT    O N N 6   
ALA H      H N N 7   
ALA H2     H N N 8   
ALA HA     H N N 9   
ALA HB1    H N N 10  
ALA HB2    H N N 11  
ALA HB3    H N N 12  
ALA HXT    H N N 13  
ARG N      N N N 14  
ARG CA     C N S 15  
ARG C      C N N 16  
ARG O      O N N 17  
ARG CB     C N N 18  
ARG CG     C N N 19  
ARG CD     C N N 20  
ARG NE     N N N 21  
ARG CZ     C N N 22  
ARG NH1    N N N 23  
ARG NH2    N N N 24  
ARG OXT    O N N 25  
ARG H      H N N 26  
ARG H2     H N N 27  
ARG HA     H N N 28  
ARG HB2    H N N 29  
ARG HB3    H N N 30  
ARG HG2    H N N 31  
ARG HG3    H N N 32  
ARG HD2    H N N 33  
ARG HD3    H N N 34  
ARG HE     H N N 35  
ARG HH11   H N N 36  
ARG HH12   H N N 37  
ARG HH21   H N N 38  
ARG HH22   H N N 39  
ARG HXT    H N N 40  
ASN N      N N N 41  
ASN CA     C N S 42  
ASN C      C N N 43  
ASN O      O N N 44  
ASN CB     C N N 45  
ASN CG     C N N 46  
ASN OD1    O N N 47  
ASN ND2    N N N 48  
ASN OXT    O N N 49  
ASN H      H N N 50  
ASN H2     H N N 51  
ASN HA     H N N 52  
ASN HB2    H N N 53  
ASN HB3    H N N 54  
ASN HD21   H N N 55  
ASN HD22   H N N 56  
ASN HXT    H N N 57  
ASP N      N N N 58  
ASP CA     C N S 59  
ASP C      C N N 60  
ASP O      O N N 61  
ASP CB     C N N 62  
ASP CG     C N N 63  
ASP OD1    O N N 64  
ASP OD2    O N N 65  
ASP OXT    O N N 66  
ASP H      H N N 67  
ASP H2     H N N 68  
ASP HA     H N N 69  
ASP HB2    H N N 70  
ASP HB3    H N N 71  
ASP HD2    H N N 72  
ASP HXT    H N N 73  
CYS N      N N N 74  
CYS CA     C N R 75  
CYS C      C N N 76  
CYS O      O N N 77  
CYS CB     C N N 78  
CYS SG     S N N 79  
CYS OXT    O N N 80  
CYS H      H N N 81  
CYS H2     H N N 82  
CYS HA     H N N 83  
CYS HB2    H N N 84  
CYS HB3    H N N 85  
CYS HG     H N N 86  
CYS HXT    H N N 87  
G   OP3    O N N 88  
G   P      P N N 89  
G   OP1    O N N 90  
G   OP2    O N N 91  
G   "O5'"  O N N 92  
G   "C5'"  C N N 93  
G   "C4'"  C N R 94  
G   "O4'"  O N N 95  
G   "C3'"  C N S 96  
G   "O3'"  O N N 97  
G   "C2'"  C N R 98  
G   "O2'"  O N N 99  
G   "C1'"  C N R 100 
G   N9     N Y N 101 
G   C8     C Y N 102 
G   N7     N Y N 103 
G   C5     C Y N 104 
G   C6     C N N 105 
G   O6     O N N 106 
G   N1     N N N 107 
G   C2     C N N 108 
G   N2     N N N 109 
G   N3     N N N 110 
G   C4     C Y N 111 
G   HOP3   H N N 112 
G   HOP2   H N N 113 
G   "H5'"  H N N 114 
G   "H5''" H N N 115 
G   "H4'"  H N N 116 
G   "H3'"  H N N 117 
G   "HO3'" H N N 118 
G   "H2'"  H N N 119 
G   "HO2'" H N N 120 
G   "H1'"  H N N 121 
G   H8     H N N 122 
G   H1     H N N 123 
G   H21    H N N 124 
G   H22    H N N 125 
GLN N      N N N 126 
GLN CA     C N S 127 
GLN C      C N N 128 
GLN O      O N N 129 
GLN CB     C N N 130 
GLN CG     C N N 131 
GLN CD     C N N 132 
GLN OE1    O N N 133 
GLN NE2    N N N 134 
GLN OXT    O N N 135 
GLN H      H N N 136 
GLN H2     H N N 137 
GLN HA     H N N 138 
GLN HB2    H N N 139 
GLN HB3    H N N 140 
GLN HG2    H N N 141 
GLN HG3    H N N 142 
GLN HE21   H N N 143 
GLN HE22   H N N 144 
GLN HXT    H N N 145 
GLU N      N N N 146 
GLU CA     C N S 147 
GLU C      C N N 148 
GLU O      O N N 149 
GLU CB     C N N 150 
GLU CG     C N N 151 
GLU CD     C N N 152 
GLU OE1    O N N 153 
GLU OE2    O N N 154 
GLU OXT    O N N 155 
GLU H      H N N 156 
GLU H2     H N N 157 
GLU HA     H N N 158 
GLU HB2    H N N 159 
GLU HB3    H N N 160 
GLU HG2    H N N 161 
GLU HG3    H N N 162 
GLU HE2    H N N 163 
GLU HXT    H N N 164 
GLY N      N N N 165 
GLY CA     C N N 166 
GLY C      C N N 167 
GLY O      O N N 168 
GLY OXT    O N N 169 
GLY H      H N N 170 
GLY H2     H N N 171 
GLY HA2    H N N 172 
GLY HA3    H N N 173 
GLY HXT    H N N 174 
HIS N      N N N 175 
HIS CA     C N S 176 
HIS C      C N N 177 
HIS O      O N N 178 
HIS CB     C N N 179 
HIS CG     C Y N 180 
HIS ND1    N Y N 181 
HIS CD2    C Y N 182 
HIS CE1    C Y N 183 
HIS NE2    N Y N 184 
HIS OXT    O N N 185 
HIS H      H N N 186 
HIS H2     H N N 187 
HIS HA     H N N 188 
HIS HB2    H N N 189 
HIS HB3    H N N 190 
HIS HD1    H N N 191 
HIS HD2    H N N 192 
HIS HE1    H N N 193 
HIS HE2    H N N 194 
HIS HXT    H N N 195 
HOH O      O N N 196 
HOH H1     H N N 197 
HOH H2     H N N 198 
ILE N      N N N 199 
ILE CA     C N S 200 
ILE C      C N N 201 
ILE O      O N N 202 
ILE CB     C N S 203 
ILE CG1    C N N 204 
ILE CG2    C N N 205 
ILE CD1    C N N 206 
ILE OXT    O N N 207 
ILE H      H N N 208 
ILE H2     H N N 209 
ILE HA     H N N 210 
ILE HB     H N N 211 
ILE HG12   H N N 212 
ILE HG13   H N N 213 
ILE HG21   H N N 214 
ILE HG22   H N N 215 
ILE HG23   H N N 216 
ILE HD11   H N N 217 
ILE HD12   H N N 218 
ILE HD13   H N N 219 
ILE HXT    H N N 220 
LEU N      N N N 221 
LEU CA     C N S 222 
LEU C      C N N 223 
LEU O      O N N 224 
LEU CB     C N N 225 
LEU CG     C N N 226 
LEU CD1    C N N 227 
LEU CD2    C N N 228 
LEU OXT    O N N 229 
LEU H      H N N 230 
LEU H2     H N N 231 
LEU HA     H N N 232 
LEU HB2    H N N 233 
LEU HB3    H N N 234 
LEU HG     H N N 235 
LEU HD11   H N N 236 
LEU HD12   H N N 237 
LEU HD13   H N N 238 
LEU HD21   H N N 239 
LEU HD22   H N N 240 
LEU HD23   H N N 241 
LEU HXT    H N N 242 
LYS N      N N N 243 
LYS CA     C N S 244 
LYS C      C N N 245 
LYS O      O N N 246 
LYS CB     C N N 247 
LYS CG     C N N 248 
LYS CD     C N N 249 
LYS CE     C N N 250 
LYS NZ     N N N 251 
LYS OXT    O N N 252 
LYS H      H N N 253 
LYS H2     H N N 254 
LYS HA     H N N 255 
LYS HB2    H N N 256 
LYS HB3    H N N 257 
LYS HG2    H N N 258 
LYS HG3    H N N 259 
LYS HD2    H N N 260 
LYS HD3    H N N 261 
LYS HE2    H N N 262 
LYS HE3    H N N 263 
LYS HZ1    H N N 264 
LYS HZ2    H N N 265 
LYS HZ3    H N N 266 
LYS HXT    H N N 267 
PHE N      N N N 268 
PHE CA     C N S 269 
PHE C      C N N 270 
PHE O      O N N 271 
PHE CB     C N N 272 
PHE CG     C Y N 273 
PHE CD1    C Y N 274 
PHE CD2    C Y N 275 
PHE CE1    C Y N 276 
PHE CE2    C Y N 277 
PHE CZ     C Y N 278 
PHE OXT    O N N 279 
PHE H      H N N 280 
PHE H2     H N N 281 
PHE HA     H N N 282 
PHE HB2    H N N 283 
PHE HB3    H N N 284 
PHE HD1    H N N 285 
PHE HD2    H N N 286 
PHE HE1    H N N 287 
PHE HE2    H N N 288 
PHE HZ     H N N 289 
PHE HXT    H N N 290 
PRO N      N N N 291 
PRO CA     C N S 292 
PRO C      C N N 293 
PRO O      O N N 294 
PRO CB     C N N 295 
PRO CG     C N N 296 
PRO CD     C N N 297 
PRO OXT    O N N 298 
PRO H      H N N 299 
PRO HA     H N N 300 
PRO HB2    H N N 301 
PRO HB3    H N N 302 
PRO HG2    H N N 303 
PRO HG3    H N N 304 
PRO HD2    H N N 305 
PRO HD3    H N N 306 
PRO HXT    H N N 307 
SER N      N N N 308 
SER CA     C N S 309 
SER C      C N N 310 
SER O      O N N 311 
SER CB     C N N 312 
SER OG     O N N 313 
SER OXT    O N N 314 
SER H      H N N 315 
SER H2     H N N 316 
SER HA     H N N 317 
SER HB2    H N N 318 
SER HB3    H N N 319 
SER HG     H N N 320 
SER HXT    H N N 321 
THR N      N N N 322 
THR CA     C N S 323 
THR C      C N N 324 
THR O      O N N 325 
THR CB     C N R 326 
THR OG1    O N N 327 
THR CG2    C N N 328 
THR OXT    O N N 329 
THR H      H N N 330 
THR H2     H N N 331 
THR HA     H N N 332 
THR HB     H N N 333 
THR HG1    H N N 334 
THR HG21   H N N 335 
THR HG22   H N N 336 
THR HG23   H N N 337 
THR HXT    H N N 338 
TRP N      N N N 339 
TRP CA     C N S 340 
TRP C      C N N 341 
TRP O      O N N 342 
TRP CB     C N N 343 
TRP CG     C Y N 344 
TRP CD1    C Y N 345 
TRP CD2    C Y N 346 
TRP NE1    N Y N 347 
TRP CE2    C Y N 348 
TRP CE3    C Y N 349 
TRP CZ2    C Y N 350 
TRP CZ3    C Y N 351 
TRP CH2    C Y N 352 
TRP OXT    O N N 353 
TRP H      H N N 354 
TRP H2     H N N 355 
TRP HA     H N N 356 
TRP HB2    H N N 357 
TRP HB3    H N N 358 
TRP HD1    H N N 359 
TRP HE1    H N N 360 
TRP HE3    H N N 361 
TRP HZ2    H N N 362 
TRP HZ3    H N N 363 
TRP HH2    H N N 364 
TRP HXT    H N N 365 
TYR N      N N N 366 
TYR CA     C N S 367 
TYR C      C N N 368 
TYR O      O N N 369 
TYR CB     C N N 370 
TYR CG     C Y N 371 
TYR CD1    C Y N 372 
TYR CD2    C Y N 373 
TYR CE1    C Y N 374 
TYR CE2    C Y N 375 
TYR CZ     C Y N 376 
TYR OH     O N N 377 
TYR OXT    O N N 378 
TYR H      H N N 379 
TYR H2     H N N 380 
TYR HA     H N N 381 
TYR HB2    H N N 382 
TYR HB3    H N N 383 
TYR HD1    H N N 384 
TYR HD2    H N N 385 
TYR HE1    H N N 386 
TYR HE2    H N N 387 
TYR HH     H N N 388 
TYR HXT    H N N 389 
U34 OXT    O N N 390 
U34 O3P    O N N 391 
U34 P      P N N 392 
U34 O1P    O N N 393 
U34 O2P    O N N 394 
U34 "C5'"  C N N 395 
U34 "C4'"  C N R 396 
U34 "O4'"  O N N 397 
U34 "C3'"  C N S 398 
U34 "O3'"  O N N 399 
U34 "C2'"  C N R 400 
U34 "O2'"  O N N 401 
U34 "C1'"  C N R 402 
U34 N1     N N N 403 
U34 C2     C N N 404 
U34 O2     O N N 405 
U34 N3     N N N 406 
U34 C4     C N N 407 
U34 O4     O N N 408 
U34 C5     C N N 409 
U34 C      C N S 410 
U34 C6     C N N 411 
U34 HXT    H N N 412 
U34 H3P    H N N 413 
U34 H2P    H N N 414 
U34 "H5'1" H N N 415 
U34 "H5'2" H N N 416 
U34 "H4'"  H N N 417 
U34 "H3'"  H N N 418 
U34 HA     H N N 419 
U34 "H2'"  H N N 420 
U34 HB     H N N 421 
U34 "H1'"  H N N 422 
U34 H3     H N N 423 
U34 H5     H N N 424 
U34 H      H N N 425 
U34 H6     H N N 426 
VAL N      N N N 427 
VAL CA     C N S 428 
VAL C      C N N 429 
VAL O      O N N 430 
VAL CB     C N N 431 
VAL CG1    C N N 432 
VAL CG2    C N N 433 
VAL OXT    O N N 434 
VAL H      H N N 435 
VAL H2     H N N 436 
VAL HA     H N N 437 
VAL HB     H N N 438 
VAL HG11   H N N 439 
VAL HG12   H N N 440 
VAL HG13   H N N 441 
VAL HG21   H N N 442 
VAL HG22   H N N 443 
VAL HG23   H N N 444 
VAL HXT    H N N 445 
# 
loop_
_chem_comp_bond.comp_id 
_chem_comp_bond.atom_id_1 
_chem_comp_bond.atom_id_2 
_chem_comp_bond.value_order 
_chem_comp_bond.pdbx_aromatic_flag 
_chem_comp_bond.pdbx_stereo_config 
_chem_comp_bond.pdbx_ordinal 
ALA N     CA     sing N N 1   
ALA N     H      sing N N 2   
ALA N     H2     sing N N 3   
ALA CA    C      sing N N 4   
ALA CA    CB     sing N N 5   
ALA CA    HA     sing N N 6   
ALA C     O      doub N N 7   
ALA C     OXT    sing N N 8   
ALA CB    HB1    sing N N 9   
ALA CB    HB2    sing N N 10  
ALA CB    HB3    sing N N 11  
ALA OXT   HXT    sing N N 12  
ARG N     CA     sing N N 13  
ARG N     H      sing N N 14  
ARG N     H2     sing N N 15  
ARG CA    C      sing N N 16  
ARG CA    CB     sing N N 17  
ARG CA    HA     sing N N 18  
ARG C     O      doub N N 19  
ARG C     OXT    sing N N 20  
ARG CB    CG     sing N N 21  
ARG CB    HB2    sing N N 22  
ARG CB    HB3    sing N N 23  
ARG CG    CD     sing N N 24  
ARG CG    HG2    sing N N 25  
ARG CG    HG3    sing N N 26  
ARG CD    NE     sing N N 27  
ARG CD    HD2    sing N N 28  
ARG CD    HD3    sing N N 29  
ARG NE    CZ     sing N N 30  
ARG NE    HE     sing N N 31  
ARG CZ    NH1    sing N N 32  
ARG CZ    NH2    doub N N 33  
ARG NH1   HH11   sing N N 34  
ARG NH1   HH12   sing N N 35  
ARG NH2   HH21   sing N N 36  
ARG NH2   HH22   sing N N 37  
ARG OXT   HXT    sing N N 38  
ASN N     CA     sing N N 39  
ASN N     H      sing N N 40  
ASN N     H2     sing N N 41  
ASN CA    C      sing N N 42  
ASN CA    CB     sing N N 43  
ASN CA    HA     sing N N 44  
ASN C     O      doub N N 45  
ASN C     OXT    sing N N 46  
ASN CB    CG     sing N N 47  
ASN CB    HB2    sing N N 48  
ASN CB    HB3    sing N N 49  
ASN CG    OD1    doub N N 50  
ASN CG    ND2    sing N N 51  
ASN ND2   HD21   sing N N 52  
ASN ND2   HD22   sing N N 53  
ASN OXT   HXT    sing N N 54  
ASP N     CA     sing N N 55  
ASP N     H      sing N N 56  
ASP N     H2     sing N N 57  
ASP CA    C      sing N N 58  
ASP CA    CB     sing N N 59  
ASP CA    HA     sing N N 60  
ASP C     O      doub N N 61  
ASP C     OXT    sing N N 62  
ASP CB    CG     sing N N 63  
ASP CB    HB2    sing N N 64  
ASP CB    HB3    sing N N 65  
ASP CG    OD1    doub N N 66  
ASP CG    OD2    sing N N 67  
ASP OD2   HD2    sing N N 68  
ASP OXT   HXT    sing N N 69  
CYS N     CA     sing N N 70  
CYS N     H      sing N N 71  
CYS N     H2     sing N N 72  
CYS CA    C      sing N N 73  
CYS CA    CB     sing N N 74  
CYS CA    HA     sing N N 75  
CYS C     O      doub N N 76  
CYS C     OXT    sing N N 77  
CYS CB    SG     sing N N 78  
CYS CB    HB2    sing N N 79  
CYS CB    HB3    sing N N 80  
CYS SG    HG     sing N N 81  
CYS OXT   HXT    sing N N 82  
G   OP3   P      sing N N 83  
G   OP3   HOP3   sing N N 84  
G   P     OP1    doub N N 85  
G   P     OP2    sing N N 86  
G   P     "O5'"  sing N N 87  
G   OP2   HOP2   sing N N 88  
G   "O5'" "C5'"  sing N N 89  
G   "C5'" "C4'"  sing N N 90  
G   "C5'" "H5'"  sing N N 91  
G   "C5'" "H5''" sing N N 92  
G   "C4'" "O4'"  sing N N 93  
G   "C4'" "C3'"  sing N N 94  
G   "C4'" "H4'"  sing N N 95  
G   "O4'" "C1'"  sing N N 96  
G   "C3'" "O3'"  sing N N 97  
G   "C3'" "C2'"  sing N N 98  
G   "C3'" "H3'"  sing N N 99  
G   "O3'" "HO3'" sing N N 100 
G   "C2'" "O2'"  sing N N 101 
G   "C2'" "C1'"  sing N N 102 
G   "C2'" "H2'"  sing N N 103 
G   "O2'" "HO2'" sing N N 104 
G   "C1'" N9     sing N N 105 
G   "C1'" "H1'"  sing N N 106 
G   N9    C8     sing Y N 107 
G   N9    C4     sing Y N 108 
G   C8    N7     doub Y N 109 
G   C8    H8     sing N N 110 
G   N7    C5     sing Y N 111 
G   C5    C6     sing N N 112 
G   C5    C4     doub Y N 113 
G   C6    O6     doub N N 114 
G   C6    N1     sing N N 115 
G   N1    C2     sing N N 116 
G   N1    H1     sing N N 117 
G   C2    N2     sing N N 118 
G   C2    N3     doub N N 119 
G   N2    H21    sing N N 120 
G   N2    H22    sing N N 121 
G   N3    C4     sing N N 122 
GLN N     CA     sing N N 123 
GLN N     H      sing N N 124 
GLN N     H2     sing N N 125 
GLN CA    C      sing N N 126 
GLN CA    CB     sing N N 127 
GLN CA    HA     sing N N 128 
GLN C     O      doub N N 129 
GLN C     OXT    sing N N 130 
GLN CB    CG     sing N N 131 
GLN CB    HB2    sing N N 132 
GLN CB    HB3    sing N N 133 
GLN CG    CD     sing N N 134 
GLN CG    HG2    sing N N 135 
GLN CG    HG3    sing N N 136 
GLN CD    OE1    doub N N 137 
GLN CD    NE2    sing N N 138 
GLN NE2   HE21   sing N N 139 
GLN NE2   HE22   sing N N 140 
GLN OXT   HXT    sing N N 141 
GLU N     CA     sing N N 142 
GLU N     H      sing N N 143 
GLU N     H2     sing N N 144 
GLU CA    C      sing N N 145 
GLU CA    CB     sing N N 146 
GLU CA    HA     sing N N 147 
GLU C     O      doub N N 148 
GLU C     OXT    sing N N 149 
GLU CB    CG     sing N N 150 
GLU CB    HB2    sing N N 151 
GLU CB    HB3    sing N N 152 
GLU CG    CD     sing N N 153 
GLU CG    HG2    sing N N 154 
GLU CG    HG3    sing N N 155 
GLU CD    OE1    doub N N 156 
GLU CD    OE2    sing N N 157 
GLU OE2   HE2    sing N N 158 
GLU OXT   HXT    sing N N 159 
GLY N     CA     sing N N 160 
GLY N     H      sing N N 161 
GLY N     H2     sing N N 162 
GLY CA    C      sing N N 163 
GLY CA    HA2    sing N N 164 
GLY CA    HA3    sing N N 165 
GLY C     O      doub N N 166 
GLY C     OXT    sing N N 167 
GLY OXT   HXT    sing N N 168 
HIS N     CA     sing N N 169 
HIS N     H      sing N N 170 
HIS N     H2     sing N N 171 
HIS CA    C      sing N N 172 
HIS CA    CB     sing N N 173 
HIS CA    HA     sing N N 174 
HIS C     O      doub N N 175 
HIS C     OXT    sing N N 176 
HIS CB    CG     sing N N 177 
HIS CB    HB2    sing N N 178 
HIS CB    HB3    sing N N 179 
HIS CG    ND1    sing Y N 180 
HIS CG    CD2    doub Y N 181 
HIS ND1   CE1    doub Y N 182 
HIS ND1   HD1    sing N N 183 
HIS CD2   NE2    sing Y N 184 
HIS CD2   HD2    sing N N 185 
HIS CE1   NE2    sing Y N 186 
HIS CE1   HE1    sing N N 187 
HIS NE2   HE2    sing N N 188 
HIS OXT   HXT    sing N N 189 
HOH O     H1     sing N N 190 
HOH O     H2     sing N N 191 
ILE N     CA     sing N N 192 
ILE N     H      sing N N 193 
ILE N     H2     sing N N 194 
ILE CA    C      sing N N 195 
ILE CA    CB     sing N N 196 
ILE CA    HA     sing N N 197 
ILE C     O      doub N N 198 
ILE C     OXT    sing N N 199 
ILE CB    CG1    sing N N 200 
ILE CB    CG2    sing N N 201 
ILE CB    HB     sing N N 202 
ILE CG1   CD1    sing N N 203 
ILE CG1   HG12   sing N N 204 
ILE CG1   HG13   sing N N 205 
ILE CG2   HG21   sing N N 206 
ILE CG2   HG22   sing N N 207 
ILE CG2   HG23   sing N N 208 
ILE CD1   HD11   sing N N 209 
ILE CD1   HD12   sing N N 210 
ILE CD1   HD13   sing N N 211 
ILE OXT   HXT    sing N N 212 
LEU N     CA     sing N N 213 
LEU N     H      sing N N 214 
LEU N     H2     sing N N 215 
LEU CA    C      sing N N 216 
LEU CA    CB     sing N N 217 
LEU CA    HA     sing N N 218 
LEU C     O      doub N N 219 
LEU C     OXT    sing N N 220 
LEU CB    CG     sing N N 221 
LEU CB    HB2    sing N N 222 
LEU CB    HB3    sing N N 223 
LEU CG    CD1    sing N N 224 
LEU CG    CD2    sing N N 225 
LEU CG    HG     sing N N 226 
LEU CD1   HD11   sing N N 227 
LEU CD1   HD12   sing N N 228 
LEU CD1   HD13   sing N N 229 
LEU CD2   HD21   sing N N 230 
LEU CD2   HD22   sing N N 231 
LEU CD2   HD23   sing N N 232 
LEU OXT   HXT    sing N N 233 
LYS N     CA     sing N N 234 
LYS N     H      sing N N 235 
LYS N     H2     sing N N 236 
LYS CA    C      sing N N 237 
LYS CA    CB     sing N N 238 
LYS CA    HA     sing N N 239 
LYS C     O      doub N N 240 
LYS C     OXT    sing N N 241 
LYS CB    CG     sing N N 242 
LYS CB    HB2    sing N N 243 
LYS CB    HB3    sing N N 244 
LYS CG    CD     sing N N 245 
LYS CG    HG2    sing N N 246 
LYS CG    HG3    sing N N 247 
LYS CD    CE     sing N N 248 
LYS CD    HD2    sing N N 249 
LYS CD    HD3    sing N N 250 
LYS CE    NZ     sing N N 251 
LYS CE    HE2    sing N N 252 
LYS CE    HE3    sing N N 253 
LYS NZ    HZ1    sing N N 254 
LYS NZ    HZ2    sing N N 255 
LYS NZ    HZ3    sing N N 256 
LYS OXT   HXT    sing N N 257 
PHE N     CA     sing N N 258 
PHE N     H      sing N N 259 
PHE N     H2     sing N N 260 
PHE CA    C      sing N N 261 
PHE CA    CB     sing N N 262 
PHE CA    HA     sing N N 263 
PHE C     O      doub N N 264 
PHE C     OXT    sing N N 265 
PHE CB    CG     sing N N 266 
PHE CB    HB2    sing N N 267 
PHE CB    HB3    sing N N 268 
PHE CG    CD1    doub Y N 269 
PHE CG    CD2    sing Y N 270 
PHE CD1   CE1    sing Y N 271 
PHE CD1   HD1    sing N N 272 
PHE CD2   CE2    doub Y N 273 
PHE CD2   HD2    sing N N 274 
PHE CE1   CZ     doub Y N 275 
PHE CE1   HE1    sing N N 276 
PHE CE2   CZ     sing Y N 277 
PHE CE2   HE2    sing N N 278 
PHE CZ    HZ     sing N N 279 
PHE OXT   HXT    sing N N 280 
PRO N     CA     sing N N 281 
PRO N     CD     sing N N 282 
PRO N     H      sing N N 283 
PRO CA    C      sing N N 284 
PRO CA    CB     sing N N 285 
PRO CA    HA     sing N N 286 
PRO C     O      doub N N 287 
PRO C     OXT    sing N N 288 
PRO CB    CG     sing N N 289 
PRO CB    HB2    sing N N 290 
PRO CB    HB3    sing N N 291 
PRO CG    CD     sing N N 292 
PRO CG    HG2    sing N N 293 
PRO CG    HG3    sing N N 294 
PRO CD    HD2    sing N N 295 
PRO CD    HD3    sing N N 296 
PRO OXT   HXT    sing N N 297 
SER N     CA     sing N N 298 
SER N     H      sing N N 299 
SER N     H2     sing N N 300 
SER CA    C      sing N N 301 
SER CA    CB     sing N N 302 
SER CA    HA     sing N N 303 
SER C     O      doub N N 304 
SER C     OXT    sing N N 305 
SER CB    OG     sing N N 306 
SER CB    HB2    sing N N 307 
SER CB    HB3    sing N N 308 
SER OG    HG     sing N N 309 
SER OXT   HXT    sing N N 310 
THR N     CA     sing N N 311 
THR N     H      sing N N 312 
THR N     H2     sing N N 313 
THR CA    C      sing N N 314 
THR CA    CB     sing N N 315 
THR CA    HA     sing N N 316 
THR C     O      doub N N 317 
THR C     OXT    sing N N 318 
THR CB    OG1    sing N N 319 
THR CB    CG2    sing N N 320 
THR CB    HB     sing N N 321 
THR OG1   HG1    sing N N 322 
THR CG2   HG21   sing N N 323 
THR CG2   HG22   sing N N 324 
THR CG2   HG23   sing N N 325 
THR OXT   HXT    sing N N 326 
TRP N     CA     sing N N 327 
TRP N     H      sing N N 328 
TRP N     H2     sing N N 329 
TRP CA    C      sing N N 330 
TRP CA    CB     sing N N 331 
TRP CA    HA     sing N N 332 
TRP C     O      doub N N 333 
TRP C     OXT    sing N N 334 
TRP CB    CG     sing N N 335 
TRP CB    HB2    sing N N 336 
TRP CB    HB3    sing N N 337 
TRP CG    CD1    doub Y N 338 
TRP CG    CD2    sing Y N 339 
TRP CD1   NE1    sing Y N 340 
TRP CD1   HD1    sing N N 341 
TRP CD2   CE2    doub Y N 342 
TRP CD2   CE3    sing Y N 343 
TRP NE1   CE2    sing Y N 344 
TRP NE1   HE1    sing N N 345 
TRP CE2   CZ2    sing Y N 346 
TRP CE3   CZ3    doub Y N 347 
TRP CE3   HE3    sing N N 348 
TRP CZ2   CH2    doub Y N 349 
TRP CZ2   HZ2    sing N N 350 
TRP CZ3   CH2    sing Y N 351 
TRP CZ3   HZ3    sing N N 352 
TRP CH2   HH2    sing N N 353 
TRP OXT   HXT    sing N N 354 
TYR N     CA     sing N N 355 
TYR N     H      sing N N 356 
TYR N     H2     sing N N 357 
TYR CA    C      sing N N 358 
TYR CA    CB     sing N N 359 
TYR CA    HA     sing N N 360 
TYR C     O      doub N N 361 
TYR C     OXT    sing N N 362 
TYR CB    CG     sing N N 363 
TYR CB    HB2    sing N N 364 
TYR CB    HB3    sing N N 365 
TYR CG    CD1    doub Y N 366 
TYR CG    CD2    sing Y N 367 
TYR CD1   CE1    sing Y N 368 
TYR CD1   HD1    sing N N 369 
TYR CD2   CE2    doub Y N 370 
TYR CD2   HD2    sing N N 371 
TYR CE1   CZ     doub Y N 372 
TYR CE1   HE1    sing N N 373 
TYR CE2   CZ     sing Y N 374 
TYR CE2   HE2    sing N N 375 
TYR CZ    OH     sing N N 376 
TYR OH    HH     sing N N 377 
TYR OXT   HXT    sing N N 378 
U34 OXT   C      sing N N 379 
U34 OXT   HXT    sing N N 380 
U34 O3P   P      sing N N 381 
U34 O3P   H3P    sing N N 382 
U34 P     O1P    doub N N 383 
U34 P     O2P    sing N N 384 
U34 P     C      sing N N 385 
U34 O2P   H2P    sing N N 386 
U34 "C5'" "C4'"  sing N N 387 
U34 "C5'" C      sing N N 388 
U34 "C5'" "H5'1" sing N N 389 
U34 "C5'" "H5'2" sing N N 390 
U34 "C4'" "O4'"  sing N N 391 
U34 "C4'" "C3'"  sing N N 392 
U34 "C4'" "H4'"  sing N N 393 
U34 "O4'" "C1'"  sing N N 394 
U34 "C3'" "O3'"  sing N N 395 
U34 "C3'" "C2'"  sing N N 396 
U34 "C3'" "H3'"  sing N N 397 
U34 "O3'" HA     sing N N 398 
U34 "C2'" "O2'"  sing N N 399 
U34 "C2'" "C1'"  sing N N 400 
U34 "C2'" "H2'"  sing N N 401 
U34 "O2'" HB     sing N N 402 
U34 "C1'" N1     sing N N 403 
U34 "C1'" "H1'"  sing N N 404 
U34 N1    C2     sing N N 405 
U34 N1    C6     sing N N 406 
U34 C2    O2     doub N N 407 
U34 C2    N3     sing N N 408 
U34 N3    C4     sing N N 409 
U34 N3    H3     sing N N 410 
U34 C4    O4     doub N N 411 
U34 C4    C5     sing N N 412 
U34 C5    C6     doub N N 413 
U34 C5    H5     sing N N 414 
U34 C     H      sing N N 415 
U34 C6    H6     sing N N 416 
VAL N     CA     sing N N 417 
VAL N     H      sing N N 418 
VAL N     H2     sing N N 419 
VAL CA    C      sing N N 420 
VAL CA    CB     sing N N 421 
VAL CA    HA     sing N N 422 
VAL C     O      doub N N 423 
VAL C     OXT    sing N N 424 
VAL CB    CG1    sing N N 425 
VAL CB    CG2    sing N N 426 
VAL CB    HB     sing N N 427 
VAL CG1   HG11   sing N N 428 
VAL CG1   HG12   sing N N 429 
VAL CG1   HG13   sing N N 430 
VAL CG2   HG21   sing N N 431 
VAL CG2   HG22   sing N N 432 
VAL CG2   HG23   sing N N 433 
VAL OXT   HXT    sing N N 434 
# 
_pdbx_initial_refinement_model.id               1 
_pdbx_initial_refinement_model.entity_id_list   ? 
_pdbx_initial_refinement_model.type             'experimental model' 
_pdbx_initial_refinement_model.source_name      PDB 
_pdbx_initial_refinement_model.accession_code   1RNT 
_pdbx_initial_refinement_model.details          ? 
# 
_atom_sites.entry_id                    1B2M 
_atom_sites.fract_transf_matrix[1][1]   -0.00155082 
_atom_sites.fract_transf_matrix[1][2]   -0.00234592 
_atom_sites.fract_transf_matrix[1][3]   0.01402484 
_atom_sites.fract_transf_matrix[2][1]   -0.01075147 
_atom_sites.fract_transf_matrix[2][2]   -0.00215855 
_atom_sites.fract_transf_matrix[2][3]   -0.00154992 
_atom_sites.fract_transf_matrix[3][1]   0.00629932 
_atom_sites.fract_transf_matrix[3][2]   -0.02845824 
_atom_sites.fract_transf_matrix[3][3]   -0.00406363 
_atom_sites.fract_transf_vector[1]      0.103195 
_atom_sites.fract_transf_vector[2]      0.315805 
_atom_sites.fract_transf_vector[3]      0.340006 
# 
loop_
_atom_type.symbol 
C 
N 
O 
P 
S 
# 
loop_
_atom_site.group_PDB 
_atom_site.id 
_atom_site.type_symbol 
_atom_site.label_atom_id 
_atom_site.label_alt_id 
_atom_site.label_comp_id 
_atom_site.label_asym_id 
_atom_site.label_entity_id 
_atom_site.label_seq_id 
_atom_site.pdbx_PDB_ins_code 
_atom_site.Cartn_x 
_atom_site.Cartn_y 
_atom_site.Cartn_z 
_atom_site.occupancy 
_atom_site.B_iso_or_equiv 
_atom_site.pdbx_formal_charge 
_atom_site.auth_seq_id 
_atom_site.auth_comp_id 
_atom_site.auth_asym_id 
_atom_site.auth_atom_id 
_atom_site.pdbx_PDB_model_num 
ATOM   1    O "O5'" . G   A 1 1   ? 1.621   8.722   -1.640  1.00 22.51 ? 105 G   C "O5'" 1 
ATOM   2    C "C5'" . G   A 1 1   ? 0.295   9.185   -1.870  1.00 17.73 ? 105 G   C "C5'" 1 
ATOM   3    C "C4'" . G   A 1 1   ? -0.604  9.006   -0.639  1.00 17.40 ? 105 G   C "C4'" 1 
ATOM   4    O "O4'" . G   A 1 1   ? -0.813  7.618   -0.335  1.00 14.25 ? 105 G   C "O4'" 1 
ATOM   5    C "C3'" . G   A 1 1   ? -0.014  9.656   0.611   1.00 15.80 ? 105 G   C "C3'" 1 
ATOM   6    O "O3'" . G   A 1 1   ? -1.065  10.309  1.352   1.00 19.73 ? 105 G   C "O3'" 1 
ATOM   7    C "C2'" . G   A 1 1   ? 0.523   8.512   1.417   1.00 13.16 ? 105 G   C "C2'" 1 
ATOM   8    O "O2'" . G   A 1 1   ? 0.462   8.806   2.802   1.00 12.76 ? 105 G   C "O2'" 1 
ATOM   9    C "C1'" . G   A 1 1   ? -0.389  7.365   1.025   1.00 11.70 ? 105 G   C "C1'" 1 
ATOM   10   N N9    . G   A 1 1   ? 0.293   6.054   1.157   1.00 8.00  ? 105 G   C N9    1 
ATOM   11   C C8    . G   A 1 1   ? 0.061   5.052   2.028   1.00 2.42  ? 105 G   C C8    1 
ATOM   12   N N7    . G   A 1 1   ? 0.804   4.014   2.020   1.00 6.80  ? 105 G   C N7    1 
ATOM   13   C C5    . G   A 1 1   ? 1.681   4.362   0.984   1.00 2.47  ? 105 G   C C5    1 
ATOM   14   C C6    . G   A 1 1   ? 2.737   3.630   0.430   1.00 2.06  ? 105 G   C C6    1 
ATOM   15   O O6    . G   A 1 1   ? 3.124   2.509   0.748   1.00 7.80  ? 105 G   C O6    1 
ATOM   16   N N1    . G   A 1 1   ? 3.344   4.304   -0.609  1.00 6.59  ? 105 G   C N1    1 
ATOM   17   C C2    . G   A 1 1   ? 2.968   5.534   -1.076  1.00 2.00  ? 105 G   C C2    1 
ATOM   18   N N2    . G   A 1 1   ? 3.648   6.024   -2.089  1.00 9.12  ? 105 G   C N2    1 
ATOM   19   N N3    . G   A 1 1   ? 1.969   6.237   -0.571  1.00 8.54  ? 105 G   C N3    1 
ATOM   20   C C4    . G   A 1 1   ? 1.361   5.597   0.451   1.00 5.28  ? 105 G   C C4    1 
HETATM 21   P P     . U34 A 1 2   ? -1.077  11.875  1.701   1.00 23.67 ? 106 U34 C P     1 
HETATM 22   O O1P   . U34 A 1 2   ? 0.286   12.263  2.184   1.00 25.95 ? 106 U34 C O1P   1 
HETATM 23   O O2P   . U34 A 1 2   ? -2.214  12.105  2.593   1.00 22.64 ? 106 U34 C O2P   1 
HETATM 24   C "C5'" . U34 A 1 2   ? -2.693  12.818  -0.502  1.00 22.06 ? 106 U34 C "C5'" 1 
HETATM 25   C "C4'" . U34 A 1 2   ? -2.689  13.462  -1.853  1.00 29.10 ? 106 U34 C "C4'" 1 
HETATM 26   O "O4'" . U34 A 1 2   ? -3.859  13.084  -2.604  1.00 27.92 ? 106 U34 C "O4'" 1 
HETATM 27   C "C3'" . U34 A 1 2   ? -2.675  14.992  -1.736  1.00 32.59 ? 106 U34 C "C3'" 1 
HETATM 28   O "O3'" . U34 A 1 2   ? -1.502  15.531  -2.367  1.00 33.55 ? 106 U34 C "O3'" 1 
HETATM 29   C "C2'" . U34 A 1 2   ? -3.949  15.451  -2.443  1.00 31.30 ? 106 U34 C "C2'" 1 
HETATM 30   O "O2'" . U34 A 1 2   ? -3.710  16.614  -3.220  1.00 33.49 ? 106 U34 C "O2'" 1 
HETATM 31   C "C1'" . U34 A 1 2   ? -4.334  14.254  -3.301  1.00 30.87 ? 106 U34 C "C1'" 1 
HETATM 32   N N1    . U34 A 1 2   ? -5.774  14.145  -3.545  1.00 27.10 ? 106 U34 C N1    1 
HETATM 33   C C2    . U34 A 1 2   ? -6.179  13.934  -4.854  1.00 23.36 ? 106 U34 C C2    1 
HETATM 34   O O2    . U34 A 1 2   ? -5.398  13.986  -5.799  1.00 22.91 ? 106 U34 C O2    1 
HETATM 35   N N3    . U34 A 1 2   ? -7.517  13.689  -5.046  1.00 25.58 ? 106 U34 C N3    1 
HETATM 36   C C4    . U34 A 1 2   ? -8.482  13.644  -4.062  1.00 29.86 ? 106 U34 C C4    1 
HETATM 37   O O4    . U34 A 1 2   ? -9.633  13.349  -4.347  1.00 34.69 ? 106 U34 C O4    1 
HETATM 38   C C5    . U34 A 1 2   ? -7.985  13.894  -2.719  1.00 32.41 ? 106 U34 C C5    1 
HETATM 39   C C     . U34 A 1 2   ? -1.388  12.742  0.218   1.00 22.41 ? 106 U34 C C     1 
HETATM 40   C C6    . U34 A 1 2   ? -6.667  14.134  -2.505  1.00 29.87 ? 106 U34 C C6    1 
ATOM   41   O "O5'" . G   B 1 1   ? 0.569   -3.388  -2.182  1.00 12.63 ? 105 G   D "O5'" 1 
ATOM   42   C "C5'" . G   B 1 1   ? 0.959   -3.475  -0.817  1.00 14.72 ? 105 G   D "C5'" 1 
ATOM   43   C "C4'" . G   B 1 1   ? -0.231  -3.701  0.084   1.00 16.52 ? 105 G   D "C4'" 1 
ATOM   44   O "O4'" . G   B 1 1   ? -1.145  -2.581  0.056   1.00 18.05 ? 105 G   D "O4'" 1 
ATOM   45   C "C3'" . G   B 1 1   ? -1.005  -4.919  -0.382  1.00 18.89 ? 105 G   D "C3'" 1 
ATOM   46   O "O3'" . G   B 1 1   ? -1.397  -5.684  0.750   1.00 21.06 ? 105 G   D "O3'" 1 
ATOM   47   C "C2'" . G   B 1 1   ? -2.219  -4.368  -1.094  1.00 16.08 ? 105 G   D "C2'" 1 
ATOM   48   O "O2'" . G   B 1 1   ? -3.322  -5.251  -0.961  1.00 15.17 ? 105 G   D "O2'" 1 
ATOM   49   C "C1'" . G   B 1 1   ? -2.445  -3.037  -0.393  1.00 18.21 ? 105 G   D "C1'" 1 
ATOM   50   N N9    . G   B 1 1   ? -3.093  -2.033  -1.259  1.00 12.38 ? 105 G   D N9    1 
ATOM   51   C C8    . G   B 1 1   ? -4.278  -1.441  -1.113  1.00 10.67 ? 105 G   D C8    1 
ATOM   52   N N7    . G   B 1 1   ? -4.661  -0.572  -1.958  1.00 14.64 ? 105 G   D N7    1 
ATOM   53   C C5    . G   B 1 1   ? -3.564  -0.555  -2.831  1.00 11.62 ? 105 G   D C5    1 
ATOM   54   C C6    . G   B 1 1   ? -3.360  0.183   -4.027  1.00 10.11 ? 105 G   D C6    1 
ATOM   55   O O6    . G   B 1 1   ? -4.091  1.025   -4.534  1.00 9.78  ? 105 G   D O6    1 
ATOM   56   N N1    . G   B 1 1   ? -2.155  -0.134  -4.625  1.00 7.04  ? 105 G   D N1    1 
ATOM   57   C C2    . G   B 1 1   ? -1.249  -1.045  -4.139  1.00 4.76  ? 105 G   D C2    1 
ATOM   58   N N2    . G   B 1 1   ? -0.152  -1.230  -4.859  1.00 7.43  ? 105 G   D N2    1 
ATOM   59   N N3    . G   B 1 1   ? -1.428  -1.741  -3.012  1.00 7.90  ? 105 G   D N3    1 
ATOM   60   C C4    . G   B 1 1   ? -2.598  -1.453  -2.408  1.00 8.15  ? 105 G   D C4    1 
HETATM 61   P P     . U34 B 1 2   ? -1.254  -7.256  0.774   1.00 24.12 ? 106 U34 D P     1 
HETATM 62   O O1P   . U34 B 1 2   ? -1.770  -7.762  -0.539  1.00 32.55 ? 106 U34 D O1P   1 
HETATM 63   O O2P   . U34 B 1 2   ? -1.889  -7.711  2.028   1.00 24.46 ? 106 U34 D O2P   1 
HETATM 64   C "C5'" . U34 B 1 2   ? 1.331   -7.064  1.949   1.00 29.33 ? 106 U34 D "C5'" 1 
HETATM 65   C "C4'" . U34 B 1 2   ? 2.743   -7.537  2.108   1.00 29.13 ? 106 U34 D "C4'" 1 
HETATM 66   O "O4'" . U34 B 1 2   ? 3.231   -7.250  3.392   1.00 32.95 ? 106 U34 D "O4'" 1 
HETATM 67   C "C3'" . U34 B 1 2   ? 2.985   -8.999  1.923   1.00 29.41 ? 106 U34 D "C3'" 1 
HETATM 68   O "O3'" . U34 B 1 2   ? 2.920   -9.286  0.560   1.00 30.32 ? 106 U34 D "O3'" 1 
HETATM 69   C "C2'" . U34 B 1 2   ? 4.386   -9.137  2.536   1.00 32.29 ? 106 U34 D "C2'" 1 
HETATM 70   O "O2'" . U34 B 1 2   ? 5.391   -9.104  1.520   1.00 34.96 ? 106 U34 D "O2'" 1 
HETATM 71   C "C1'" . U34 B 1 2   ? 4.503   -7.893  3.430   1.00 32.97 ? 106 U34 D "C1'" 1 
HETATM 72   N N1    . U34 B 1 2   ? 4.853   -8.205  4.808   1.00 38.29 ? 106 U34 D N1    1 
HETATM 73   C C2    . U34 B 1 2   ? 6.042   -7.687  5.314   1.00 38.41 ? 106 U34 D C2    1 
HETATM 74   O O2    . U34 B 1 2   ? 6.881   -7.126  4.596   1.00 39.79 ? 106 U34 D O2    1 
HETATM 75   N N3    . U34 B 1 2   ? 6.247   -7.866  6.677   1.00 38.34 ? 106 U34 D N3    1 
HETATM 76   C C4    . U34 B 1 2   ? 5.382   -8.513  7.553   1.00 36.94 ? 106 U34 D C4    1 
HETATM 77   O O4    . U34 B 1 2   ? 5.636   -8.587  8.756   1.00 38.77 ? 106 U34 D O4    1 
HETATM 78   C C5    . U34 B 1 2   ? 4.182   -9.030  6.924   1.00 35.86 ? 106 U34 D C5    1 
HETATM 79   C C     . U34 B 1 2   ? 0.448   -7.623  0.884   1.00 26.94 ? 106 U34 D C     1 
HETATM 80   C C6    . U34 B 1 2   ? 3.961   -8.863  5.602   1.00 37.60 ? 106 U34 D C6    1 
ATOM   81   O "O5'" . G   C 1 1   ? 9.792   -19.099 -6.390  1.00 27.35 ? 105 G   E "O5'" 1 
ATOM   82   C "C5'" . G   C 1 1   ? 9.434   -18.990 -5.016  1.00 19.86 ? 105 G   E "C5'" 1 
ATOM   83   C "C4'" . G   C 1 1   ? 9.852   -17.656 -4.437  1.00 20.52 ? 105 G   E "C4'" 1 
ATOM   84   O "O4'" . G   C 1 1   ? 11.285  -17.477 -4.482  1.00 19.78 ? 105 G   E "O4'" 1 
ATOM   85   C "C3'" . G   C 1 1   ? 9.233   -16.500 -5.204  1.00 21.18 ? 105 G   E "C3'" 1 
ATOM   86   O "O3'" . G   C 1 1   ? 8.649   -15.609 -4.258  1.00 22.04 ? 105 G   E "O3'" 1 
ATOM   87   C "C2'" . G   C 1 1   ? 10.380  -15.813 -5.896  1.00 22.11 ? 105 G   E "C2'" 1 
ATOM   88   O "O2'" . G   C 1 1   ? 10.166  -14.404 -5.968  1.00 24.74 ? 105 G   E "O2'" 1 
ATOM   89   C "C1'" . G   C 1 1   ? 11.572  -16.172 -5.032  1.00 20.07 ? 105 G   E "C1'" 1 
ATOM   90   N N9    . G   C 1 1   ? 12.816  -16.168 -5.819  1.00 20.54 ? 105 G   E N9    1 
ATOM   91   C C8    . G   C 1 1   ? 13.871  -15.348 -5.761  1.00 17.73 ? 105 G   E C8    1 
ATOM   92   N N7    . G   C 1 1   ? 14.843  -15.506 -6.568  1.00 18.06 ? 105 G   E N7    1 
ATOM   93   C C5    . G   C 1 1   ? 14.377  -16.593 -7.309  1.00 18.89 ? 105 G   E C5    1 
ATOM   94   C C6    . G   C 1 1   ? 14.924  -17.218 -8.470  1.00 23.21 ? 105 G   E C6    1 
ATOM   95   O O6    . G   C 1 1   ? 16.045  -17.068 -8.975  1.00 27.60 ? 105 G   E O6    1 
ATOM   96   N N1    . G   C 1 1   ? 14.067  -18.177 -8.984  1.00 24.69 ? 105 G   E N1    1 
ATOM   97   C C2    . G   C 1 1   ? 12.842  -18.508 -8.456  1.00 26.66 ? 105 G   E C2    1 
ATOM   98   N N2    . G   C 1 1   ? 12.157  -19.458 -9.088  1.00 30.14 ? 105 G   E N2    1 
ATOM   99   N N3    . G   C 1 1   ? 12.328  -17.937 -7.363  1.00 24.86 ? 105 G   E N3    1 
ATOM   100  C C4    . G   C 1 1   ? 13.134  -16.997 -6.847  1.00 17.89 ? 105 G   E C4    1 
HETATM 101  P P     . U34 C 1 2   ? 7.347   -14.717 -4.516  1.00 21.12 ? 106 U34 E P     1 
HETATM 102  O O1P   . U34 C 1 2   ? 6.190   -15.639 -4.457  1.00 18.61 ? 106 U34 E O1P   1 
HETATM 103  O O2P   . U34 C 1 2   ? 7.538   -13.874 -5.701  1.00 21.35 ? 106 U34 E O2P   1 
HETATM 104  C "C5'" . U34 C 1 2   ? 6.190   -12.730 -2.797  1.00 19.18 ? 106 U34 E "C5'" 1 
HETATM 105  C "C4'" . U34 C 1 2   ? 6.505   -11.626 -1.863  1.00 21.28 ? 106 U34 E "C4'" 1 
HETATM 106  O "O4'" . U34 C 1 2   ? 7.380   -10.688 -2.474  1.00 22.59 ? 106 U34 E "O4'" 1 
HETATM 107  C "C3'" . U34 C 1 2   ? 5.222   -10.880 -1.492  1.00 20.98 ? 106 U34 E "C3'" 1 
HETATM 108  O "O3'" . U34 C 1 2   ? 5.021   -10.960 -0.098  1.00 26.53 ? 106 U34 E "O3'" 1 
HETATM 109  C "C2'" . U34 C 1 2   ? 5.473   -9.445  -1.910  1.00 22.61 ? 106 U34 E "C2'" 1 
HETATM 110  O "O2'" . U34 C 1 2   ? 4.938   -8.560  -0.929  1.00 26.99 ? 106 U34 E "O2'" 1 
HETATM 111  C "C1'" . U34 C 1 2   ? 6.987   -9.428  -1.979  1.00 21.44 ? 106 U34 E "C1'" 1 
HETATM 112  N N1    . U34 C 1 2   ? 7.647   -8.308  -2.689  1.00 20.89 ? 106 U34 E N1    1 
HETATM 113  C C2    . U34 C 1 2   ? 8.263   -7.410  -1.839  1.00 19.52 ? 106 U34 E C2    1 
HETATM 114  O O2    . U34 C 1 2   ? 8.306   -7.587  -0.618  1.00 18.89 ? 106 U34 E O2    1 
HETATM 115  N N3    . U34 C 1 2   ? 8.922   -6.382  -2.416  1.00 19.26 ? 106 U34 E N3    1 
HETATM 116  C C4    . U34 C 1 2   ? 9.046   -6.136  -3.764  1.00 20.86 ? 106 U34 E C4    1 
HETATM 117  O O4    . U34 C 1 2   ? 9.595   -5.108  -4.146  1.00 28.21 ? 106 U34 E O4    1 
HETATM 118  C C5    . U34 C 1 2   ? 8.404   -7.107  -4.618  1.00 18.57 ? 106 U34 E C5    1 
HETATM 119  C C     . U34 C 1 2   ? 7.282   -13.657 -3.138  1.00 18.26 ? 106 U34 E C     1 
HETATM 120  C C6    . U34 C 1 2   ? 7.724   -8.155  -4.083  1.00 17.90 ? 106 U34 E C6    1 
ATOM   121  N N     . ALA D 2 1   ? 28.586  11.994  6.054   1.00 55.18 ? 1   ALA A N     1 
ATOM   122  C CA    . ALA D 2 1   ? 28.334  11.400  7.398   1.00 53.71 ? 1   ALA A CA    1 
ATOM   123  C C     . ALA D 2 1   ? 26.933  11.703  7.968   1.00 50.97 ? 1   ALA A C     1 
ATOM   124  O O     . ALA D 2 1   ? 26.798  12.137  9.114   1.00 53.43 ? 1   ALA A O     1 
ATOM   125  C CB    . ALA D 2 1   ? 29.430  11.847  8.379   1.00 57.24 ? 1   ALA A CB    1 
ATOM   126  N N     . CYS D 2 2   ? 25.900  11.560  7.146   1.00 44.71 ? 2   CYS A N     1 
ATOM   127  C CA    . CYS D 2 2   ? 24.537  11.782  7.628   1.00 33.58 ? 2   CYS A CA    1 
ATOM   128  C C     . CYS D 2 2   ? 24.112  10.426  8.142   1.00 27.95 ? 2   CYS A C     1 
ATOM   129  O O     . CYS D 2 2   ? 24.578  9.409   7.629   1.00 22.52 ? 2   CYS A O     1 
ATOM   130  C CB    . CYS D 2 2   ? 23.606  12.166  6.470   1.00 30.88 ? 2   CYS A CB    1 
ATOM   131  S SG    . CYS D 2 2   ? 23.898  13.808  5.755   1.00 31.09 ? 2   CYS A SG    1 
ATOM   132  N N     . ASP D 2 3   ? 23.302  10.377  9.187   1.00 25.88 ? 3   ASP A N     1 
ATOM   133  C CA    . ASP D 2 3   ? 22.825  9.063   9.607   1.00 24.92 ? 3   ASP A CA    1 
ATOM   134  C C     . ASP D 2 3   ? 21.832  8.575   8.526   1.00 24.00 ? 3   ASP A C     1 
ATOM   135  O O     . ASP D 2 3   ? 21.752  7.382   8.227   1.00 23.00 ? 3   ASP A O     1 
ATOM   136  C CB    . ASP D 2 3   ? 22.209  9.130   10.997  1.00 27.05 ? 3   ASP A CB    1 
ATOM   137  C CG    . ASP D 2 3   ? 23.265  9.179   12.080  1.00 26.96 ? 3   ASP A CG    1 
ATOM   138  O OD1   . ASP D 2 3   ? 24.284  8.466   11.939  1.00 26.40 ? 3   ASP A OD1   1 
ATOM   139  O OD2   . ASP D 2 3   ? 23.093  9.919   13.064  1.00 23.41 ? 3   ASP A OD2   1 
ATOM   140  N N     . TYR D 2 4   ? 21.134  9.533   7.913   1.00 18.12 ? 4   TYR A N     1 
ATOM   141  C CA    . TYR D 2 4   ? 20.193  9.277   6.837   1.00 15.45 ? 4   TYR A CA    1 
ATOM   142  C C     . TYR D 2 4   ? 20.256  10.493  5.929   1.00 11.97 ? 4   TYR A C     1 
ATOM   143  O O     . TYR D 2 4   ? 20.196  11.632  6.403   1.00 10.57 ? 4   TYR A O     1 
ATOM   144  C CB    . TYR D 2 4   ? 18.771  9.124   7.367   1.00 19.83 ? 4   TYR A CB    1 
ATOM   145  C CG    . TYR D 2 4   ? 18.565  7.975   8.325   1.00 18.33 ? 4   TYR A CG    1 
ATOM   146  C CD1   . TYR D 2 4   ? 18.253  6.700   7.857   1.00 17.89 ? 4   TYR A CD1   1 
ATOM   147  C CD2   . TYR D 2 4   ? 18.640  8.175   9.702   1.00 22.99 ? 4   TYR A CD2   1 
ATOM   148  C CE1   . TYR D 2 4   ? 18.012  5.647   8.738   1.00 16.51 ? 4   TYR A CE1   1 
ATOM   149  C CE2   . TYR D 2 4   ? 18.402  7.130   10.595  1.00 23.06 ? 4   TYR A CE2   1 
ATOM   150  C CZ    . TYR D 2 4   ? 18.083  5.872   10.102  1.00 21.45 ? 4   TYR A CZ    1 
ATOM   151  O OH    . TYR D 2 4   ? 17.797  4.854   10.978  1.00 21.33 ? 4   TYR A OH    1 
ATOM   152  N N     . THR D 2 5   ? 20.380  10.249  4.631   1.00 9.01  ? 5   THR A N     1 
ATOM   153  C CA    . THR D 2 5   ? 20.452  11.309  3.629   1.00 11.84 ? 5   THR A CA    1 
ATOM   154  C C     . THR D 2 5   ? 19.229  11.228  2.712   1.00 9.03  ? 5   THR A C     1 
ATOM   155  O O     . THR D 2 5   ? 19.049  10.253  1.995   1.00 11.18 ? 5   THR A O     1 
ATOM   156  C CB    . THR D 2 5   ? 21.738  11.174  2.766   1.00 10.75 ? 5   THR A CB    1 
ATOM   157  O OG1   . THR D 2 5   ? 22.879  11.076  3.628   1.00 11.78 ? 5   THR A OG1   1 
ATOM   158  C CG2   . THR D 2 5   ? 21.905  12.374  1.870   1.00 5.13  ? 5   THR A CG2   1 
ATOM   159  N N     . CYS D 2 6   ? 18.385  12.250  2.749   1.00 11.35 ? 6   CYS A N     1 
ATOM   160  C CA    . CYS D 2 6   ? 17.189  12.301  1.903   1.00 13.02 ? 6   CYS A CA    1 
ATOM   161  C C     . CYS D 2 6   ? 17.390  13.464  0.952   1.00 9.81  ? 6   CYS A C     1 
ATOM   162  O O     . CYS D 2 6   ? 17.106  14.612  1.294   1.00 12.66 ? 6   CYS A O     1 
ATOM   163  C CB    . CYS D 2 6   ? 15.939  12.543  2.761   1.00 11.90 ? 6   CYS A CB    1 
ATOM   164  S SG    . CYS D 2 6   ? 15.689  11.363  4.125   1.00 14.46 ? 6   CYS A SG    1 
ATOM   165  N N     . GLY D 2 7   ? 17.911  13.179  -0.229  1.00 10.62 ? 7   GLY A N     1 
ATOM   166  C CA    . GLY D 2 7   ? 18.196  14.235  -1.190  1.00 13.05 ? 7   GLY A CA    1 
ATOM   167  C C     . GLY D 2 7   ? 19.348  15.066  -0.649  1.00 10.47 ? 7   GLY A C     1 
ATOM   168  O O     . GLY D 2 7   ? 20.440  14.553  -0.442  1.00 12.74 ? 7   GLY A O     1 
ATOM   169  N N     . SER D 2 8   ? 19.111  16.342  -0.402  1.00 7.78  ? 8   SER A N     1 
ATOM   170  C CA    . SER D 2 8   ? 20.141  17.176  0.168   1.00 14.01 ? 8   SER A CA    1 
ATOM   171  C C     . SER D 2 8   ? 19.913  17.339  1.664   1.00 16.03 ? 8   SER A C     1 
ATOM   172  O O     . SER D 2 8   ? 20.603  18.121  2.323   1.00 14.85 ? 8   SER A O     1 
ATOM   173  C CB    . SER D 2 8   ? 20.188  18.540  -0.507  1.00 14.77 ? 8   SER A CB    1 
ATOM   174  O OG    . SER D 2 8   ? 18.906  19.078  -0.678  1.00 21.67 ? 8   SER A OG    1 
ATOM   175  N N     . ASN D 2 9   ? 18.943  16.603  2.204   1.00 14.53 ? 9   ASN A N     1 
ATOM   176  C CA    . ASN D 2 9   ? 18.650  16.704  3.624   1.00 13.76 ? 9   ASN A CA    1 
ATOM   177  C C     . ASN D 2 9   ? 19.431  15.681  4.403   1.00 14.54 ? 9   ASN A C     1 
ATOM   178  O O     . ASN D 2 9   ? 19.498  14.520  4.028   1.00 13.34 ? 9   ASN A O     1 
ATOM   179  C CB    . ASN D 2 9   ? 17.161  16.560  3.909   1.00 15.89 ? 9   ASN A CB    1 
ATOM   180  C CG    . ASN D 2 9   ? 16.355  17.729  3.392   1.00 21.44 ? 9   ASN A CG    1 
ATOM   181  O OD1   . ASN D 2 9   ? 16.909  18.695  2.864   1.00 20.78 ? 9   ASN A OD1   1 
ATOM   182  N ND2   . ASN D 2 9   ? 15.035  17.641  3.525   1.00 19.03 ? 9   ASN A ND2   1 
ATOM   183  N N     . CYS D 2 10  ? 19.945  16.118  5.540   1.00 15.26 ? 10  CYS A N     1 
ATOM   184  C CA    . CYS D 2 10  ? 20.761  15.293  6.393   1.00 18.14 ? 10  CYS A CA    1 
ATOM   185  C C     . CYS D 2 10  ? 20.125  15.065  7.759   1.00 16.63 ? 10  CYS A C     1 
ATOM   186  O O     . CYS D 2 10  ? 19.964  16.009  8.520   1.00 21.08 ? 10  CYS A O     1 
ATOM   187  C CB    . CYS D 2 10  ? 22.082  16.013  6.575   1.00 22.61 ? 10  CYS A CB    1 
ATOM   188  S SG    . CYS D 2 10  ? 23.362  14.985  7.302   1.00 33.02 ? 10  CYS A SG    1 
ATOM   189  N N     . TYR D 2 11  ? 19.812  13.818  8.098   1.00 14.46 ? 11  TYR A N     1 
ATOM   190  C CA    . TYR D 2 11  ? 19.207  13.521  9.401   1.00 15.90 ? 11  TYR A CA    1 
ATOM   191  C C     . TYR D 2 11  ? 20.041  12.565  10.260  1.00 17.43 ? 11  TYR A C     1 
ATOM   192  O O     . TYR D 2 11  ? 20.646  11.610  9.759   1.00 18.66 ? 11  TYR A O     1 
ATOM   193  C CB    . TYR D 2 11  ? 17.815  12.914  9.225   1.00 13.07 ? 11  TYR A CB    1 
ATOM   194  C CG    . TYR D 2 11  ? 16.820  13.797  8.496   1.00 12.07 ? 11  TYR A CG    1 
ATOM   195  C CD1   . TYR D 2 11  ? 16.245  14.898  9.121   1.00 11.37 ? 11  TYR A CD1   1 
ATOM   196  C CD2   . TYR D 2 11  ? 16.451  13.527  7.179   1.00 10.38 ? 11  TYR A CD2   1 
ATOM   197  C CE1   . TYR D 2 11  ? 15.339  15.701  8.457   1.00 8.85  ? 11  TYR A CE1   1 
ATOM   198  C CE2   . TYR D 2 11  ? 15.535  14.333  6.510   1.00 7.30  ? 11  TYR A CE2   1 
ATOM   199  C CZ    . TYR D 2 11  ? 14.994  15.412  7.153   1.00 5.72  ? 11  TYR A CZ    1 
ATOM   200  O OH    . TYR D 2 11  ? 14.130  16.238  6.493   1.00 8.40  ? 11  TYR A OH    1 
ATOM   201  N N     . SER D 2 12  ? 20.061  12.828  11.561  1.00 19.83 ? 12  SER A N     1 
ATOM   202  C CA    . SER D 2 12  ? 20.772  11.986  12.516  1.00 19.96 ? 12  SER A CA    1 
ATOM   203  C C     . SER D 2 12  ? 19.743  11.056  13.152  1.00 20.93 ? 12  SER A C     1 
ATOM   204  O O     . SER D 2 12  ? 18.559  11.365  13.154  1.00 23.77 ? 12  SER A O     1 
ATOM   205  C CB    . SER D 2 12  ? 21.421  12.835  13.611  1.00 18.06 ? 12  SER A CB    1 
ATOM   206  O OG    . SER D 2 12  ? 20.489  13.182  14.623  1.00 16.97 ? 12  SER A OG    1 
ATOM   207  N N     . SER D 2 13  ? 20.200  9.961   13.755  1.00 22.45 ? 13  SER A N     1 
ATOM   208  C CA    . SER D 2 13  ? 19.302  9.002   14.403  1.00 22.02 ? 13  SER A CA    1 
ATOM   209  C C     . SER D 2 13  ? 18.551  9.679   15.525  1.00 22.93 ? 13  SER A C     1 
ATOM   210  O O     . SER D 2 13  ? 17.451  9.261   15.891  1.00 19.62 ? 13  SER A O     1 
ATOM   211  C CB    . SER D 2 13  ? 20.081  7.814   14.949  1.00 20.08 ? 13  SER A CB    1 
ATOM   212  O OG    . SER D 2 13  ? 20.693  7.114   13.888  1.00 29.58 ? 13  SER A OG    1 
ATOM   213  N N     . SER D 2 14  ? 19.146  10.756  16.027  1.00 21.05 ? 14  SER A N     1 
ATOM   214  C CA    . SER D 2 14  ? 18.571  11.534  17.097  1.00 23.13 ? 14  SER A CA    1 
ATOM   215  C C     . SER D 2 14  ? 17.419  12.380  16.550  1.00 21.06 ? 14  SER A C     1 
ATOM   216  O O     . SER D 2 14  ? 16.434  12.601  17.249  1.00 20.33 ? 14  SER A O     1 
ATOM   217  C CB    . SER D 2 14  ? 19.648  12.416  17.734  1.00 28.52 ? 14  SER A CB    1 
ATOM   218  O OG    . SER D 2 14  ? 19.180  13.021  18.924  1.00 41.37 ? 14  SER A OG    1 
ATOM   219  N N     . ASP D 2 15  ? 17.554  12.869  15.317  1.00 16.15 ? 15  ASP A N     1 
ATOM   220  C CA    . ASP D 2 15  ? 16.511  13.679  14.692  1.00 16.63 ? 15  ASP A CA    1 
ATOM   221  C C     . ASP D 2 15  ? 15.350  12.758  14.375  1.00 17.93 ? 15  ASP A C     1 
ATOM   222  O O     . ASP D 2 15  ? 14.180  13.119  14.562  1.00 20.86 ? 15  ASP A O     1 
ATOM   223  C CB    . ASP D 2 15  ? 16.983  14.284  13.372  1.00 18.11 ? 15  ASP A CB    1 
ATOM   224  C CG    . ASP D 2 15  ? 18.017  15.371  13.548  1.00 18.70 ? 15  ASP A CG    1 
ATOM   225  O OD1   . ASP D 2 15  ? 18.058  15.999  14.622  1.00 20.59 ? 15  ASP A OD1   1 
ATOM   226  O OD2   . ASP D 2 15  ? 18.779  15.608  12.592  1.00 18.72 ? 15  ASP A OD2   1 
ATOM   227  N N     . VAL D 2 16  ? 15.691  11.577  13.869  1.00 16.28 ? 16  VAL A N     1 
ATOM   228  C CA    . VAL D 2 16  ? 14.705  10.584  13.509  1.00 14.58 ? 16  VAL A CA    1 
ATOM   229  C C     . VAL D 2 16  ? 13.913  10.076  14.736  1.00 16.72 ? 16  VAL A C     1 
ATOM   230  O O     . VAL D 2 16  ? 12.690  9.979   14.677  1.00 18.68 ? 16  VAL A O     1 
ATOM   231  C CB    . VAL D 2 16  ? 15.369  9.436   12.703  1.00 10.30 ? 16  VAL A CB    1 
ATOM   232  C CG1   . VAL D 2 16  ? 14.375  8.346   12.384  1.00 10.02 ? 16  VAL A CG1   1 
ATOM   233  C CG2   . VAL D 2 16  ? 15.949  9.992   11.403  1.00 11.31 ? 16  VAL A CG2   1 
ATOM   234  N N     . SER D 2 17  ? 14.568  9.816   15.867  1.00 16.58 ? 17  SER A N     1 
ATOM   235  C CA    . SER D 2 17  ? 13.813  9.318   17.022  1.00 16.93 ? 17  SER A CA    1 
ATOM   236  C C     . SER D 2 17  ? 12.954  10.387  17.686  1.00 14.83 ? 17  SER A C     1 
ATOM   237  O O     . SER D 2 17  ? 11.976  10.069  18.358  1.00 16.64 ? 17  SER A O     1 
ATOM   238  C CB    . SER D 2 17  ? 14.706  8.611   18.044  1.00 15.67 ? 17  SER A CB    1 
ATOM   239  O OG    . SER D 2 17  ? 15.512  9.535   18.735  1.00 28.00 ? 17  SER A OG    1 
ATOM   240  N N     . THR D 2 18  ? 13.304  11.653  17.482  1.00 12.16 ? 18  THR A N     1 
ATOM   241  C CA    . THR D 2 18  ? 12.528  12.756  18.039  1.00 12.88 ? 18  THR A CA    1 
ATOM   242  C C     . THR D 2 18  ? 11.242  12.906  17.218  1.00 11.93 ? 18  THR A C     1 
ATOM   243  O O     . THR D 2 18  ? 10.175  13.197  17.747  1.00 12.97 ? 18  THR A O     1 
ATOM   244  C CB    . THR D 2 18  ? 13.341  14.071  18.003  1.00 11.09 ? 18  THR A CB    1 
ATOM   245  O OG1   . THR D 2 18  ? 14.472  13.940  18.867  1.00 17.07 ? 18  THR A OG1   1 
ATOM   246  C CG2   . THR D 2 18  ? 12.511  15.263  18.471  1.00 14.35 ? 18  THR A CG2   1 
ATOM   247  N N     . ALA D 2 19  ? 11.355  12.706  15.914  1.00 12.74 ? 19  ALA A N     1 
ATOM   248  C CA    . ALA D 2 19  ? 10.211  12.802  15.029  1.00 12.26 ? 19  ALA A CA    1 
ATOM   249  C C     . ALA D 2 19  ? 9.300   11.593  15.304  1.00 15.84 ? 19  ALA A C     1 
ATOM   250  O O     . ALA D 2 19  ? 8.088   11.735  15.462  1.00 17.91 ? 19  ALA A O     1 
ATOM   251  C CB    . ALA D 2 19  ? 10.678  12.812  13.593  1.00 7.80  ? 19  ALA A CB    1 
ATOM   252  N N     . GLN D 2 20  ? 9.902   10.414  15.417  1.00 14.16 ? 20  GLN A N     1 
ATOM   253  C CA    . GLN D 2 20  ? 9.177   9.180   15.689  1.00 13.85 ? 20  GLN A CA    1 
ATOM   254  C C     . GLN D 2 20  ? 8.426   9.193   17.028  1.00 15.69 ? 20  GLN A C     1 
ATOM   255  O O     . GLN D 2 20  ? 7.355   8.620   17.158  1.00 14.46 ? 20  GLN A O     1 
ATOM   256  C CB    . GLN D 2 20  ? 10.150  8.006   15.670  1.00 14.10 ? 20  GLN A CB    1 
ATOM   257  C CG    . GLN D 2 20  ? 9.526   6.670   16.042  1.00 20.25 ? 20  GLN A CG    1 
ATOM   258  C CD    . GLN D 2 20  ? 10.473  5.505   15.869  1.00 23.48 ? 20  GLN A CD    1 
ATOM   259  O OE1   . GLN D 2 20  ? 10.109  4.362   16.128  1.00 29.00 ? 20  GLN A OE1   1 
ATOM   260  N NE2   . GLN D 2 20  ? 11.696  5.782   15.419  1.00 26.23 ? 20  GLN A NE2   1 
ATOM   261  N N     . ALA D 2 21  ? 8.982   9.861   18.020  1.00 14.91 ? 21  ALA A N     1 
ATOM   262  C CA    . ALA D 2 21  ? 8.355   9.914   19.327  1.00 15.16 ? 21  ALA A CA    1 
ATOM   263  C C     . ALA D 2 21  ? 7.089   10.757  19.283  1.00 17.55 ? 21  ALA A C     1 
ATOM   264  O O     . ALA D 2 21  ? 6.081   10.409  19.901  1.00 16.29 ? 21  ALA A O     1 
ATOM   265  C CB    . ALA D 2 21  ? 9.332   10.478  20.361  1.00 14.19 ? 21  ALA A CB    1 
ATOM   266  N N     . ALA D 2 22  ? 7.136   11.860  18.539  1.00 17.04 ? 22  ALA A N     1 
ATOM   267  C CA    . ALA D 2 22  ? 5.987   12.756  18.431  1.00 17.67 ? 22  ALA A CA    1 
ATOM   268  C C     . ALA D 2 22  ? 4.885   12.100  17.591  1.00 18.68 ? 22  ALA A C     1 
ATOM   269  O O     . ALA D 2 22  ? 3.705   12.143  17.945  1.00 19.25 ? 22  ALA A O     1 
ATOM   270  C CB    . ALA D 2 22  ? 6.414   14.105  17.821  1.00 10.80 ? 22  ALA A CB    1 
ATOM   271  N N     . GLY D 2 23  ? 5.282   11.441  16.511  1.00 16.52 ? 23  GLY A N     1 
ATOM   272  C CA    . GLY D 2 23  ? 4.314   10.789  15.657  1.00 18.66 ? 23  GLY A CA    1 
ATOM   273  C C     . GLY D 2 23  ? 3.655   9.588   16.301  1.00 19.31 ? 23  GLY A C     1 
ATOM   274  O O     . GLY D 2 23  ? 2.463   9.363   16.122  1.00 19.54 ? 23  GLY A O     1 
ATOM   275  N N     . TYR D 2 24  ? 4.414   8.818   17.072  1.00 19.13 ? 24  TYR A N     1 
ATOM   276  C CA    . TYR D 2 24  ? 3.854   7.639   17.714  1.00 17.51 ? 24  TYR A CA    1 
ATOM   277  C C     . TYR D 2 24  ? 2.878   8.009   18.805  1.00 14.95 ? 24  TYR A C     1 
ATOM   278  O O     . TYR D 2 24  ? 1.892   7.331   18.996  1.00 12.33 ? 24  TYR A O     1 
ATOM   279  C CB    . TYR D 2 24  ? 4.942   6.737   18.290  1.00 19.17 ? 24  TYR A CB    1 
ATOM   280  C CG    . TYR D 2 24  ? 4.378   5.450   18.825  1.00 22.57 ? 24  TYR A CG    1 
ATOM   281  C CD1   . TYR D 2 24  ? 4.189   4.353   17.989  1.00 22.72 ? 24  TYR A CD1   1 
ATOM   282  C CD2   . TYR D 2 24  ? 3.992   5.340   20.164  1.00 24.15 ? 24  TYR A CD2   1 
ATOM   283  C CE1   . TYR D 2 24  ? 3.619   3.172   18.474  1.00 27.12 ? 24  TYR A CE1   1 
ATOM   284  C CE2   . TYR D 2 24  ? 3.422   4.166   20.664  1.00 23.87 ? 24  TYR A CE2   1 
ATOM   285  C CZ    . TYR D 2 24  ? 3.234   3.086   19.819  1.00 28.64 ? 24  TYR A CZ    1 
ATOM   286  O OH    . TYR D 2 24  ? 2.649   1.937   20.318  1.00 30.53 ? 24  TYR A OH    1 
ATOM   287  N N     . GLN D 2 25  ? 3.155   9.082   19.526  1.00 16.78 ? 25  GLN A N     1 
ATOM   288  C CA    . GLN D 2 25  ? 2.272   9.507   20.594  1.00 18.50 ? 25  GLN A CA    1 
ATOM   289  C C     . GLN D 2 25  ? 0.929   9.900   19.987  1.00 19.85 ? 25  GLN A C     1 
ATOM   290  O O     . GLN D 2 25  ? -0.140  9.535   20.510  1.00 16.46 ? 25  GLN A O     1 
ATOM   291  C CB    . GLN D 2 25  ? 2.884   10.670  21.363  1.00 21.24 ? 25  GLN A CB    1 
ATOM   292  C CG    . GLN D 2 25  ? 2.188   10.958  22.677  1.00 28.38 ? 25  GLN A CG    1 
ATOM   293  C CD    . GLN D 2 25  ? 1.944   9.707   23.490  1.00 28.88 ? 25  GLN A CD    1 
ATOM   294  O OE1   . GLN D 2 25  ? 2.803   9.263   24.246  1.00 35.77 ? 25  GLN A OE1   1 
ATOM   295  N NE2   . GLN D 2 25  ? 0.754   9.145   23.356  1.00 33.83 ? 25  GLN A NE2   1 
ATOM   296  N N     . LEU D 2 26  ? 0.985   10.624  18.868  1.00 18.28 ? 26  LEU A N     1 
ATOM   297  C CA    . LEU D 2 26  ? -0.229  11.030  18.172  1.00 18.71 ? 26  LEU A CA    1 
ATOM   298  C C     . LEU D 2 26  ? -0.981  9.774   17.760  1.00 21.11 ? 26  LEU A C     1 
ATOM   299  O O     . LEU D 2 26  ? -2.195  9.690   17.924  1.00 24.05 ? 26  LEU A O     1 
ATOM   300  C CB    . LEU D 2 26  ? 0.081   11.877  16.938  1.00 13.56 ? 26  LEU A CB    1 
ATOM   301  C CG    . LEU D 2 26  ? 0.350   13.356  17.211  1.00 16.41 ? 26  LEU A CG    1 
ATOM   302  C CD1   . LEU D 2 26  ? 0.490   14.133  15.908  1.00 17.78 ? 26  LEU A CD1   1 
ATOM   303  C CD2   . LEU D 2 26  ? -0.771  13.922  18.040  1.00 13.55 ? 26  LEU A CD2   1 
ATOM   304  N N     . HIS D 2 27  ? -0.246  8.775   17.279  1.00 23.65 ? 27  HIS A N     1 
ATOM   305  C CA    . HIS D 2 27  ? -0.844  7.519   16.858  1.00 22.70 ? 27  HIS A CA    1 
ATOM   306  C C     . HIS D 2 27  ? -1.490  6.837   18.045  1.00 24.29 ? 27  HIS A C     1 
ATOM   307  O O     . HIS D 2 27  ? -2.641  6.431   17.986  1.00 27.99 ? 27  HIS A O     1 
ATOM   308  C CB    . HIS D 2 27  ? 0.206   6.587   16.253  1.00 23.39 ? 27  HIS A CB    1 
ATOM   309  C CG    . HIS D 2 27  ? -0.211  5.153   16.237  1.00 25.90 ? 27  HIS A CG    1 
ATOM   310  N ND1   . HIS D 2 27  ? -1.326  4.713   15.562  1.00 28.62 ? 27  HIS A ND1   1 
ATOM   311  C CD2   . HIS D 2 27  ? 0.272   4.077   16.900  1.00 29.94 ? 27  HIS A CD2   1 
ATOM   312  C CE1   . HIS D 2 27  ? -1.522  3.433   15.817  1.00 32.22 ? 27  HIS A CE1   1 
ATOM   313  N NE2   . HIS D 2 27  ? -0.566  3.023   16.629  1.00 30.33 ? 27  HIS A NE2   1 
ATOM   314  N N     . GLU D 2 28  ? -0.730  6.697   19.119  1.00 27.05 ? 28  GLU A N     1 
ATOM   315  C CA    . GLU D 2 28  ? -1.214  6.053   20.313  1.00 27.91 ? 28  GLU A CA    1 
ATOM   316  C C     . GLU D 2 28  ? -2.406  6.799   20.884  1.00 29.58 ? 28  GLU A C     1 
ATOM   317  O O     . GLU D 2 28  ? -3.347  6.180   21.369  1.00 32.70 ? 28  GLU A O     1 
ATOM   318  C CB    . GLU D 2 28  ? -0.100  5.958   21.336  1.00 31.11 ? 28  GLU A CB    1 
ATOM   319  C CG    . GLU D 2 28  ? -0.491  5.151   22.537  1.00 44.74 ? 28  GLU A CG    1 
ATOM   320  C CD    . GLU D 2 28  ? 0.704   4.659   23.307  1.00 53.77 ? 28  GLU A CD    1 
ATOM   321  O OE1   . GLU D 2 28  ? 1.222   5.437   24.150  1.00 60.59 ? 28  GLU A OE1   1 
ATOM   322  O OE2   . GLU D 2 28  ? 1.121   3.495   23.061  1.00 58.91 ? 28  GLU A OE2   1 
ATOM   323  N N     . ASP D 2 29  ? -2.366  8.128   20.821  1.00 30.43 ? 29  ASP A N     1 
ATOM   324  C CA    . ASP D 2 29  ? -3.459  8.963   21.312  1.00 29.47 ? 29  ASP A CA    1 
ATOM   325  C C     . ASP D 2 29  ? -4.621  8.924   20.323  1.00 30.82 ? 29  ASP A C     1 
ATOM   326  O O     . ASP D 2 29  ? -5.674  9.504   20.575  1.00 29.72 ? 29  ASP A O     1 
ATOM   327  C CB    . ASP D 2 29  ? -3.009  10.422  21.449  1.00 32.04 ? 29  ASP A CB    1 
ATOM   328  C CG    . ASP D 2 29  ? -2.132  10.669  22.656  1.00 35.04 ? 29  ASP A CG    1 
ATOM   329  O OD1   . ASP D 2 29  ? -2.232  9.918   23.647  1.00 33.73 ? 29  ASP A OD1   1 
ATOM   330  O OD2   . ASP D 2 29  ? -1.355  11.645  22.611  1.00 34.14 ? 29  ASP A OD2   1 
ATOM   331  N N     . GLY D 2 30  ? -4.408  8.290   19.174  1.00 29.49 ? 30  GLY A N     1 
ATOM   332  C CA    . GLY D 2 30  ? -5.441  8.222   18.157  1.00 27.45 ? 30  GLY A CA    1 
ATOM   333  C C     . GLY D 2 30  ? -5.817  9.605   17.652  1.00 24.61 ? 30  GLY A C     1 
ATOM   334  O O     . GLY D 2 30  ? -6.999  9.910   17.491  1.00 27.80 ? 30  GLY A O     1 
ATOM   335  N N     . GLU D 2 31  ? -4.820  10.467  17.485  1.00 20.34 ? 31  GLU A N     1 
ATOM   336  C CA    . GLU D 2 31  ? -5.040  11.816  16.990  1.00 17.51 ? 31  GLU A CA    1 
ATOM   337  C C     . GLU D 2 31  ? -4.196  11.968  15.736  1.00 19.08 ? 31  GLU A C     1 
ATOM   338  O O     . GLU D 2 31  ? -3.311  11.142  15.463  1.00 18.87 ? 31  GLU A O     1 
ATOM   339  C CB    . GLU D 2 31  ? -4.606  12.849  18.024  1.00 18.63 ? 31  GLU A CB    1 
ATOM   340  C CG    . GLU D 2 31  ? -5.287  12.701  19.360  1.00 30.64 ? 31  GLU A CG    1 
ATOM   341  C CD    . GLU D 2 31  ? -4.714  13.623  20.429  1.00 38.52 ? 31  GLU A CD    1 
ATOM   342  O OE1   . GLU D 2 31  ? -3.471  13.725  20.554  1.00 44.72 ? 31  GLU A OE1   1 
ATOM   343  O OE2   . GLU D 2 31  ? -5.513  14.240  21.165  1.00 47.08 ? 31  GLU A OE2   1 
ATOM   344  N N     . THR D 2 32  ? -4.469  13.025  14.979  1.00 16.93 ? 32  THR A N     1 
ATOM   345  C CA    . THR D 2 32  ? -3.744  13.316  13.751  1.00 16.93 ? 32  THR A CA    1 
ATOM   346  C C     . THR D 2 32  ? -3.586  14.822  13.627  1.00 17.25 ? 32  THR A C     1 
ATOM   347  O O     . THR D 2 32  ? -4.181  15.561  14.405  1.00 19.27 ? 32  THR A O     1 
ATOM   348  C CB    . THR D 2 32  ? -4.479  12.755  12.507  1.00 13.98 ? 32  THR A CB    1 
ATOM   349  O OG1   . THR D 2 32  ? -5.818  13.250  12.481  1.00 19.74 ? 32  THR A OG1   1 
ATOM   350  C CG2   . THR D 2 32  ? -4.519  11.250  12.541  1.00 12.09 ? 32  THR A CG2   1 
ATOM   351  N N     . VAL D 2 33  ? -2.750  15.275  12.691  1.00 18.52 ? 33  VAL A N     1 
ATOM   352  C CA    . VAL D 2 33  ? -2.527  16.702  12.464  1.00 18.58 ? 33  VAL A CA    1 
ATOM   353  C C     . VAL D 2 33  ? -2.370  16.998  10.966  1.00 17.39 ? 33  VAL A C     1 
ATOM   354  O O     . VAL D 2 33  ? -1.942  16.149  10.197  1.00 18.27 ? 33  VAL A O     1 
ATOM   355  C CB    . VAL D 2 33  ? -1.294  17.248  13.257  1.00 19.86 ? 33  VAL A CB    1 
ATOM   356  C CG1   . VAL D 2 33  ? -1.571  17.216  14.752  1.00 23.22 ? 33  VAL A CG1   1 
ATOM   357  C CG2   . VAL D 2 33  ? -0.044  16.447  12.948  1.00 20.22 ? 33  VAL A CG2   1 
ATOM   358  N N     . GLY D 2 34  ? -2.741  18.198  10.556  1.00 17.40 ? 34  GLY A N     1 
ATOM   359  C CA    . GLY D 2 34  ? -2.631  18.572  9.157   1.00 17.90 ? 34  GLY A CA    1 
ATOM   360  C C     . GLY D 2 34  ? -3.778  18.086  8.290   1.00 16.65 ? 34  GLY A C     1 
ATOM   361  O O     . GLY D 2 34  ? -4.474  17.123  8.630   1.00 18.39 ? 34  GLY A O     1 
ATOM   362  N N     . SER D 2 35  ? -3.944  18.738  7.143   1.00 18.45 ? 35  SER A N     1 
ATOM   363  C CA    . SER D 2 35  ? -5.002  18.419  6.183   1.00 16.25 ? 35  SER A CA    1 
ATOM   364  C C     . SER D 2 35  ? -4.992  16.982  5.738   1.00 14.00 ? 35  SER A C     1 
ATOM   365  O O     . SER D 2 35  ? -6.045  16.429  5.460   1.00 13.36 ? 35  SER A O     1 
ATOM   366  C CB    . SER D 2 35  ? -4.861  19.277  4.931   1.00 15.05 ? 35  SER A CB    1 
ATOM   367  O OG    . SER D 2 35  ? -4.766  20.642  5.269   1.00 28.38 ? 35  SER A OG    1 
ATOM   368  N N     . ASN D 2 36  ? -3.803  16.390  5.621   1.00 13.83 ? 36  ASN A N     1 
ATOM   369  C CA    . ASN D 2 36  ? -3.700  15.001  5.171   1.00 11.83 ? 36  ASN A CA    1 
ATOM   370  C C     . ASN D 2 36  ? -3.695  13.990  6.322   1.00 10.36 ? 36  ASN A C     1 
ATOM   371  O O     . ASN D 2 36  ? -3.376  12.827  6.126   1.00 15.07 ? 36  ASN A O     1 
ATOM   372  C CB    . ASN D 2 36  ? -2.464  14.790  4.289   1.00 13.12 ? 36  ASN A CB    1 
ATOM   373  C CG    . ASN D 2 36  ? -2.435  15.685  3.030   1.00 11.27 ? 36  ASN A CG    1 
ATOM   374  O OD1   . ASN D 2 36  ? -3.454  16.168  2.533   1.00 15.14 ? 36  ASN A OD1   1 
ATOM   375  N ND2   . ASN D 2 36  ? -1.235  15.892  2.511   1.00 14.26 ? 36  ASN A ND2   1 
ATOM   376  N N     . SER D 2 37  ? -3.997  14.445  7.527   1.00 10.38 ? 37  SER A N     1 
ATOM   377  C CA    . SER D 2 37  ? -4.051  13.565  8.684   1.00 12.14 ? 37  SER A CA    1 
ATOM   378  C C     . SER D 2 37  ? -2.833  12.655  8.905   1.00 12.81 ? 37  SER A C     1 
ATOM   379  O O     . SER D 2 37  ? -2.861  11.466  8.560   1.00 10.91 ? 37  SER A O     1 
ATOM   380  C CB    . SER D 2 37  ? -5.322  12.694  8.637   1.00 14.35 ? 37  SER A CB    1 
ATOM   381  O OG    . SER D 2 37  ? -6.507  13.470  8.616   1.00 12.75 ? 37  SER A OG    1 
ATOM   382  N N     . TYR D 2 38  ? -1.754  13.223  9.435   1.00 11.82 ? 38  TYR A N     1 
ATOM   383  C CA    . TYR D 2 38  ? -0.543  12.462  9.752   1.00 11.10 ? 38  TYR A CA    1 
ATOM   384  C C     . TYR D 2 38  ? -0.562  12.352  11.266  1.00 12.01 ? 38  TYR A C     1 
ATOM   385  O O     . TYR D 2 38  ? -0.963  13.296  11.938  1.00 13.73 ? 38  TYR A O     1 
ATOM   386  C CB    . TYR D 2 38  ? 0.727   13.202  9.306   1.00 10.66 ? 38  TYR A CB    1 
ATOM   387  C CG    . TYR D 2 38  ? 0.819   13.415  7.814   1.00 8.25  ? 38  TYR A CG    1 
ATOM   388  C CD1   . TYR D 2 38  ? 1.041   12.344  6.942   1.00 8.76  ? 38  TYR A CD1   1 
ATOM   389  C CD2   . TYR D 2 38  ? 0.660   14.683  7.269   1.00 8.89  ? 38  TYR A CD2   1 
ATOM   390  C CE1   . TYR D 2 38  ? 1.102   12.543  5.555   1.00 11.24 ? 38  TYR A CE1   1 
ATOM   391  C CE2   . TYR D 2 38  ? 0.722   14.897  5.886   1.00 10.11 ? 38  TYR A CE2   1 
ATOM   392  C CZ    . TYR D 2 38  ? 0.945   13.821  5.037   1.00 8.68  ? 38  TYR A CZ    1 
ATOM   393  O OH    . TYR D 2 38  ? 1.008   14.045  3.676   1.00 11.49 ? 38  TYR A OH    1 
ATOM   394  N N     . PRO D 2 39  ? -0.170  11.193  11.825  1.00 13.56 ? 39  PRO A N     1 
ATOM   395  C CA    . PRO D 2 39  ? 0.285   9.990   11.122  1.00 13.01 ? 39  PRO A CA    1 
ATOM   396  C C     . PRO D 2 39  ? -0.867  9.135   10.590  1.00 14.12 ? 39  PRO A C     1 
ATOM   397  O O     . PRO D 2 39  ? -2.000  9.253   11.042  1.00 17.37 ? 39  PRO A O     1 
ATOM   398  C CB    . PRO D 2 39  ? 1.042   9.242   12.212  1.00 10.97 ? 39  PRO A CB    1 
ATOM   399  C CG    . PRO D 2 39  ? 0.219   9.506   13.415  1.00 10.51 ? 39  PRO A CG    1 
ATOM   400  C CD    . PRO D 2 39  ? -0.097  10.996  13.286  1.00 13.68 ? 39  PRO A CD    1 
ATOM   401  N N     . HIS D 2 40  ? -0.577  8.318   9.588   1.00 15.24 ? 40  HIS A N     1 
ATOM   402  C CA    . HIS D 2 40  ? -1.571  7.431   9.023   1.00 14.56 ? 40  HIS A CA    1 
ATOM   403  C C     . HIS D 2 40  ? -0.919  6.231   8.380   1.00 17.30 ? 40  HIS A C     1 
ATOM   404  O O     . HIS D 2 40  ? 0.293   6.231   8.131   1.00 13.88 ? 40  HIS A O     1 
ATOM   405  C CB    . HIS D 2 40  ? -2.548  8.160   8.079   1.00 16.17 ? 40  HIS A CB    1 
ATOM   406  C CG    . HIS D 2 40  ? -1.934  8.718   6.836   1.00 11.53 ? 40  HIS A CG    1 
ATOM   407  N ND1   . HIS D 2 40  ? -2.134  10.019  6.441   1.00 9.95  ? 40  HIS A ND1   1 
ATOM   408  C CD2   . HIS D 2 40  ? -1.174  8.141   5.871   1.00 12.32 ? 40  HIS A CD2   1 
ATOM   409  C CE1   . HIS D 2 40  ? -1.525  10.227  5.287   1.00 10.76 ? 40  HIS A CE1   1 
ATOM   410  N NE2   . HIS D 2 40  ? -0.936  9.101   4.920   1.00 6.78  ? 40  HIS A NE2   1 
ATOM   411  N N     . LYS D 2 41  ? -1.735  5.212   8.137   1.00 18.94 ? 41  LYS A N     1 
ATOM   412  C CA    . LYS D 2 41  ? -1.304  3.942   7.558   1.00 19.57 ? 41  LYS A CA    1 
ATOM   413  C C     . LYS D 2 41  ? -0.393  4.046   6.350   1.00 18.09 ? 41  LYS A C     1 
ATOM   414  O O     . LYS D 2 41  ? -0.666  4.789   5.410   1.00 18.18 ? 41  LYS A O     1 
ATOM   415  C CB    . LYS D 2 41  ? -2.524  3.105   7.184   1.00 26.02 ? 41  LYS A CB    1 
ATOM   416  C CG    . LYS D 2 41  ? -2.296  1.605   7.126   1.00 30.69 ? 41  LYS A CG    1 
ATOM   417  C CD    . LYS D 2 41  ? -2.213  1.053   8.540   1.00 38.07 ? 41  LYS A CD    1 
ATOM   418  C CE    . LYS D 2 41  ? -3.077  -0.192  8.728   1.00 42.38 ? 41  LYS A CE    1 
ATOM   419  N NZ    . LYS D 2 41  ? -2.682  -1.315  7.826   1.00 49.51 ? 41  LYS A NZ    1 
ATOM   420  N N     . TYR D 2 42  ? 0.721   3.343   6.413   1.00 12.61 ? 42  TYR A N     1 
ATOM   421  C CA    . TYR D 2 42  ? 1.654   3.315   5.309   1.00 13.48 ? 42  TYR A CA    1 
ATOM   422  C C     . TYR D 2 42  ? 1.591   1.853   4.864   1.00 13.98 ? 42  TYR A C     1 
ATOM   423  O O     . TYR D 2 42  ? 2.072   0.960   5.558   1.00 12.18 ? 42  TYR A O     1 
ATOM   424  C CB    . TYR D 2 42  ? 3.071   3.708   5.757   1.00 13.06 ? 42  TYR A CB    1 
ATOM   425  C CG    . TYR D 2 42  ? 4.088   3.566   4.659   1.00 9.39  ? 42  TYR A CG    1 
ATOM   426  C CD1   . TYR D 2 42  ? 4.195   4.521   3.647   1.00 4.93  ? 42  TYR A CD1   1 
ATOM   427  C CD2   . TYR D 2 42  ? 4.889   2.434   4.587   1.00 8.00  ? 42  TYR A CD2   1 
ATOM   428  C CE1   . TYR D 2 42  ? 5.067   4.335   2.584   1.00 5.51  ? 42  TYR A CE1   1 
ATOM   429  C CE2   . TYR D 2 42  ? 5.765   2.245   3.537   1.00 10.43 ? 42  TYR A CE2   1 
ATOM   430  C CZ    . TYR D 2 42  ? 5.847   3.191   2.535   1.00 8.18  ? 42  TYR A CZ    1 
ATOM   431  O OH    . TYR D 2 42  ? 6.694   2.955   1.474   1.00 8.23  ? 42  TYR A OH    1 
ATOM   432  N N     . ASN D 2 43  ? 1.053   1.635   3.668   1.00 12.71 ? 43  ASN A N     1 
ATOM   433  C CA    . ASN D 2 43  ? 0.858   0.294   3.142   1.00 12.80 ? 43  ASN A CA    1 
ATOM   434  C C     . ASN D 2 43  ? 2.034   -0.433  2.515   1.00 15.97 ? 43  ASN A C     1 
ATOM   435  O O     . ASN D 2 43  ? 1.978   -1.654  2.371   1.00 14.83 ? 43  ASN A O     1 
ATOM   436  C CB    . ASN D 2 43  ? -0.324  0.293   2.178   1.00 11.87 ? 43  ASN A CB    1 
ATOM   437  C CG    . ASN D 2 43  ? -1.626  0.680   2.851   1.00 11.98 ? 43  ASN A CG    1 
ATOM   438  O OD1   . ASN D 2 43  ? -2.069  0.032   3.794   1.00 12.76 ? 43  ASN A OD1   1 
ATOM   439  N ND2   . ASN D 2 43  ? -2.237  1.752   2.379   1.00 9.58  ? 43  ASN A ND2   1 
ATOM   440  N N     . ASN D 2 44  ? 3.067   0.314   2.124   1.00 15.94 ? 44  ASN A N     1 
ATOM   441  C CA    . ASN D 2 44  ? 4.282   -0.229  1.503   1.00 11.06 ? 44  ASN A CA    1 
ATOM   442  C C     . ASN D 2 44  ? 4.047   -0.674  0.061   1.00 12.62 ? 44  ASN A C     1 
ATOM   443  O O     . ASN D 2 44  ? 4.375   -1.790  -0.334  1.00 12.14 ? 44  ASN A O     1 
ATOM   444  C CB    . ASN D 2 44  ? 4.876   -1.365  2.346   1.00 10.41 ? 44  ASN A CB    1 
ATOM   445  C CG    . ASN D 2 44  ? 6.368   -1.592  2.101   1.00 11.62 ? 44  ASN A CG    1 
ATOM   446  O OD1   . ASN D 2 44  ? 7.011   -0.909  1.298   1.00 11.51 ? 44  ASN A OD1   1 
ATOM   447  N ND2   . ASN D 2 44  ? 6.920   -2.578  2.787   1.00 11.09 ? 44  ASN A ND2   1 
ATOM   448  N N     . TYR D 2 45  ? 3.474   0.227   -0.726  1.00 15.59 ? 45  TYR A N     1 
ATOM   449  C CA    . TYR D 2 45  ? 3.229   -0.029  -2.137  1.00 14.60 ? 45  TYR A CA    1 
ATOM   450  C C     . TYR D 2 45  ? 4.589   -0.260  -2.800  1.00 14.30 ? 45  TYR A C     1 
ATOM   451  O O     . TYR D 2 45  ? 4.705   -1.006  -3.769  1.00 15.81 ? 45  TYR A O     1 
ATOM   452  C CB    . TYR D 2 45  ? 2.564   1.195   -2.796  1.00 11.93 ? 45  TYR A CB    1 
ATOM   453  C CG    . TYR D 2 45  ? 1.231   1.591   -2.192  1.00 10.01 ? 45  TYR A CG    1 
ATOM   454  C CD1   . TYR D 2 45  ? 0.480   0.674   -1.471  1.00 8.44  ? 45  TYR A CD1   1 
ATOM   455  C CD2   . TYR D 2 45  ? 0.724   2.883   -2.340  1.00 8.50  ? 45  TYR A CD2   1 
ATOM   456  C CE1   . TYR D 2 45  ? -0.728  1.016   -0.917  1.00 8.18  ? 45  TYR A CE1   1 
ATOM   457  C CE2   . TYR D 2 45  ? -0.506  3.239   -1.775  1.00 6.86  ? 45  TYR A CE2   1 
ATOM   458  C CZ    . TYR D 2 45  ? -1.216  2.292   -1.067  1.00 7.66  ? 45  TYR A CZ    1 
ATOM   459  O OH    . TYR D 2 45  ? -2.420  2.593   -0.492  1.00 9.75  ? 45  TYR A OH    1 
ATOM   460  N N     . GLU D 2 46  ? 5.611   0.408   -2.272  1.00 15.25 ? 46  GLU A N     1 
ATOM   461  C CA    . GLU D 2 46  ? 6.964   0.322   -2.811  1.00 12.34 ? 46  GLU A CA    1 
ATOM   462  C C     . GLU D 2 46  ? 7.630   -1.027  -2.612  1.00 12.13 ? 46  GLU A C     1 
ATOM   463  O O     . GLU D 2 46  ? 8.582   -1.358  -3.310  1.00 11.91 ? 46  GLU A O     1 
ATOM   464  C CB    . GLU D 2 46  ? 7.855   1.418   -2.229  1.00 11.48 ? 46  GLU A CB    1 
ATOM   465  C CG    . GLU D 2 46  ? 7.613   2.804   -2.783  1.00 14.31 ? 46  GLU A CG    1 
ATOM   466  C CD    . GLU D 2 46  ? 6.369   3.450   -2.215  1.00 16.87 ? 46  GLU A CD    1 
ATOM   467  O OE1   . GLU D 2 46  ? 5.938   3.061   -1.115  1.00 16.59 ? 46  GLU A OE1   1 
ATOM   468  O OE2   . GLU D 2 46  ? 5.823   4.358   -2.868  1.00 17.94 ? 46  GLU A OE2   1 
ATOM   469  N N     . GLY D 2 47  ? 7.133   -1.790  -1.646  1.00 11.83 ? 47  GLY A N     1 
ATOM   470  C CA    . GLY D 2 47  ? 7.695   -3.095  -1.363  1.00 12.73 ? 47  GLY A CA    1 
ATOM   471  C C     . GLY D 2 47  ? 9.084   -3.046  -0.735  1.00 18.48 ? 47  GLY A C     1 
ATOM   472  O O     . GLY D 2 47  ? 9.931   -3.898  -1.037  1.00 19.29 ? 47  GLY A O     1 
ATOM   473  N N     . PHE D 2 48  ? 9.336   -2.032  0.093   1.00 17.11 ? 48  PHE A N     1 
ATOM   474  C CA    . PHE D 2 48  ? 10.618  -1.891  0.776   1.00 16.12 ? 48  PHE A CA    1 
ATOM   475  C C     . PHE D 2 48  ? 10.743  -3.053  1.730   1.00 19.43 ? 48  PHE A C     1 
ATOM   476  O O     . PHE D 2 48  ? 9.740   -3.494  2.289   1.00 17.14 ? 48  PHE A O     1 
ATOM   477  C CB    . PHE D 2 48  ? 10.662  -0.622  1.641   1.00 11.44 ? 48  PHE A CB    1 
ATOM   478  C CG    . PHE D 2 48  ? 10.639  0.652   0.873   1.00 4.45  ? 48  PHE A CG    1 
ATOM   479  C CD1   . PHE D 2 48  ? 11.522  0.867   -0.158  1.00 4.81  ? 48  PHE A CD1   1 
ATOM   480  C CD2   . PHE D 2 48  ? 9.743   1.657   1.212   1.00 7.73  ? 48  PHE A CD2   1 
ATOM   481  C CE1   . PHE D 2 48  ? 11.524  2.073   -0.852  1.00 6.21  ? 48  PHE A CE1   1 
ATOM   482  C CE2   . PHE D 2 48  ? 9.734   2.870   0.529   1.00 8.68  ? 48  PHE A CE2   1 
ATOM   483  C CZ    . PHE D 2 48  ? 10.627  3.077   -0.503  1.00 8.81  ? 48  PHE A CZ    1 
ATOM   484  N N     . ASP D 2 49  ? 11.977  -3.451  2.017   1.00 26.34 ? 49  ASP A N     1 
ATOM   485  C CA    . ASP D 2 49  ? 12.221  -4.547  2.941   1.00 31.82 ? 49  ASP A CA    1 
ATOM   486  C C     . ASP D 2 49  ? 12.415  -4.079  4.388   1.00 31.31 ? 49  ASP A C     1 
ATOM   487  O O     . ASP D 2 49  ? 13.535  -3.988  4.876   1.00 31.72 ? 49  ASP A O     1 
ATOM   488  C CB    . ASP D 2 49  ? 13.416  -5.380  2.489   1.00 38.42 ? 49  ASP A CB    1 
ATOM   489  C CG    . ASP D 2 49  ? 13.433  -6.761  3.126   1.00 49.60 ? 49  ASP A CG    1 
ATOM   490  O OD1   . ASP D 2 49  ? 12.341  -7.260  3.521   1.00 50.49 ? 49  ASP A OD1   1 
ATOM   491  O OD2   . ASP D 2 49  ? 14.534  -7.352  3.225   1.00 54.14 ? 49  ASP A OD2   1 
ATOM   492  N N     . PHE D 2 50  ? 11.312  -3.748  5.054   1.00 30.60 ? 50  PHE A N     1 
ATOM   493  C CA    . PHE D 2 50  ? 11.347  -3.302  6.440   1.00 30.35 ? 50  PHE A CA    1 
ATOM   494  C C     . PHE D 2 50  ? 11.574  -4.507  7.327   1.00 31.93 ? 50  PHE A C     1 
ATOM   495  O O     . PHE D 2 50  ? 10.941  -5.544  7.146   1.00 33.71 ? 50  PHE A O     1 
ATOM   496  C CB    . PHE D 2 50  ? 10.032  -2.617  6.812   1.00 27.38 ? 50  PHE A CB    1 
ATOM   497  C CG    . PHE D 2 50  ? 9.800   -1.322  6.084   1.00 24.69 ? 50  PHE A CG    1 
ATOM   498  C CD1   . PHE D 2 50  ? 10.849  -0.433  5.861   1.00 25.18 ? 50  PHE A CD1   1 
ATOM   499  C CD2   . PHE D 2 50  ? 8.533   -0.975  5.644   1.00 21.63 ? 50  PHE A CD2   1 
ATOM   500  C CE1   . PHE D 2 50  ? 10.629  0.778   5.213   1.00 22.17 ? 50  PHE A CE1   1 
ATOM   501  C CE2   . PHE D 2 50  ? 8.306   0.231   4.999   1.00 18.24 ? 50  PHE A CE2   1 
ATOM   502  C CZ    . PHE D 2 50  ? 9.347   1.107   4.784   1.00 19.13 ? 50  PHE A CZ    1 
ATOM   503  N N     . SER D 2 51  ? 12.478  -4.381  8.287   1.00 32.76 ? 51  SER A N     1 
ATOM   504  C CA    . SER D 2 51  ? 12.771  -5.505  9.170   1.00 36.82 ? 51  SER A CA    1 
ATOM   505  C C     . SER D 2 51  ? 11.721  -5.720  10.269  1.00 34.98 ? 51  SER A C     1 
ATOM   506  O O     . SER D 2 51  ? 11.568  -6.837  10.771  1.00 39.48 ? 51  SER A O     1 
ATOM   507  C CB    . SER D 2 51  ? 14.170  -5.363  9.775   1.00 39.80 ? 51  SER A CB    1 
ATOM   508  O OG    . SER D 2 51  ? 14.263  -4.211  10.596  1.00 51.90 ? 51  SER A OG    1 
ATOM   509  N N     . VAL D 2 52  ? 11.015  -4.657  10.657  1.00 33.17 ? 52  VAL A N     1 
ATOM   510  C CA    . VAL D 2 52  ? 9.985   -4.758  11.694  1.00 26.18 ? 52  VAL A CA    1 
ATOM   511  C C     . VAL D 2 52  ? 8.636   -5.151  11.087  1.00 25.14 ? 52  VAL A C     1 
ATOM   512  O O     . VAL D 2 52  ? 8.415   -5.000  9.893   1.00 22.80 ? 52  VAL A O     1 
ATOM   513  C CB    . VAL D 2 52  ? 9.850   -3.446  12.500  1.00 23.90 ? 52  VAL A CB    1 
ATOM   514  C CG1   . VAL D 2 52  ? 11.158  -3.121  13.184  1.00 27.83 ? 52  VAL A CG1   1 
ATOM   515  C CG2   . VAL D 2 52  ? 9.428   -2.308  11.612  1.00 22.89 ? 52  VAL A CG2   1 
ATOM   516  N N     . SER D 2 53  ? 7.711   -5.588  11.926  1.00 26.02 ? 53  SER A N     1 
ATOM   517  C CA    . SER D 2 53  ? 6.398   -6.028  11.451  1.00 29.83 ? 53  SER A CA    1 
ATOM   518  C C     . SER D 2 53  ? 5.322   -4.965  11.225  1.00 27.46 ? 53  SER A C     1 
ATOM   519  O O     . SER D 2 53  ? 5.363   -3.891  11.837  1.00 29.13 ? 53  SER A O     1 
ATOM   520  C CB    . SER D 2 53  ? 5.867   -7.122  12.376  1.00 30.34 ? 53  SER A CB    1 
ATOM   521  O OG    . SER D 2 53  ? 6.792   -8.201  12.427  1.00 34.72 ? 53  SER A OG    1 
ATOM   522  N N     . SER D 2 54  ? 4.386   -5.275  10.320  1.00 25.94 ? 54  SER A N     1 
ATOM   523  C CA    . SER D 2 54  ? 3.254   -4.400  9.985   1.00 22.95 ? 54  SER A CA    1 
ATOM   524  C C     . SER D 2 54  ? 2.388   -4.262  11.224  1.00 21.18 ? 54  SER A C     1 
ATOM   525  O O     . SER D 2 54  ? 2.406   -5.126  12.091  1.00 23.50 ? 54  SER A O     1 
ATOM   526  C CB    . SER D 2 54  ? 2.396   -5.026  8.870   1.00 21.09 ? 54  SER A CB    1 
ATOM   527  O OG    . SER D 2 54  ? 3.185   -5.516  7.797   1.00 28.98 ? 54  SER A OG    1 
ATOM   528  N N     . PRO D 2 55  ? 1.545   -3.223  11.290  1.00 22.78 ? 55  PRO A N     1 
ATOM   529  C CA    . PRO D 2 55  ? 1.301   -2.167  10.298  1.00 19.66 ? 55  PRO A CA    1 
ATOM   530  C C     . PRO D 2 55  ? 2.344   -1.070  10.423  1.00 17.54 ? 55  PRO A C     1 
ATOM   531  O O     . PRO D 2 55  ? 2.973   -0.934  11.459  1.00 18.44 ? 55  PRO A O     1 
ATOM   532  C CB    . PRO D 2 55  ? -0.075  -1.610  10.711  1.00 21.67 ? 55  PRO A CB    1 
ATOM   533  C CG    . PRO D 2 55  ? -0.605  -2.587  11.742  1.00 22.56 ? 55  PRO A CG    1 
ATOM   534  C CD    . PRO D 2 55  ? 0.631   -3.071  12.426  1.00 22.78 ? 55  PRO A CD    1 
ATOM   535  N N     . TYR D 2 56  ? 2.456   -0.260  9.380   1.00 18.33 ? 56  TYR A N     1 
ATOM   536  C CA    . TYR D 2 56  ? 3.395   0.844   9.333   1.00 12.15 ? 56  TYR A CA    1 
ATOM   537  C C     . TYR D 2 56  ? 2.626   2.140   9.244   1.00 11.56 ? 56  TYR A C     1 
ATOM   538  O O     . TYR D 2 56  ? 1.511   2.159   8.722   1.00 13.11 ? 56  TYR A O     1 
ATOM   539  C CB    . TYR D 2 56  ? 4.283   0.712   8.114   1.00 6.37  ? 56  TYR A CB    1 
ATOM   540  C CG    . TYR D 2 56  ? 5.017   -0.596  8.047   1.00 5.93  ? 56  TYR A CG    1 
ATOM   541  C CD1   . TYR D 2 56  ? 5.818   -1.021  9.098   1.00 11.08 ? 56  TYR A CD1   1 
ATOM   542  C CD2   . TYR D 2 56  ? 4.906   -1.410  6.934   1.00 2.17  ? 56  TYR A CD2   1 
ATOM   543  C CE1   . TYR D 2 56  ? 6.492   -2.235  9.041   1.00 9.77  ? 56  TYR A CE1   1 
ATOM   544  C CE2   . TYR D 2 56  ? 5.567   -2.616  6.863   1.00 8.26  ? 56  TYR A CE2   1 
ATOM   545  C CZ    . TYR D 2 56  ? 6.356   -3.024  7.918   1.00 11.79 ? 56  TYR A CZ    1 
ATOM   546  O OH    . TYR D 2 56  ? 6.989   -4.232  7.835   1.00 16.09 ? 56  TYR A OH    1 
ATOM   547  N N     . TYR D 2 57  ? 3.198   3.203   9.805   1.00 13.46 ? 57  TYR A N     1 
ATOM   548  C CA    . TYR D 2 57  ? 2.587   4.540   9.802   1.00 16.65 ? 57  TYR A CA    1 
ATOM   549  C C     . TYR D 2 57  ? 3.621   5.526   9.325   1.00 15.78 ? 57  TYR A C     1 
ATOM   550  O O     . TYR D 2 57  ? 4.799   5.390   9.669   1.00 17.12 ? 57  TYR A O     1 
ATOM   551  C CB    . TYR D 2 57  ? 2.116   4.944   11.208  1.00 14.45 ? 57  TYR A CB    1 
ATOM   552  C CG    . TYR D 2 57  ? 1.088   3.994   11.743  1.00 16.92 ? 57  TYR A CG    1 
ATOM   553  C CD1   . TYR D 2 57  ? 1.466   2.788   12.330  1.00 16.30 ? 57  TYR A CD1   1 
ATOM   554  C CD2   . TYR D 2 57  ? -0.259  4.252   11.578  1.00 19.69 ? 57  TYR A CD2   1 
ATOM   555  C CE1   . TYR D 2 57  ? 0.530   1.865   12.729  1.00 20.35 ? 57  TYR A CE1   1 
ATOM   556  C CE2   . TYR D 2 57  ? -1.217  3.326   11.975  1.00 23.01 ? 57  TYR A CE2   1 
ATOM   557  C CZ    . TYR D 2 57  ? -0.812  2.141   12.552  1.00 21.81 ? 57  TYR A CZ    1 
ATOM   558  O OH    . TYR D 2 57  ? -1.765  1.264   12.991  1.00 24.52 ? 57  TYR A OH    1 
ATOM   559  N N     . GLU D 2 58  ? 3.205   6.478   8.495   1.00 18.43 ? 58  GLU A N     1 
ATOM   560  C CA    . GLU D 2 58  ? 4.132   7.487   7.998   1.00 17.65 ? 58  GLU A CA    1 
ATOM   561  C C     . GLU D 2 58  ? 3.910   8.799   8.719   1.00 14.40 ? 58  GLU A C     1 
ATOM   562  O O     . GLU D 2 58  ? 2.774   9.244   8.916   1.00 14.03 ? 58  GLU A O     1 
ATOM   563  C CB    . GLU D 2 58  ? 4.030   7.661   6.477   1.00 19.08 ? 58  GLU A CB    1 
ATOM   564  C CG    . GLU D 2 58  ? 2.819   8.415   5.963   1.00 15.37 ? 58  GLU A CG    1 
ATOM   565  C CD    . GLU D 2 58  ? 2.940   8.709   4.490   1.00 9.76  ? 58  GLU A CD    1 
ATOM   566  O OE1   . GLU D 2 58  ? 2.607   7.827   3.690   1.00 12.40 ? 58  GLU A OE1   1 
ATOM   567  O OE2   . GLU D 2 58  ? 3.379   9.811   4.122   1.00 11.78 ? 58  GLU A OE2   1 
ATOM   568  N N     . TRP D 2 59  ? 5.017   9.396   9.137   1.00 14.87 ? 59  TRP A N     1 
ATOM   569  C CA    . TRP D 2 59  ? 5.017   10.657  9.870   1.00 15.41 ? 59  TRP A CA    1 
ATOM   570  C C     . TRP D 2 59  ? 6.103   11.542  9.264   1.00 16.68 ? 59  TRP A C     1 
ATOM   571  O O     . TRP D 2 59  ? 7.213   11.075  8.976   1.00 16.15 ? 59  TRP A O     1 
ATOM   572  C CB    . TRP D 2 59  ? 5.287   10.382  11.363  1.00 15.10 ? 59  TRP A CB    1 
ATOM   573  C CG    . TRP D 2 59  ? 5.476   11.598  12.224  1.00 14.79 ? 59  TRP A CG    1 
ATOM   574  C CD1   . TRP D 2 59  ? 6.630   11.992  12.817  1.00 16.97 ? 59  TRP A CD1   1 
ATOM   575  C CD2   . TRP D 2 59  ? 4.479   12.560  12.600  1.00 19.29 ? 59  TRP A CD2   1 
ATOM   576  N NE1   . TRP D 2 59  ? 6.425   13.137  13.541  1.00 20.71 ? 59  TRP A NE1   1 
ATOM   577  C CE2   . TRP D 2 59  ? 5.115   13.514  13.429  1.00 19.09 ? 59  TRP A CE2   1 
ATOM   578  C CE3   . TRP D 2 59  ? 3.114   12.713  12.328  1.00 18.48 ? 59  TRP A CE3   1 
ATOM   579  C CZ2   . TRP D 2 59  ? 4.438   14.601  13.984  1.00 17.59 ? 59  TRP A CZ2   1 
ATOM   580  C CZ3   . TRP D 2 59  ? 2.434   13.801  12.885  1.00 17.26 ? 59  TRP A CZ3   1 
ATOM   581  C CH2   . TRP D 2 59  ? 3.102   14.728  13.704  1.00 18.80 ? 59  TRP A CH2   1 
ATOM   582  N N     . PRO D 2 60  ? 5.781   12.815  8.994   1.00 15.20 ? 60  PRO A N     1 
ATOM   583  C CA    . PRO D 2 60  ? 6.764   13.727  8.409   1.00 15.66 ? 60  PRO A CA    1 
ATOM   584  C C     . PRO D 2 60  ? 7.937   14.114  9.319   1.00 17.09 ? 60  PRO A C     1 
ATOM   585  O O     . PRO D 2 60  ? 7.774   14.353  10.519  1.00 12.22 ? 60  PRO A O     1 
ATOM   586  C CB    . PRO D 2 60  ? 5.931   14.968  8.067   1.00 12.88 ? 60  PRO A CB    1 
ATOM   587  C CG    . PRO D 2 60  ? 4.554   14.463  7.972   1.00 11.28 ? 60  PRO A CG    1 
ATOM   588  C CD    . PRO D 2 60  ? 4.461   13.460  9.074   1.00 11.93 ? 60  PRO A CD    1 
ATOM   589  N N     . ILE D 2 61  ? 9.128   14.124  8.733   1.00 15.72 ? 61  ILE A N     1 
ATOM   590  C CA    . ILE D 2 61  ? 10.328  14.560  9.434   1.00 13.49 ? 61  ILE A CA    1 
ATOM   591  C C     . ILE D 2 61  ? 10.736  15.815  8.654   1.00 13.24 ? 61  ILE A C     1 
ATOM   592  O O     . ILE D 2 61  ? 10.763  15.809  7.415   1.00 9.43  ? 61  ILE A O     1 
ATOM   593  C CB    . ILE D 2 61  ? 11.442  13.461  9.459   1.00 12.37 ? 61  ILE A CB    1 
ATOM   594  C CG1   . ILE D 2 61  ? 12.667  13.964  10.220  1.00 9.30  ? 61  ILE A CG1   1 
ATOM   595  C CG2   . ILE D 2 61  ? 11.779  12.988  8.070   1.00 6.73  ? 61  ILE A CG2   1 
ATOM   596  C CD1   . ILE D 2 61  ? 13.680  12.893  10.510  1.00 9.15  ? 61  ILE A CD1   1 
ATOM   597  N N     . LEU D 2 62  ? 10.932  16.917  9.383   1.00 15.98 ? 62  LEU A N     1 
ATOM   598  C CA    . LEU D 2 62  ? 11.293  18.196  8.777   1.00 15.83 ? 62  LEU A CA    1 
ATOM   599  C C     . LEU D 2 62  ? 12.782  18.527  8.815   1.00 16.09 ? 62  LEU A C     1 
ATOM   600  O O     . LEU D 2 62  ? 13.446  18.382  9.847   1.00 13.79 ? 62  LEU A O     1 
ATOM   601  C CB    . LEU D 2 62  ? 10.476  19.333  9.409   1.00 13.32 ? 62  LEU A CB    1 
ATOM   602  C CG    . LEU D 2 62  ? 8.953   19.135  9.327   1.00 17.66 ? 62  LEU A CG    1 
ATOM   603  C CD1   . LEU D 2 62  ? 8.235   20.241  10.082  1.00 18.40 ? 62  LEU A CD1   1 
ATOM   604  C CD2   . LEU D 2 62  ? 8.500   19.100  7.881   1.00 15.86 ? 62  LEU A CD2   1 
ATOM   605  N N     . SER D 2 63  ? 13.278  18.999  7.678   1.00 15.37 ? 63  SER A N     1 
ATOM   606  C CA    . SER D 2 63  ? 14.672  19.392  7.511   1.00 22.00 ? 63  SER A CA    1 
ATOM   607  C C     . SER D 2 63  ? 15.086  20.522  8.460   1.00 24.46 ? 63  SER A C     1 
ATOM   608  O O     . SER D 2 63  ? 16.277  20.782  8.633   1.00 24.84 ? 63  SER A O     1 
ATOM   609  C CB    . SER D 2 63  ? 14.914  19.843  6.072   1.00 23.38 ? 63  SER A CB    1 
ATOM   610  O OG    . SER D 2 63  ? 14.035  20.905  5.724   1.00 31.55 ? 63  SER A OG    1 
ATOM   611  N N     . SER D 2 64  ? 14.097  21.221  9.020   1.00 26.71 ? 64  SER A N     1 
ATOM   612  C CA    . SER D 2 64  ? 14.341  22.321  9.944   1.00 25.72 ? 64  SER A CA    1 
ATOM   613  C C     . SER D 2 64  ? 14.524  21.851  11.376  1.00 27.39 ? 64  SER A C     1 
ATOM   614  O O     . SER D 2 64  ? 14.807  22.656  12.265  1.00 29.29 ? 64  SER A O     1 
ATOM   615  C CB    . SER D 2 64  ? 13.196  23.322  9.877   1.00 26.81 ? 64  SER A CB    1 
ATOM   616  O OG    . SER D 2 64  ? 11.946  22.665  9.898   1.00 29.06 ? 64  SER A OG    1 
ATOM   617  N N     . GLY D 2 65  ? 14.305  20.559  11.602  1.00 27.56 ? 65  GLY A N     1 
ATOM   618  C CA    . GLY D 2 65  ? 14.464  19.999  12.931  1.00 30.10 ? 65  GLY A CA    1 
ATOM   619  C C     . GLY D 2 65  ? 13.283  20.174  13.857  1.00 28.36 ? 65  GLY A C     1 
ATOM   620  O O     . GLY D 2 65  ? 13.257  19.597  14.940  1.00 28.43 ? 65  GLY A O     1 
ATOM   621  N N     . ASP D 2 66  ? 12.325  21.005  13.462  1.00 28.34 ? 66  ASP A N     1 
ATOM   622  C CA    . ASP D 2 66  ? 11.130  21.208  14.270  1.00 26.25 ? 66  ASP A CA    1 
ATOM   623  C C     . ASP D 2 66  ? 10.228  20.014  14.013  1.00 23.83 ? 66  ASP A C     1 
ATOM   624  O O     . ASP D 2 66  ? 10.299  19.418  12.939  1.00 21.25 ? 66  ASP A O     1 
ATOM   625  C CB    . ASP D 2 66  ? 10.398  22.484  13.847  1.00 32.67 ? 66  ASP A CB    1 
ATOM   626  C CG    . ASP D 2 66  ? 11.266  23.722  13.954  1.00 37.02 ? 66  ASP A CG    1 
ATOM   627  O OD1   . ASP D 2 66  ? 12.183  23.748  14.809  1.00 36.75 ? 66  ASP A OD1   1 
ATOM   628  O OD2   . ASP D 2 66  ? 11.033  24.667  13.170  1.00 39.10 ? 66  ASP A OD2   1 
ATOM   629  N N     . VAL D 2 67  ? 9.420   19.649  15.006  1.00 21.82 ? 67  VAL A N     1 
ATOM   630  C CA    . VAL D 2 67  ? 8.477   18.532  14.886  1.00 19.63 ? 67  VAL A CA    1 
ATOM   631  C C     . VAL D 2 67  ? 7.261   18.966  14.062  1.00 21.82 ? 67  VAL A C     1 
ATOM   632  O O     . VAL D 2 67  ? 6.741   20.064  14.257  1.00 21.80 ? 67  VAL A O     1 
ATOM   633  C CB    . VAL D 2 67  ? 7.984   18.050  16.272  1.00 17.67 ? 67  VAL A CB    1 
ATOM   634  C CG1   . VAL D 2 67  ? 6.843   17.061  16.118  1.00 16.53 ? 67  VAL A CG1   1 
ATOM   635  C CG2   . VAL D 2 67  ? 9.132   17.405  17.026  1.00 22.74 ? 67  VAL A CG2   1 
ATOM   636  N N     . TYR D 2 68  ? 6.810   18.101  13.156  1.00 19.62 ? 68  TYR A N     1 
ATOM   637  C CA    . TYR D 2 68  ? 5.662   18.414  12.320  1.00 20.40 ? 68  TYR A CA    1 
ATOM   638  C C     . TYR D 2 68  ? 4.447   18.790  13.176  1.00 22.71 ? 68  TYR A C     1 
ATOM   639  O O     . TYR D 2 68  ? 4.110   18.080  14.127  1.00 26.26 ? 68  TYR A O     1 
ATOM   640  C CB    . TYR D 2 68  ? 5.326   17.228  11.411  1.00 19.58 ? 68  TYR A CB    1 
ATOM   641  C CG    . TYR D 2 68  ? 4.209   17.523  10.437  1.00 19.86 ? 68  TYR A CG    1 
ATOM   642  C CD1   . TYR D 2 68  ? 4.400   18.427  9.388   1.00 17.42 ? 68  TYR A CD1   1 
ATOM   643  C CD2   . TYR D 2 68  ? 2.951   16.930  10.586  1.00 15.49 ? 68  TYR A CD2   1 
ATOM   644  C CE1   . TYR D 2 68  ? 3.370   18.741  8.512   1.00 18.25 ? 68  TYR A CE1   1 
ATOM   645  C CE2   . TYR D 2 68  ? 1.916   17.233  9.719   1.00 17.74 ? 68  TYR A CE2   1 
ATOM   646  C CZ    . TYR D 2 68  ? 2.132   18.146  8.683   1.00 20.52 ? 68  TYR A CZ    1 
ATOM   647  O OH    . TYR D 2 68  ? 1.100   18.495  7.854   1.00 13.96 ? 68  TYR A OH    1 
ATOM   648  N N     . SER D 2 69  ? 3.772   19.883  12.820  1.00 23.26 ? 69  SER A N     1 
ATOM   649  C CA    . SER D 2 69  ? 2.607   20.334  13.577  1.00 25.40 ? 69  SER A CA    1 
ATOM   650  C C     . SER D 2 69  ? 1.412   20.757  12.726  1.00 24.32 ? 69  SER A C     1 
ATOM   651  O O     . SER D 2 69  ? 0.599   21.574  13.163  1.00 24.25 ? 69  SER A O     1 
ATOM   652  C CB    . SER D 2 69  ? 2.997   21.475  14.525  1.00 27.85 ? 69  SER A CB    1 
ATOM   653  O OG    . SER D 2 69  ? 3.583   22.551  13.805  1.00 30.98 ? 69  SER A OG    1 
ATOM   654  N N     . GLY D 2 70  ? 1.332   20.258  11.497  1.00 20.14 ? 70  GLY A N     1 
ATOM   655  C CA    . GLY D 2 70  ? 0.193   20.595  10.668  1.00 22.80 ? 70  GLY A CA    1 
ATOM   656  C C     . GLY D 2 70  ? 0.364   21.321  9.350   1.00 24.84 ? 70  GLY A C     1 
ATOM   657  O O     . GLY D 2 70  ? -0.577  21.345  8.544   1.00 29.68 ? 70  GLY A O     1 
ATOM   658  N N     . GLY D 2 71  ? 1.516   21.930  9.108   1.00 26.12 ? 71  GLY A N     1 
ATOM   659  C CA    . GLY D 2 71  ? 1.684   22.644  7.851   1.00 24.33 ? 71  GLY A CA    1 
ATOM   660  C C     . GLY D 2 71  ? 2.065   21.756  6.684   1.00 21.35 ? 71  GLY A C     1 
ATOM   661  O O     . GLY D 2 71  ? 1.616   20.616  6.576   1.00 21.02 ? 71  GLY A O     1 
ATOM   662  N N     . SER D 2 72  ? 2.877   22.303  5.785   1.00 23.60 ? 72  SER A N     1 
ATOM   663  C CA    . SER D 2 72  ? 3.354   21.560  4.635   1.00 22.46 ? 72  SER A CA    1 
ATOM   664  C C     . SER D 2 72  ? 4.186   20.439  5.239   1.00 20.15 ? 72  SER A C     1 
ATOM   665  O O     . SER D 2 72  ? 4.981   20.674  6.148   1.00 22.84 ? 72  SER A O     1 
ATOM   666  C CB    . SER D 2 72  ? 4.221   22.446  3.746   1.00 24.32 ? 72  SER A CB    1 
ATOM   667  O OG    . SER D 2 72  ? 4.546   21.779  2.538   1.00 36.69 ? 72  SER A OG    1 
ATOM   668  N N     . PRO D 2 73  ? 3.982   19.203  4.776   1.00 18.24 ? 73  PRO A N     1 
ATOM   669  C CA    . PRO D 2 73  ? 4.696   18.027  5.271   1.00 15.58 ? 73  PRO A CA    1 
ATOM   670  C C     . PRO D 2 73  ? 6.132   17.886  4.780   1.00 16.86 ? 73  PRO A C     1 
ATOM   671  O O     . PRO D 2 73  ? 7.004   17.382  5.491   1.00 16.62 ? 73  PRO A O     1 
ATOM   672  C CB    . PRO D 2 73  ? 3.825   16.885  4.765   1.00 14.18 ? 73  PRO A CB    1 
ATOM   673  C CG    . PRO D 2 73  ? 3.363   17.392  3.446   1.00 5.44  ? 73  PRO A CG    1 
ATOM   674  C CD    . PRO D 2 73  ? 3.018   18.825  3.720   1.00 15.00 ? 73  PRO A CD    1 
ATOM   675  N N     . GLY D 2 74  ? 6.381   18.360  3.569   1.00 15.99 ? 74  GLY A N     1 
ATOM   676  C CA    . GLY D 2 74  ? 7.705   18.228  3.011   1.00 16.17 ? 74  GLY A CA    1 
ATOM   677  C C     . GLY D 2 74  ? 7.753   16.903  2.294   1.00 12.73 ? 74  GLY A C     1 
ATOM   678  O O     . GLY D 2 74  ? 6.739   16.220  2.232   1.00 16.30 ? 74  GLY A O     1 
ATOM   679  N N     . ALA D 2 75  ? 8.927   16.515  1.802   1.00 10.83 ? 75  ALA A N     1 
ATOM   680  C CA    . ALA D 2 75  ? 9.075   15.268  1.061   1.00 10.10 ? 75  ALA A CA    1 
ATOM   681  C C     . ALA D 2 75  ? 9.536   14.067  1.872   1.00 10.52 ? 75  ALA A C     1 
ATOM   682  O O     . ALA D 2 75  ? 9.443   12.934  1.384   1.00 8.29  ? 75  ALA A O     1 
ATOM   683  C CB    . ALA D 2 75  ? 10.025  15.484  -0.126  1.00 8.15  ? 75  ALA A CB    1 
ATOM   684  N N     . ASP D 2 76  ? 10.054  14.306  3.083   1.00 11.09 ? 76  ASP A N     1 
ATOM   685  C CA    . ASP D 2 76  ? 10.592  13.233  3.938   1.00 5.21  ? 76  ASP A CA    1 
ATOM   686  C C     . ASP D 2 76  ? 9.677   12.724  5.038   1.00 7.13  ? 76  ASP A C     1 
ATOM   687  O O     . ASP D 2 76  ? 8.970   13.492  5.686   1.00 7.25  ? 76  ASP A O     1 
ATOM   688  C CB    . ASP D 2 76  ? 11.901  13.673  4.591   1.00 8.13  ? 76  ASP A CB    1 
ATOM   689  C CG    . ASP D 2 76  ? 12.825  14.380  3.634   1.00 9.58  ? 76  ASP A CG    1 
ATOM   690  O OD1   . ASP D 2 76  ? 12.981  13.936  2.484   1.00 11.62 ? 76  ASP A OD1   1 
ATOM   691  O OD2   . ASP D 2 76  ? 13.396  15.399  4.032   1.00 9.53  ? 76  ASP A OD2   1 
ATOM   692  N N     . ARG D 2 77  ? 9.782   11.422  5.293   1.00 10.75 ? 77  ARG A N     1 
ATOM   693  C CA    . ARG D 2 77  ? 8.987   10.737  6.304   1.00 11.16 ? 77  ARG A CA    1 
ATOM   694  C C     . ARG D 2 77  ? 9.769   9.702   7.110   1.00 9.59  ? 77  ARG A C     1 
ATOM   695  O O     . ARG D 2 77  ? 10.743  9.125   6.639   1.00 11.17 ? 77  ARG A O     1 
ATOM   696  C CB    . ARG D 2 77  ? 7.817   9.985   5.635   1.00 7.52  ? 77  ARG A CB    1 
ATOM   697  C CG    . ARG D 2 77  ? 7.050   10.776  4.598   1.00 8.31  ? 77  ARG A CG    1 
ATOM   698  C CD    . ARG D 2 77  ? 6.127   11.821  5.241   1.00 7.60  ? 77  ARG A CD    1 
ATOM   699  N NE    . ARG D 2 77  ? 5.320   12.461  4.203   1.00 7.18  ? 77  ARG A NE    1 
ATOM   700  C CZ    . ARG D 2 77  ? 5.538   13.670  3.710   1.00 5.01  ? 77  ARG A CZ    1 
ATOM   701  N NH1   . ARG D 2 77  ? 6.540   14.394  4.165   1.00 9.66  ? 77  ARG A NH1   1 
ATOM   702  N NH2   . ARG D 2 77  ? 4.757   14.146  2.753   1.00 8.40  ? 77  ARG A NH2   1 
ATOM   703  N N     . VAL D 2 78  ? 9.288   9.462   8.322   1.00 10.31 ? 78  VAL A N     1 
ATOM   704  C CA    . VAL D 2 78  ? 9.815   8.442   9.216   1.00 12.20 ? 78  VAL A CA    1 
ATOM   705  C C     . VAL D 2 78  ? 8.676   7.415   9.263   1.00 12.32 ? 78  VAL A C     1 
ATOM   706  O O     . VAL D 2 78  ? 7.516   7.780   9.412   1.00 10.68 ? 78  VAL A O     1 
ATOM   707  C CB    . VAL D 2 78  ? 10.017  8.971   10.655  1.00 11.95 ? 78  VAL A CB    1 
ATOM   708  C CG1   . VAL D 2 78  ? 10.317  7.831   11.589  1.00 15.22 ? 78  VAL A CG1   1 
ATOM   709  C CG2   . VAL D 2 78  ? 11.141  9.935   10.696  1.00 16.65 ? 78  VAL A CG2   1 
ATOM   710  N N     . VAL D 2 79  ? 8.995   6.147   9.070   1.00 12.26 ? 79  VAL A N     1 
ATOM   711  C CA    . VAL D 2 79  ? 7.967   5.120   9.118   1.00 13.82 ? 79  VAL A CA    1 
ATOM   712  C C     . VAL D 2 79  ? 8.218   4.242   10.330  1.00 10.09 ? 79  VAL A C     1 
ATOM   713  O O     . VAL D 2 79  ? 9.305   3.705   10.506  1.00 11.22 ? 79  VAL A O     1 
ATOM   714  C CB    . VAL D 2 79  ? 7.889   4.286   7.786   1.00 12.95 ? 79  VAL A CB    1 
ATOM   715  C CG1   . VAL D 2 79  ? 6.897   3.151   7.918   1.00 10.99 ? 79  VAL A CG1   1 
ATOM   716  C CG2   . VAL D 2 79  ? 7.424   5.192   6.633   1.00 13.32 ? 79  VAL A CG2   1 
ATOM   717  N N     . PHE D 2 80  ? 7.247   4.217   11.231  1.00 12.20 ? 80  PHE A N     1 
ATOM   718  C CA    . PHE D 2 80  ? 7.341   3.402   12.438  1.00 17.07 ? 80  PHE A CA    1 
ATOM   719  C C     . PHE D 2 80  ? 6.152   2.443   12.464  1.00 16.93 ? 80  PHE A C     1 
ATOM   720  O O     . PHE D 2 80  ? 5.176   2.653   11.725  1.00 19.28 ? 80  PHE A O     1 
ATOM   721  C CB    . PHE D 2 80  ? 7.360   4.281   13.691  1.00 11.03 ? 80  PHE A CB    1 
ATOM   722  C CG    . PHE D 2 80  ? 6.169   5.165   13.824  1.00 13.28 ? 80  PHE A CG    1 
ATOM   723  C CD1   . PHE D 2 80  ? 5.015   4.706   14.450  1.00 12.81 ? 80  PHE A CD1   1 
ATOM   724  C CD2   . PHE D 2 80  ? 6.191   6.459   13.316  1.00 11.01 ? 80  PHE A CD2   1 
ATOM   725  C CE1   . PHE D 2 80  ? 3.903   5.511   14.565  1.00 12.62 ? 80  PHE A CE1   1 
ATOM   726  C CE2   . PHE D 2 80  ? 5.084   7.277   13.425  1.00 12.96 ? 80  PHE A CE2   1 
ATOM   727  C CZ    . PHE D 2 80  ? 3.931   6.800   14.052  1.00 12.98 ? 80  PHE A CZ    1 
ATOM   728  N N     . ASN D 2 81  ? 6.243   1.377   13.262  1.00 19.30 ? 81  ASN A N     1 
ATOM   729  C CA    . ASN D 2 81  ? 5.153   0.412   13.344  1.00 14.25 ? 81  ASN A CA    1 
ATOM   730  C C     . ASN D 2 81  ? 4.321   0.537   14.609  1.00 17.23 ? 81  ASN A C     1 
ATOM   731  O O     . ASN D 2 81  ? 4.573   1.401   15.462  1.00 15.63 ? 81  ASN A O     1 
ATOM   732  C CB    . ASN D 2 81  ? 5.658   -1.015  13.139  1.00 12.17 ? 81  ASN A CB    1 
ATOM   733  C CG    . ASN D 2 81  ? 6.467   -1.547  14.309  1.00 11.58 ? 81  ASN A CG    1 
ATOM   734  O OD1   . ASN D 2 81  ? 6.496   -0.964  15.400  1.00 11.03 ? 81  ASN A OD1   1 
ATOM   735  N ND2   . ASN D 2 81  ? 7.111   -2.695  14.093  1.00 14.45 ? 81  ASN A ND2   1 
ATOM   736  N N     . GLU D 2 82  ? 3.323   -0.330  14.720  1.00 20.06 ? 82  GLU A N     1 
ATOM   737  C CA    . GLU D 2 82  ? 2.407   -0.366  15.855  1.00 20.59 ? 82  GLU A CA    1 
ATOM   738  C C     . GLU D 2 82  ? 3.110   -0.407  17.208  1.00 25.07 ? 82  GLU A C     1 
ATOM   739  O O     . GLU D 2 82  ? 2.574   0.088   18.208  1.00 25.96 ? 82  GLU A O     1 
ATOM   740  C CB    . GLU D 2 82  ? 1.520   -1.603  15.738  1.00 28.63 ? 82  GLU A CB    1 
ATOM   741  C CG    . GLU D 2 82  ? 0.247   -1.551  16.569  1.00 35.49 ? 82  GLU A CG    1 
ATOM   742  C CD    . GLU D 2 82  ? -0.815  -0.661  15.946  1.00 39.54 ? 82  GLU A CD    1 
ATOM   743  O OE1   . GLU D 2 82  ? -1.164  -0.901  14.773  1.00 46.71 ? 82  GLU A OE1   1 
ATOM   744  O OE2   . GLU D 2 82  ? -1.311  0.266   16.623  1.00 39.55 ? 82  GLU A OE2   1 
ATOM   745  N N     . ASN D 2 83  ? 4.302   -1.002  17.238  1.00 25.11 ? 83  ASN A N     1 
ATOM   746  C CA    . ASN D 2 83  ? 5.064   -1.134  18.476  1.00 27.06 ? 83  ASN A CA    1 
ATOM   747  C C     . ASN D 2 83  ? 6.079   -0.048  18.778  1.00 26.58 ? 83  ASN A C     1 
ATOM   748  O O     . ASN D 2 83  ? 6.838   -0.168  19.734  1.00 23.33 ? 83  ASN A O     1 
ATOM   749  C CB    . ASN D 2 83  ? 5.765   -2.482  18.515  1.00 32.33 ? 83  ASN A CB    1 
ATOM   750  C CG    . ASN D 2 83  ? 4.795   -3.636  18.600  1.00 38.90 ? 83  ASN A CG    1 
ATOM   751  O OD1   . ASN D 2 83  ? 4.974   -4.651  17.923  1.00 43.87 ? 83  ASN A OD1   1 
ATOM   752  N ND2   . ASN D 2 83  ? 3.755   -3.494  19.430  1.00 36.45 ? 83  ASN A ND2   1 
ATOM   753  N N     . ASN D 2 84  ? 6.061   1.027   18.002  1.00 22.40 ? 84  ASN A N     1 
ATOM   754  C CA    . ASN D 2 84  ? 7.012   2.114   18.188  1.00 20.87 ? 84  ASN A CA    1 
ATOM   755  C C     . ASN D 2 84  ? 8.428   1.653   17.857  1.00 22.25 ? 84  ASN A C     1 
ATOM   756  O O     . ASN D 2 84  ? 9.363   1.884   18.619  1.00 20.58 ? 84  ASN A O     1 
ATOM   757  C CB    . ASN D 2 84  ? 6.975   2.630   19.612  1.00 17.61 ? 84  ASN A CB    1 
ATOM   758  C CG    . ASN D 2 84  ? 7.690   3.935   19.762  1.00 16.98 ? 84  ASN A CG    1 
ATOM   759  O OD1   . ASN D 2 84  ? 7.920   4.637   18.784  1.00 9.84  ? 84  ASN A OD1   1 
ATOM   760  N ND2   . ASN D 2 84  ? 8.017   4.297   21.006  1.00 21.29 ? 84  ASN A ND2   1 
ATOM   761  N N     . GLN D 2 85  ? 8.548   0.923   16.755  1.00 21.69 ? 85  GLN A N     1 
ATOM   762  C CA    . GLN D 2 85  ? 9.829   0.436   16.272  1.00 21.52 ? 85  GLN A CA    1 
ATOM   763  C C     . GLN D 2 85  ? 10.035  1.122   14.939  1.00 22.22 ? 85  GLN A C     1 
ATOM   764  O O     . GLN D 2 85  ? 9.103   1.175   14.129  1.00 23.63 ? 85  GLN A O     1 
ATOM   765  C CB    . GLN D 2 85  ? 9.784   -1.072  16.048  1.00 24.76 ? 85  GLN A CB    1 
ATOM   766  C CG    . GLN D 2 85  ? 9.529   -1.888  17.297  1.00 27.45 ? 85  GLN A CG    1 
ATOM   767  C CD    . GLN D 2 85  ? 9.517   -3.364  16.998  1.00 29.14 ? 85  GLN A CD    1 
ATOM   768  O OE1   . GLN D 2 85  ? 8.611   -3.864  16.330  1.00 36.26 ? 85  GLN A OE1   1 
ATOM   769  N NE2   . GLN D 2 85  ? 10.543  -4.068  17.452  1.00 31.57 ? 85  GLN A NE2   1 
ATOM   770  N N     . LEU D 2 86  ? 11.230  1.657   14.712  1.00 16.11 ? 86  LEU A N     1 
ATOM   771  C CA    . LEU D 2 86  ? 11.521  2.338   13.466  1.00 16.08 ? 86  LEU A CA    1 
ATOM   772  C C     . LEU D 2 86  ? 11.623  1.345   12.321  1.00 14.78 ? 86  LEU A C     1 
ATOM   773  O O     . LEU D 2 86  ? 12.349  0.367   12.412  1.00 13.79 ? 86  LEU A O     1 
ATOM   774  C CB    . LEU D 2 86  ? 12.819  3.151   13.584  1.00 17.22 ? 86  LEU A CB    1 
ATOM   775  C CG    . LEU D 2 86  ? 13.344  3.853   12.323  1.00 17.14 ? 86  LEU A CG    1 
ATOM   776  C CD1   . LEU D 2 86  ? 12.414  4.981   11.928  1.00 15.06 ? 86  LEU A CD1   1 
ATOM   777  C CD2   . LEU D 2 86  ? 14.762  4.374   12.549  1.00 14.77 ? 86  LEU A CD2   1 
ATOM   778  N N     . ALA D 2 87  ? 10.870  1.596   11.254  1.00 17.24 ? 87  ALA A N     1 
ATOM   779  C CA    . ALA D 2 87  ? 10.889  0.741   10.072  1.00 16.74 ? 87  ALA A CA    1 
ATOM   780  C C     . ALA D 2 87  ? 11.819  1.329   9.014   1.00 15.59 ? 87  ALA A C     1 
ATOM   781  O O     . ALA D 2 87  ? 12.486  0.584   8.304   1.00 19.50 ? 87  ALA A O     1 
ATOM   782  C CB    . ALA D 2 87  ? 9.498   0.585   9.512   1.00 18.94 ? 87  ALA A CB    1 
ATOM   783  N N     . GLY D 2 88  ? 11.852  2.658   8.906   1.00 13.44 ? 88  GLY A N     1 
ATOM   784  C CA    . GLY D 2 88  ? 12.709  3.315   7.930   1.00 10.24 ? 88  GLY A CA    1 
ATOM   785  C C     . GLY D 2 88  ? 12.422  4.793   7.743   1.00 7.33  ? 88  GLY A C     1 
ATOM   786  O O     . GLY D 2 88  ? 11.431  5.314   8.255   1.00 10.70 ? 88  GLY A O     1 
ATOM   787  N N     . VAL D 2 89  ? 13.341  5.484   7.071   1.00 8.99  ? 89  VAL A N     1 
ATOM   788  C CA    . VAL D 2 89  ? 13.228  6.909   6.750   1.00 8.52  ? 89  VAL A CA    1 
ATOM   789  C C     . VAL D 2 89  ? 13.164  6.919   5.217   1.00 9.91  ? 89  VAL A C     1 
ATOM   790  O O     . VAL D 2 89  ? 14.048  6.375   4.556   1.00 7.43  ? 89  VAL A O     1 
ATOM   791  C CB    . VAL D 2 89  ? 14.465  7.712   7.212   1.00 11.00 ? 89  VAL A CB    1 
ATOM   792  C CG1   . VAL D 2 89  ? 14.292  9.171   6.886   1.00 8.40  ? 89  VAL A CG1   1 
ATOM   793  C CG2   . VAL D 2 89  ? 14.681  7.545   8.708   1.00 9.10  ? 89  VAL A CG2   1 
ATOM   794  N N     . ILE D 2 90  ? 12.095  7.490   4.663   1.00 12.20 ? 90  ILE A N     1 
ATOM   795  C CA    . ILE D 2 90  ? 11.885  7.505   3.212   1.00 13.32 ? 90  ILE A CA    1 
ATOM   796  C C     . ILE D 2 90  ? 11.655  8.907   2.647   1.00 11.86 ? 90  ILE A C     1 
ATOM   797  O O     . ILE D 2 90  ? 11.363  9.841   3.382   1.00 15.12 ? 90  ILE A O     1 
ATOM   798  C CB    . ILE D 2 90  ? 10.689  6.599   2.841   1.00 12.95 ? 90  ILE A CB    1 
ATOM   799  C CG1   . ILE D 2 90  ? 9.409   7.156   3.472   1.00 12.63 ? 90  ILE A CG1   1 
ATOM   800  C CG2   . ILE D 2 90  ? 10.941  5.169   3.330   1.00 10.66 ? 90  ILE A CG2   1 
ATOM   801  C CD1   . ILE D 2 90  ? 8.186   6.330   3.208   1.00 11.57 ? 90  ILE A CD1   1 
ATOM   802  N N     . THR D 2 91  ? 11.749  9.052   1.335   1.00 10.96 ? 91  THR A N     1 
ATOM   803  C CA    . THR D 2 91  ? 11.567  10.366  0.757   1.00 11.12 ? 91  THR A CA    1 
ATOM   804  C C     . THR D 2 91  ? 11.022  10.373  -0.665  1.00 10.68 ? 91  THR A C     1 
ATOM   805  O O     . THR D 2 91  ? 11.270  9.456   -1.446  1.00 9.06  ? 91  THR A O     1 
ATOM   806  C CB    . THR D 2 91  ? 12.907  11.166  0.787   1.00 13.67 ? 91  THR A CB    1 
ATOM   807  O OG1   . THR D 2 91  ? 12.686  12.499  0.304   1.00 11.48 ? 91  THR A OG1   1 
ATOM   808  C CG2   . THR D 2 91  ? 13.974  10.482  -0.072  1.00 10.92 ? 91  THR A CG2   1 
ATOM   809  N N     . HIS D 2 92  ? 10.248  11.414  -0.971  1.00 12.02 ? 92  HIS A N     1 
ATOM   810  C CA    . HIS D 2 92  ? 9.671   11.629  -2.294  1.00 13.11 ? 92  HIS A CA    1 
ATOM   811  C C     . HIS D 2 92  ? 10.775  12.127  -3.220  1.00 14.34 ? 92  HIS A C     1 
ATOM   812  O O     . HIS D 2 92  ? 10.664  12.009  -4.445  1.00 13.32 ? 92  HIS A O     1 
ATOM   813  C CB    . HIS D 2 92  ? 8.575   12.706  -2.238  1.00 11.08 ? 92  HIS A CB    1 
ATOM   814  C CG    . HIS D 2 92  ? 7.243   12.195  -1.793  1.00 12.03 ? 92  HIS A CG    1 
ATOM   815  N ND1   . HIS D 2 92  ? 6.653   11.088  -2.354  1.00 12.93 ? 92  HIS A ND1   1 
ATOM   816  C CD2   . HIS D 2 92  ? 6.403   12.633  -0.826  1.00 11.13 ? 92  HIS A CD2   1 
ATOM   817  C CE1   . HIS D 2 92  ? 5.497   10.859  -1.749  1.00 13.10 ? 92  HIS A CE1   1 
ATOM   818  N NE2   . HIS D 2 92  ? 5.326   11.781  -0.822  1.00 9.66  ? 92  HIS A NE2   1 
ATOM   819  N N     . THR D 2 93  ? 11.794  12.760  -2.629  1.00 16.42 ? 93  THR A N     1 
ATOM   820  C CA    . THR D 2 93  ? 12.924  13.303  -3.390  1.00 15.00 ? 93  THR A CA    1 
ATOM   821  C C     . THR D 2 93  ? 13.639  12.182  -4.122  1.00 13.58 ? 93  THR A C     1 
ATOM   822  O O     . THR D 2 93  ? 14.143  11.264  -3.505  1.00 18.36 ? 93  THR A O     1 
ATOM   823  C CB    . THR D 2 93  ? 13.927  14.037  -2.474  1.00 16.26 ? 93  THR A CB    1 
ATOM   824  O OG1   . THR D 2 93  ? 13.254  15.098  -1.788  1.00 17.05 ? 93  THR A OG1   1 
ATOM   825  C CG2   . THR D 2 93  ? 15.070  14.625  -3.282  1.00 16.63 ? 93  THR A CG2   1 
ATOM   826  N N     . GLY D 2 94  ? 13.662  12.258  -5.442  1.00 14.91 ? 94  GLY A N     1 
ATOM   827  C CA    . GLY D 2 94  ? 14.302  11.223  -6.228  1.00 19.48 ? 94  GLY A CA    1 
ATOM   828  C C     . GLY D 2 94  ? 13.329  10.168  -6.724  1.00 20.21 ? 94  GLY A C     1 
ATOM   829  O O     . GLY D 2 94  ? 13.694  9.313   -7.523  1.00 24.08 ? 94  GLY A O     1 
ATOM   830  N N     . ALA D 2 95  ? 12.098  10.194  -6.235  1.00 21.11 ? 95  ALA A N     1 
ATOM   831  C CA    . ALA D 2 95  ? 11.103  9.224   -6.675  1.00 21.41 ? 95  ALA A CA    1 
ATOM   832  C C     . ALA D 2 95  ? 10.108  9.924   -7.607  1.00 21.80 ? 95  ALA A C     1 
ATOM   833  O O     . ALA D 2 95  ? 9.965   11.154  -7.572  1.00 25.31 ? 95  ALA A O     1 
ATOM   834  C CB    . ALA D 2 95  ? 10.393  8.611   -5.472  1.00 16.22 ? 95  ALA A CB    1 
ATOM   835  N N     . SER D 2 96  ? 9.452   9.145   -8.465  1.00 22.54 ? 96  SER A N     1 
ATOM   836  C CA    . SER D 2 96  ? 8.472   9.683   -9.413  1.00 23.61 ? 96  SER A CA    1 
ATOM   837  C C     . SER D 2 96  ? 7.071   9.805   -8.820  1.00 22.87 ? 96  SER A C     1 
ATOM   838  O O     . SER D 2 96  ? 6.642   8.959   -8.030  1.00 22.24 ? 96  SER A O     1 
ATOM   839  C CB    . SER D 2 96  ? 8.400   8.810   -10.664 1.00 23.30 ? 96  SER A CB    1 
ATOM   840  O OG    . SER D 2 96  ? 9.647   8.787   -11.323 1.00 34.69 ? 96  SER A OG    1 
ATOM   841  N N     . GLY D 2 97  ? 6.351   10.840  -9.245  1.00 22.76 ? 97  GLY A N     1 
ATOM   842  C CA    . GLY D 2 97  ? 5.004   11.055  -8.770  1.00 20.81 ? 97  GLY A CA    1 
ATOM   843  C C     . GLY D 2 97  ? 4.910   11.024  -7.268  1.00 21.22 ? 97  GLY A C     1 
ATOM   844  O O     . GLY D 2 97  ? 5.613   11.755  -6.587  1.00 23.74 ? 97  GLY A O     1 
ATOM   845  N N     . ASN D 2 98  ? 4.057   10.153  -6.747  1.00 20.93 ? 98  ASN A N     1 
ATOM   846  C CA    . ASN D 2 98  ? 3.887   10.041  -5.302  1.00 18.03 ? 98  ASN A CA    1 
ATOM   847  C C     . ASN D 2 98  ? 4.641   8.891   -4.678  1.00 10.93 ? 98  ASN A C     1 
ATOM   848  O O     . ASN D 2 98  ? 4.444   8.566   -3.511  1.00 10.17 ? 98  ASN A O     1 
ATOM   849  C CB    . ASN D 2 98  ? 2.410   9.956   -4.938  1.00 23.20 ? 98  ASN A CB    1 
ATOM   850  C CG    . ASN D 2 98  ? 1.737   11.298  -4.976  1.00 24.41 ? 98  ASN A CG    1 
ATOM   851  O OD1   . ASN D 2 98  ? 2.127   12.217  -4.250  1.00 26.94 ? 98  ASN A OD1   1 
ATOM   852  N ND2   . ASN D 2 98  ? 0.731   11.434  -5.834  1.00 26.77 ? 98  ASN A ND2   1 
ATOM   853  N N     . ASN D 2 99  ? 5.552   8.308   -5.440  1.00 13.30 ? 99  ASN A N     1 
ATOM   854  C CA    . ASN D 2 99  ? 6.350   7.205   -4.940  1.00 12.76 ? 99  ASN A CA    1 
ATOM   855  C C     . ASN D 2 99  ? 7.396   7.723   -3.978  1.00 10.33 ? 99  ASN A C     1 
ATOM   856  O O     . ASN D 2 99  ? 7.631   8.940   -3.869  1.00 7.57  ? 99  ASN A O     1 
ATOM   857  C CB    . ASN D 2 99  ? 7.048   6.468   -6.078  1.00 15.70 ? 99  ASN A CB    1 
ATOM   858  C CG    . ASN D 2 99  ? 6.076   5.846   -7.058  1.00 20.01 ? 99  ASN A CG    1 
ATOM   859  O OD1   . ASN D 2 99  ? 4.942   5.536   -6.714  1.00 24.77 ? 99  ASN A OD1   1 
ATOM   860  N ND2   . ASN D 2 99  ? 6.523   5.664   -8.291  1.00 24.79 ? 99  ASN A ND2   1 
ATOM   861  N N     . PHE D 2 100 ? 8.015   6.782   -3.280  1.00 10.41 ? 100 PHE A N     1 
ATOM   862  C CA    . PHE D 2 100 ? 9.062   7.055   -2.298  1.00 12.90 ? 100 PHE A CA    1 
ATOM   863  C C     . PHE D 2 100 ? 10.277  6.207   -2.657  1.00 14.03 ? 100 PHE A C     1 
ATOM   864  O O     . PHE D 2 100 ? 10.187  5.284   -3.474  1.00 14.98 ? 100 PHE A O     1 
ATOM   865  C CB    . PHE D 2 100 ? 8.650   6.586   -0.895  1.00 10.83 ? 100 PHE A CB    1 
ATOM   866  C CG    . PHE D 2 100 ? 7.696   7.473   -0.197  1.00 12.16 ? 100 PHE A CG    1 
ATOM   867  C CD1   . PHE D 2 100 ? 8.101   8.707   0.282   1.00 12.66 ? 100 PHE A CD1   1 
ATOM   868  C CD2   . PHE D 2 100 ? 6.395   7.044   0.058   1.00 10.36 ? 100 PHE A CD2   1 
ATOM   869  C CE1   . PHE D 2 100 ? 7.217   9.507   1.020   1.00 10.10 ? 100 PHE A CE1   1 
ATOM   870  C CE2   . PHE D 2 100 ? 5.517   7.828   0.784   1.00 9.81  ? 100 PHE A CE2   1 
ATOM   871  C CZ    . PHE D 2 100 ? 5.932   9.064   1.267   1.00 10.27 ? 100 PHE A CZ    1 
ATOM   872  N N     . VAL D 2 101 ? 11.405  6.543   -2.047  1.00 17.15 ? 101 VAL A N     1 
ATOM   873  C CA    . VAL D 2 101 ? 12.652  5.800   -2.170  1.00 14.30 ? 101 VAL A CA    1 
ATOM   874  C C     . VAL D 2 101 ? 13.181  5.908   -0.744  1.00 14.92 ? 101 VAL A C     1 
ATOM   875  O O     . VAL D 2 101 ? 12.764  6.805   0.008   1.00 15.96 ? 101 VAL A O     1 
ATOM   876  C CB    . VAL D 2 101 ? 13.677  6.416   -3.151  1.00 11.76 ? 101 VAL A CB    1 
ATOM   877  C CG1   . VAL D 2 101 ? 13.144  6.377   -4.569  1.00 14.68 ? 101 VAL A CG1   1 
ATOM   878  C CG2   . VAL D 2 101 ? 14.048  7.820   -2.729  1.00 11.70 ? 101 VAL A CG2   1 
ATOM   879  N N     . GLU D 2 102 ? 13.998  4.947   -0.330  1.00 15.20 ? 102 GLU A N     1 
ATOM   880  C CA    . GLU D 2 102 ? 14.581  4.964   1.010   1.00 15.24 ? 102 GLU A CA    1 
ATOM   881  C C     . GLU D 2 102 ? 15.752  5.946   1.083   1.00 16.23 ? 102 GLU A C     1 
ATOM   882  O O     . GLU D 2 102 ? 16.502  6.106   0.119   1.00 17.60 ? 102 GLU A O     1 
ATOM   883  C CB    . GLU D 2 102 ? 15.096  3.578   1.388   1.00 18.48 ? 102 GLU A CB    1 
ATOM   884  C CG    . GLU D 2 102 ? 14.067  2.645   1.974   1.00 22.99 ? 102 GLU A CG    1 
ATOM   885  C CD    . GLU D 2 102 ? 14.717  1.438   2.643   1.00 28.16 ? 102 GLU A CD    1 
ATOM   886  O OE1   . GLU D 2 102 ? 15.310  1.605   3.737   1.00 32.47 ? 102 GLU A OE1   1 
ATOM   887  O OE2   . GLU D 2 102 ? 14.642  0.322   2.079   1.00 28.49 ? 102 GLU A OE2   1 
ATOM   888  N N     . CYS D 2 103 ? 15.892  6.603   2.228   1.00 17.80 ? 103 CYS A N     1 
ATOM   889  C CA    . CYS D 2 103 ? 16.989  7.539   2.466   1.00 19.82 ? 103 CYS A CA    1 
ATOM   890  C C     . CYS D 2 103 ? 18.213  6.697   2.820   1.00 22.87 ? 103 CYS A C     1 
ATOM   891  O O     . CYS D 2 103 ? 18.130  5.808   3.671   1.00 27.37 ? 103 CYS A O     1 
ATOM   892  C CB    . CYS D 2 103 ? 16.643  8.489   3.613   1.00 14.03 ? 103 CYS A CB    1 
ATOM   893  S SG    . CYS D 2 103 ? 15.280  9.604   3.187   1.00 14.16 ? 103 CYS A SG    1 
ATOM   894  N N     . THR D 2 104 ? 19.330  6.954   2.142   1.00 25.05 ? 104 THR A N     1 
ATOM   895  C CA    . THR D 2 104 ? 20.561  6.193   2.361   1.00 27.61 ? 104 THR A CA    1 
ATOM   896  C C     . THR D 2 104 ? 21.291  6.531   3.661   1.00 25.44 ? 104 THR A C     1 
ATOM   897  O O     . THR D 2 104 ? 21.871  5.603   4.269   1.00 25.65 ? 104 THR A O     1 
ATOM   898  C CB    . THR D 2 104 ? 21.510  6.368   1.187   1.00 27.70 ? 104 THR A CB    1 
ATOM   899  O OG1   . THR D 2 104 ? 21.555  7.749   0.820   1.00 35.54 ? 104 THR A OG1   1 
ATOM   900  C CG2   . THR D 2 104 ? 21.020  5.583   0.012   1.00 37.35 ? 104 THR A CG2   1 
ATOM   901  O OXT   . THR D 2 104 ? 21.269  7.709   4.058   1.00 23.01 ? 104 THR A OXT   1 
ATOM   902  N N     . ALA E 2 1   ? -9.777  -18.783 -24.602 1.00 47.95 ? 1   ALA B N     1 
ATOM   903  C CA    . ALA E 2 1   ? -10.242 -17.369 -24.722 1.00 46.27 ? 1   ALA B CA    1 
ATOM   904  C C     . ALA E 2 1   ? -9.543  -16.465 -23.708 1.00 45.32 ? 1   ALA B C     1 
ATOM   905  O O     . ALA E 2 1   ? -9.768  -16.577 -22.496 1.00 44.41 ? 1   ALA B O     1 
ATOM   906  C CB    . ALA E 2 1   ? -11.759 -17.296 -24.545 1.00 44.08 ? 1   ALA B CB    1 
ATOM   907  N N     . CYS E 2 2   ? -8.641  -15.625 -24.206 1.00 42.78 ? 2   CYS B N     1 
ATOM   908  C CA    . CYS E 2 2   ? -7.924  -14.693 -23.350 1.00 41.85 ? 2   CYS B CA    1 
ATOM   909  C C     . CYS E 2 2   ? -8.645  -13.369 -23.414 1.00 39.00 ? 2   CYS B C     1 
ATOM   910  O O     . CYS E 2 2   ? -8.529  -12.642 -24.404 1.00 43.51 ? 2   CYS B O     1 
ATOM   911  C CB    . CYS E 2 2   ? -6.490  -14.490 -23.832 1.00 41.51 ? 2   CYS B CB    1 
ATOM   912  S SG    . CYS E 2 2   ? -5.516  -16.012 -23.891 1.00 44.18 ? 2   CYS B SG    1 
ATOM   913  N N     . ASP E 2 3   ? -9.454  -13.088 -22.403 1.00 33.93 ? 3   ASP B N     1 
ATOM   914  C CA    . ASP E 2 3   ? -10.186 -11.831 -22.370 1.00 30.32 ? 3   ASP B CA    1 
ATOM   915  C C     . ASP E 2 3   ? -9.302  -10.861 -21.579 1.00 29.32 ? 3   ASP B C     1 
ATOM   916  O O     . ASP E 2 3   ? -9.407  -9.621  -21.758 1.00 27.46 ? 3   ASP B O     1 
ATOM   917  C CB    . ASP E 2 3   ? -11.543 -12.052 -21.729 1.00 29.64 ? 3   ASP B CB    1 
ATOM   918  C CG    . ASP E 2 3   ? -12.441 -12.887 -22.618 1.00 32.57 ? 3   ASP B CG    1 
ATOM   919  O OD1   . ASP E 2 3   ? -12.753 -12.423 -23.737 1.00 38.85 ? 3   ASP B OD1   1 
ATOM   920  O OD2   . ASP E 2 3   ? -12.808 -14.012 -22.231 1.00 31.63 ? 3   ASP B OD2   1 
ATOM   921  N N     . TYR E 2 4   ? -8.489  -11.430 -20.751 1.00 27.69 ? 4   TYR B N     1 
ATOM   922  C CA    . TYR E 2 4   ? -7.548  -10.660 -19.949 1.00 24.75 ? 4   TYR B CA    1 
ATOM   923  C C     . TYR E 2 4   ? -6.204  -11.331 -19.991 1.00 25.78 ? 4   TYR B C     1 
ATOM   924  O O     . TYR E 2 4   ? -6.083  -12.534 -19.730 1.00 25.60 ? 4   TYR B O     1 
ATOM   925  C CB    . TYR E 2 4   ? -8.018  -10.534 -18.515 1.00 23.65 ? 4   TYR B CB    1 
ATOM   926  C CG    . TYR E 2 4   ? -9.264  -9.713  -18.367 1.00 21.98 ? 4   TYR B CG    1 
ATOM   927  C CD1   . TYR E 2 4   ? -9.197  -8.324  -18.340 1.00 27.26 ? 4   TYR B CD1   1 
ATOM   928  C CD2   . TYR E 2 4   ? -10.517 -10.317 -18.261 1.00 17.49 ? 4   TYR B CD2   1 
ATOM   929  C CE1   . TYR E 2 4   ? -10.364 -7.544  -18.202 1.00 25.18 ? 4   TYR B CE1   1 
ATOM   930  C CE2   . TYR E 2 4   ? -11.666 -9.556  -18.124 1.00 14.64 ? 4   TYR B CE2   1 
ATOM   931  C CZ    . TYR E 2 4   ? -11.585 -8.178  -18.090 1.00 18.89 ? 4   TYR B CZ    1 
ATOM   932  O OH    . TYR E 2 4   ? -12.711 -7.425  -17.933 1.00 20.01 ? 4   TYR B OH    1 
ATOM   933  N N     . THR E 2 5   ? -5.193  -10.567 -20.368 1.00 25.29 ? 5   THR B N     1 
ATOM   934  C CA    . THR E 2 5   ? -3.830  -11.085 -20.393 1.00 24.42 ? 5   THR B CA    1 
ATOM   935  C C     . THR E 2 5   ? -2.982  -10.342 -19.325 1.00 19.22 ? 5   THR B C     1 
ATOM   936  O O     . THR E 2 5   ? -2.774  -9.130  -19.399 1.00 15.43 ? 5   THR B O     1 
ATOM   937  C CB    . THR E 2 5   ? -3.200  -10.913 -21.790 1.00 28.88 ? 5   THR B CB    1 
ATOM   938  O OG1   . THR E 2 5   ? -4.155  -11.299 -22.790 1.00 36.88 ? 5   THR B OG1   1 
ATOM   939  C CG2   . THR E 2 5   ? -1.972  -11.816 -21.920 1.00 32.68 ? 5   THR B CG2   1 
ATOM   940  N N     . CYS E 2 6   ? -2.583  -11.056 -18.264 1.00 15.77 ? 6   CYS B N     1 
ATOM   941  C CA    . CYS E 2 6   ? -1.741  -10.496 -17.201 1.00 16.73 ? 6   CYS B CA    1 
ATOM   942  C C     . CYS E 2 6   ? -0.352  -11.102 -17.347 1.00 15.09 ? 6   CYS B C     1 
ATOM   943  O O     . CYS E 2 6   ? -0.114  -12.231 -16.890 1.00 15.10 ? 6   CYS B O     1 
ATOM   944  C CB    . CYS E 2 6   ? -2.289  -10.838 -15.828 1.00 16.65 ? 6   CYS B CB    1 
ATOM   945  S SG    . CYS E 2 6   ? -4.002  -10.346 -15.534 1.00 19.91 ? 6   CYS B SG    1 
ATOM   946  N N     . GLY E 2 7   ? 0.577   -10.349 -17.915 1.00 14.58 ? 7   GLY B N     1 
ATOM   947  C CA    . GLY E 2 7   ? 1.907   -10.870 -18.137 1.00 9.96  ? 7   GLY B CA    1 
ATOM   948  C C     . GLY E 2 7   ? 1.710   -11.893 -19.250 1.00 13.86 ? 7   GLY B C     1 
ATOM   949  O O     . GLY E 2 7   ? 1.392   -11.540 -20.400 1.00 13.36 ? 7   GLY B O     1 
ATOM   950  N N     . SER E 2 8   ? 1.841   -13.171 -18.897 1.00 17.51 ? 8   SER B N     1 
ATOM   951  C CA    . SER E 2 8   ? 1.656   -14.282 -19.828 1.00 18.90 ? 8   SER B CA    1 
ATOM   952  C C     . SER E 2 8   ? 0.490   -15.169 -19.356 1.00 20.23 ? 8   SER B C     1 
ATOM   953  O O     . SER E 2 8   ? 0.260   -16.267 -19.884 1.00 24.85 ? 8   SER B O     1 
ATOM   954  C CB    . SER E 2 8   ? 2.956   -15.108 -20.005 1.00 17.04 ? 8   SER B CB    1 
ATOM   955  O OG    . SER E 2 8   ? 3.481   -15.611 -18.779 1.00 19.13 ? 8   SER B OG    1 
ATOM   956  N N     . ASN E 2 9   ? -0.234  -14.694 -18.347 1.00 18.94 ? 9   ASN B N     1 
ATOM   957  C CA    . ASN E 2 9   ? -1.376  -15.424 -17.826 1.00 17.05 ? 9   ASN B CA    1 
ATOM   958  C C     . ASN E 2 9   ? -2.628  -14.967 -18.546 1.00 17.42 ? 9   ASN B C     1 
ATOM   959  O O     . ASN E 2 9   ? -2.928  -13.771 -18.596 1.00 17.31 ? 9   ASN B O     1 
ATOM   960  C CB    . ASN E 2 9   ? -1.512  -15.229 -16.316 1.00 15.10 ? 9   ASN B CB    1 
ATOM   961  C CG    . ASN E 2 9   ? -0.431  -15.932 -15.550 1.00 13.60 ? 9   ASN B CG    1 
ATOM   962  O OD1   . ASN E 2 9   ? 0.263   -16.770 -16.100 1.00 16.12 ? 9   ASN B OD1   1 
ATOM   963  N ND2   . ASN E 2 9   ? -0.262  -15.588 -14.275 1.00 13.71 ? 9   ASN B ND2   1 
ATOM   964  N N     . CYS E 2 10  ? -3.306  -15.927 -19.165 1.00 22.11 ? 10  CYS B N     1 
ATOM   965  C CA    . CYS E 2 10  ? -4.545  -15.688 -19.894 1.00 24.97 ? 10  CYS B CA    1 
ATOM   966  C C     . CYS E 2 10  ? -5.769  -15.979 -19.049 1.00 22.99 ? 10  CYS B C     1 
ATOM   967  O O     . CYS E 2 10  ? -5.890  -17.067 -18.491 1.00 19.33 ? 10  CYS B O     1 
ATOM   968  C CB    . CYS E 2 10  ? -4.597  -16.571 -21.115 1.00 27.79 ? 10  CYS B CB    1 
ATOM   969  S SG    . CYS E 2 10  ? -4.043  -15.671 -22.555 1.00 35.30 ? 10  CYS B SG    1 
ATOM   970  N N     . TYR E 2 11  ? -6.662  -14.998 -18.951 1.00 22.48 ? 11  TYR B N     1 
ATOM   971  C CA    . TYR E 2 11  ? -7.894  -15.139 -18.184 1.00 19.19 ? 11  TYR B CA    1 
ATOM   972  C C     . TYR E 2 11  ? -9.114  -14.857 -19.043 1.00 18.64 ? 11  TYR B C     1 
ATOM   973  O O     . TYR E 2 11  ? -9.127  -13.930 -19.859 1.00 17.25 ? 11  TYR B O     1 
ATOM   974  C CB    . TYR E 2 11  ? -7.880  -14.227 -16.957 1.00 19.03 ? 11  TYR B CB    1 
ATOM   975  C CG    . TYR E 2 11  ? -6.860  -14.644 -15.915 1.00 17.29 ? 11  TYR B CG    1 
ATOM   976  C CD1   . TYR E 2 11  ? -6.852  -15.941 -15.400 1.00 16.50 ? 11  TYR B CD1   1 
ATOM   977  C CD2   . TYR E 2 11  ? -5.880  -13.753 -15.467 1.00 16.85 ? 11  TYR B CD2   1 
ATOM   978  C CE1   . TYR E 2 11  ? -5.899  -16.345 -14.475 1.00 18.40 ? 11  TYR B CE1   1 
ATOM   979  C CE2   . TYR E 2 11  ? -4.921  -14.148 -14.542 1.00 17.94 ? 11  TYR B CE2   1 
ATOM   980  C CZ    . TYR E 2 11  ? -4.933  -15.449 -14.053 1.00 18.16 ? 11  TYR B CZ    1 
ATOM   981  O OH    . TYR E 2 11  ? -3.946  -15.868 -13.186 1.00 25.10 ? 11  TYR B OH    1 
ATOM   982  N N     . SER E 2 12  ? -10.109 -15.720 -18.922 1.00 19.00 ? 12  SER B N     1 
ATOM   983  C CA    . SER E 2 12  ? -11.335 -15.541 -19.674 1.00 22.09 ? 12  SER B CA    1 
ATOM   984  C C     . SER E 2 12  ? -12.353 -14.802 -18.803 1.00 18.76 ? 12  SER B C     1 
ATOM   985  O O     . SER E 2 12  ? -12.243 -14.808 -17.572 1.00 18.66 ? 12  SER B O     1 
ATOM   986  C CB    . SER E 2 12  ? -11.886 -16.904 -20.134 1.00 21.79 ? 12  SER B CB    1 
ATOM   987  O OG    . SER E 2 12  ? -12.493 -17.614 -19.070 1.00 21.02 ? 12  SER B OG    1 
ATOM   988  N N     . SER E 2 13  ? -13.347 -14.197 -19.448 1.00 15.54 ? 13  SER B N     1 
ATOM   989  C CA    . SER E 2 13  ? -14.406 -13.470 -18.770 1.00 18.14 ? 13  SER B CA    1 
ATOM   990  C C     . SER E 2 13  ? -15.148 -14.290 -17.705 1.00 17.99 ? 13  SER B C     1 
ATOM   991  O O     . SER E 2 13  ? -15.602 -13.746 -16.706 1.00 19.95 ? 13  SER B O     1 
ATOM   992  C CB    . SER E 2 13  ? -15.384 -12.955 -19.803 1.00 21.78 ? 13  SER B CB    1 
ATOM   993  O OG    . SER E 2 13  ? -15.565 -13.949 -20.792 1.00 35.16 ? 13  SER B OG    1 
ATOM   994  N N     . SER E 2 14  ? -15.276 -15.594 -17.906 1.00 19.10 ? 14  SER B N     1 
ATOM   995  C CA    . SER E 2 14  ? -15.950 -16.413 -16.912 1.00 20.79 ? 14  SER B CA    1 
ATOM   996  C C     . SER E 2 14  ? -15.007 -16.660 -15.743 1.00 20.94 ? 14  SER B C     1 
ATOM   997  O O     . SER E 2 14  ? -15.438 -16.701 -14.587 1.00 24.44 ? 14  SER B O     1 
ATOM   998  C CB    . SER E 2 14  ? -16.459 -17.723 -17.519 1.00 23.45 ? 14  SER B CB    1 
ATOM   999  O OG    . SER E 2 14  ? -15.424 -18.438 -18.169 1.00 33.40 ? 14  SER B OG    1 
ATOM   1000 N N     . ASP E 2 15  ? -13.710 -16.765 -16.041 1.00 24.25 ? 15  ASP B N     1 
ATOM   1001 C CA    . ASP E 2 15  ? -12.669 -16.966 -15.019 1.00 19.29 ? 15  ASP B CA    1 
ATOM   1002 C C     . ASP E 2 15  ? -12.732 -15.821 -14.037 1.00 12.09 ? 15  ASP B C     1 
ATOM   1003 O O     . ASP E 2 15  ? -12.661 -16.021 -12.839 1.00 15.36 ? 15  ASP B O     1 
ATOM   1004 C CB    . ASP E 2 15  ? -11.271 -16.965 -15.643 1.00 20.52 ? 15  ASP B CB    1 
ATOM   1005 C CG    . ASP E 2 15  ? -10.896 -18.291 -16.251 1.00 22.90 ? 15  ASP B CG    1 
ATOM   1006 O OD1   . ASP E 2 15  ? -11.462 -19.333 -15.839 1.00 27.67 ? 15  ASP B OD1   1 
ATOM   1007 O OD2   . ASP E 2 15  ? -10.010 -18.291 -17.138 1.00 22.91 ? 15  ASP B OD2   1 
ATOM   1008 N N     . VAL E 2 16  ? -12.859 -14.620 -14.576 1.00 11.46 ? 16  VAL B N     1 
ATOM   1009 C CA    . VAL E 2 16  ? -12.939 -13.410 -13.786 1.00 12.17 ? 16  VAL B CA    1 
ATOM   1010 C C     . VAL E 2 16  ? -14.233 -13.426 -12.981 1.00 13.51 ? 16  VAL B C     1 
ATOM   1011 O O     . VAL E 2 16  ? -14.213 -13.217 -11.773 1.00 14.61 ? 16  VAL B O     1 
ATOM   1012 C CB    . VAL E 2 16  ? -12.852 -12.175 -14.695 1.00 10.65 ? 16  VAL B CB    1 
ATOM   1013 C CG1   . VAL E 2 16  ? -12.992 -10.903 -13.887 1.00 11.45 ? 16  VAL B CG1   1 
ATOM   1014 C CG2   . VAL E 2 16  ? -11.521 -12.174 -15.424 1.00 7.93  ? 16  VAL B CG2   1 
ATOM   1015 N N     . SER E 2 17  ? -15.342 -13.791 -13.617 1.00 17.64 ? 17  SER B N     1 
ATOM   1016 C CA    . SER E 2 17  ? -16.633 -13.845 -12.920 1.00 19.99 ? 17  SER B CA    1 
ATOM   1017 C C     . SER E 2 17  ? -16.601 -14.838 -11.756 1.00 18.80 ? 17  SER B C     1 
ATOM   1018 O O     . SER E 2 17  ? -17.100 -14.552 -10.667 1.00 20.85 ? 17  SER B O     1 
ATOM   1019 C CB    . SER E 2 17  ? -17.771 -14.222 -13.889 1.00 22.79 ? 17  SER B CB    1 
ATOM   1020 O OG    . SER E 2 17  ? -17.993 -13.217 -14.869 1.00 25.72 ? 17  SER B OG    1 
ATOM   1021 N N     . THR E 2 18  ? -16.003 -16.002 -11.985 1.00 14.39 ? 18  THR B N     1 
ATOM   1022 C CA    . THR E 2 18  ? -15.916 -17.020 -10.952 1.00 16.04 ? 18  THR B CA    1 
ATOM   1023 C C     . THR E 2 18  ? -15.132 -16.517 -9.736  1.00 14.71 ? 18  THR B C     1 
ATOM   1024 O O     . THR E 2 18  ? -15.594 -16.623 -8.596  1.00 15.76 ? 18  THR B O     1 
ATOM   1025 C CB    . THR E 2 18  ? -15.296 -18.322 -11.530 1.00 18.41 ? 18  THR B CB    1 
ATOM   1026 O OG1   . THR E 2 18  ? -16.193 -18.871 -12.499 1.00 18.58 ? 18  THR B OG1   1 
ATOM   1027 C CG2   . THR E 2 18  ? -15.047 -19.365 -10.444 1.00 17.50 ? 18  THR B CG2   1 
ATOM   1028 N N     . ALA E 2 19  ? -13.971 -15.922 -9.988  1.00 16.03 ? 19  ALA B N     1 
ATOM   1029 C CA    . ALA E 2 19  ? -13.138 -15.403 -8.920  1.00 12.74 ? 19  ALA B CA    1 
ATOM   1030 C C     . ALA E 2 19  ? -13.850 -14.280 -8.195  1.00 12.21 ? 19  ALA B C     1 
ATOM   1031 O O     . ALA E 2 19  ? -13.944 -14.290 -6.971  1.00 17.93 ? 19  ALA B O     1 
ATOM   1032 C CB    . ALA E 2 19  ? -11.816 -14.915 -9.477  1.00 11.04 ? 19  ALA B CB    1 
ATOM   1033 N N     . GLN E 2 20  ? -14.392 -13.325 -8.944  1.00 15.36 ? 20  GLN B N     1 
ATOM   1034 C CA    . GLN E 2 20  ? -15.100 -12.196 -8.334  1.00 14.33 ? 20  GLN B CA    1 
ATOM   1035 C C     . GLN E 2 20  ? -16.201 -12.651 -7.392  1.00 15.00 ? 20  GLN B C     1 
ATOM   1036 O O     . GLN E 2 20  ? -16.319 -12.152 -6.275  1.00 15.51 ? 20  GLN B O     1 
ATOM   1037 C CB    . GLN E 2 20  ? -15.714 -11.285 -9.396  1.00 16.31 ? 20  GLN B CB    1 
ATOM   1038 C CG    . GLN E 2 20  ? -16.484 -10.085 -8.810  1.00 13.70 ? 20  GLN B CG    1 
ATOM   1039 C CD    . GLN E 2 20  ? -16.871 -9.075  -9.855  1.00 11.27 ? 20  GLN B CD    1 
ATOM   1040 O OE1   . GLN E 2 20  ? -16.093 -8.746  -10.734 1.00 15.92 ? 20  GLN B OE1   1 
ATOM   1041 N NE2   . GLN E 2 20  ? -18.081 -8.576  -9.767  1.00 12.34 ? 20  GLN B NE2   1 
ATOM   1042 N N     . ALA E 2 21  ? -17.017 -13.588 -7.853  1.00 15.83 ? 21  ALA B N     1 
ATOM   1043 C CA    . ALA E 2 21  ? -18.127 -14.105 -7.055  1.00 18.37 ? 21  ALA B CA    1 
ATOM   1044 C C     . ALA E 2 21  ? -17.637 -14.766 -5.754  1.00 18.50 ? 21  ALA B C     1 
ATOM   1045 O O     . ALA E 2 21  ? -18.243 -14.590 -4.690  1.00 20.73 ? 21  ALA B O     1 
ATOM   1046 C CB    . ALA E 2 21  ? -18.964 -15.086 -7.886  1.00 13.19 ? 21  ALA B CB    1 
ATOM   1047 N N     . ALA E 2 22  ? -16.532 -15.507 -5.840  1.00 17.31 ? 22  ALA B N     1 
ATOM   1048 C CA    . ALA E 2 22  ? -15.951 -16.166 -4.673  1.00 16.09 ? 22  ALA B CA    1 
ATOM   1049 C C     . ALA E 2 22  ? -15.483 -15.113 -3.666  1.00 17.20 ? 22  ALA B C     1 
ATOM   1050 O O     . ALA E 2 22  ? -15.774 -15.220 -2.472  1.00 19.48 ? 22  ALA B O     1 
ATOM   1051 C CB    . ALA E 2 22  ? -14.805 -17.036 -5.090  1.00 15.07 ? 22  ALA B CB    1 
ATOM   1052 N N     . GLY E 2 23  ? -14.814 -14.069 -4.166  1.00 17.73 ? 23  GLY B N     1 
ATOM   1053 C CA    . GLY E 2 23  ? -14.327 -12.989 -3.317  1.00 16.63 ? 23  GLY B CA    1 
ATOM   1054 C C     . GLY E 2 23  ? -15.400 -12.099 -2.705  1.00 16.59 ? 23  GLY B C     1 
ATOM   1055 O O     . GLY E 2 23  ? -15.359 -11.799 -1.519  1.00 16.18 ? 23  GLY B O     1 
ATOM   1056 N N     . TYR E 2 24  ? -16.370 -11.682 -3.508  1.00 18.81 ? 24  TYR B N     1 
ATOM   1057 C CA    . TYR E 2 24  ? -17.454 -10.835 -3.021  1.00 22.70 ? 24  TYR B CA    1 
ATOM   1058 C C     . TYR E 2 24  ? -18.281 -11.533 -1.945  1.00 25.24 ? 24  TYR B C     1 
ATOM   1059 O O     . TYR E 2 24  ? -18.715 -10.899 -0.985  1.00 25.79 ? 24  TYR B O     1 
ATOM   1060 C CB    . TYR E 2 24  ? -18.359 -10.411 -4.172  1.00 23.67 ? 24  TYR B CB    1 
ATOM   1061 C CG    . TYR E 2 24  ? -19.387 -9.394  -3.758  1.00 28.47 ? 24  TYR B CG    1 
ATOM   1062 C CD1   . TYR E 2 24  ? -19.046 -8.049  -3.621  1.00 28.89 ? 24  TYR B CD1   1 
ATOM   1063 C CD2   . TYR E 2 24  ? -20.692 -9.783  -3.455  1.00 33.03 ? 24  TYR B CD2   1 
ATOM   1064 C CE1   . TYR E 2 24  ? -19.965 -7.120  -3.184  1.00 35.47 ? 24  TYR B CE1   1 
ATOM   1065 C CE2   . TYR E 2 24  ? -21.626 -8.864  -3.020  1.00 36.72 ? 24  TYR B CE2   1 
ATOM   1066 C CZ    . TYR E 2 24  ? -21.261 -7.530  -2.880  1.00 40.39 ? 24  TYR B CZ    1 
ATOM   1067 O OH    . TYR E 2 24  ? -22.194 -6.617  -2.423  1.00 41.42 ? 24  TYR B OH    1 
ATOM   1068 N N     . GLN E 2 25  ? -18.479 -12.840 -2.110  1.00 26.68 ? 25  GLN B N     1 
ATOM   1069 C CA    . GLN E 2 25  ? -19.239 -13.653 -1.175  1.00 29.55 ? 25  GLN B CA    1 
ATOM   1070 C C     . GLN E 2 25  ? -18.615 -13.537 0.214   1.00 28.92 ? 25  GLN B C     1 
ATOM   1071 O O     . GLN E 2 25  ? -19.309 -13.255 1.197   1.00 30.14 ? 25  GLN B O     1 
ATOM   1072 C CB    . GLN E 2 25  ? -19.237 -15.114 -1.646  1.00 32.56 ? 25  GLN B CB    1 
ATOM   1073 C CG    . GLN E 2 25  ? -20.009 -16.091 -0.753  1.00 40.57 ? 25  GLN B CG    1 
ATOM   1074 C CD    . GLN E 2 25  ? -21.507 -15.770 -0.645  1.00 47.70 ? 25  GLN B CD    1 
ATOM   1075 O OE1   . GLN E 2 25  ? -22.147 -15.336 -1.613  1.00 51.45 ? 25  GLN B OE1   1 
ATOM   1076 N NE2   . GLN E 2 25  ? -22.072 -15.991 0.539   1.00 50.49 ? 25  GLN B NE2   1 
ATOM   1077 N N     . LEU E 2 26  ? -17.317 -13.810 0.295   1.00 28.01 ? 26  LEU B N     1 
ATOM   1078 C CA    . LEU E 2 26  ? -16.575 -13.719 1.553   1.00 27.91 ? 26  LEU B CA    1 
ATOM   1079 C C     . LEU E 2 26  ? -16.680 -12.280 2.056   1.00 28.74 ? 26  LEU B C     1 
ATOM   1080 O O     . LEU E 2 26  ? -16.827 -12.049 3.266   1.00 27.65 ? 26  LEU B O     1 
ATOM   1081 C CB    . LEU E 2 26  ? -15.108 -14.075 1.324   1.00 24.43 ? 26  LEU B CB    1 
ATOM   1082 C CG    . LEU E 2 26  ? -14.825 -15.541 1.040   1.00 21.73 ? 26  LEU B CG    1 
ATOM   1083 C CD1   . LEU E 2 26  ? -13.464 -15.700 0.392   1.00 21.88 ? 26  LEU B CD1   1 
ATOM   1084 C CD2   . LEU E 2 26  ? -14.931 -16.337 2.330   1.00 23.49 ? 26  LEU B CD2   1 
ATOM   1085 N N     . HIS E 2 27  ? -16.567 -11.315 1.135   1.00 29.16 ? 27  HIS B N     1 
ATOM   1086 C CA    . HIS E 2 27  ? -16.673 -9.899  1.492   1.00 31.77 ? 27  HIS B CA    1 
ATOM   1087 C C     . HIS E 2 27  ? -18.038 -9.682  2.134   1.00 35.69 ? 27  HIS B C     1 
ATOM   1088 O O     . HIS E 2 27  ? -18.157 -8.925  3.103   1.00 38.91 ? 27  HIS B O     1 
ATOM   1089 C CB    . HIS E 2 27  ? -16.542 -9.002  0.253   1.00 27.38 ? 27  HIS B CB    1 
ATOM   1090 C CG    . HIS E 2 27  ? -16.799 -7.557  0.539   1.00 23.95 ? 27  HIS B CG    1 
ATOM   1091 N ND1   . HIS E 2 27  ? -16.055 -6.842  1.452   1.00 29.22 ? 27  HIS B ND1   1 
ATOM   1092 C CD2   . HIS E 2 27  ? -17.728 -6.700  0.061   1.00 25.63 ? 27  HIS B CD2   1 
ATOM   1093 C CE1   . HIS E 2 27  ? -16.520 -5.619  1.526   1.00 28.41 ? 27  HIS B CE1   1 
ATOM   1094 N NE2   . HIS E 2 27  ? -17.537 -5.510  0.688   1.00 23.03 ? 27  HIS B NE2   1 
ATOM   1095 N N     . GLU E 2 28  ? -19.073 -10.306 1.586   1.00 39.20 ? 28  GLU B N     1 
ATOM   1096 C CA    . GLU E 2 28  ? -20.398 -10.113 2.137   1.00 40.88 ? 28  GLU B CA    1 
ATOM   1097 C C     . GLU E 2 28  ? -20.539 -10.905 3.458   1.00 38.91 ? 28  GLU B C     1 
ATOM   1098 O O     . GLU E 2 28  ? -21.097 -10.388 4.420   1.00 40.79 ? 28  GLU B O     1 
ATOM   1099 C CB    . GLU E 2 28  ? -21.467 -10.459 1.095   1.00 47.17 ? 28  GLU B CB    1 
ATOM   1100 C CG    . GLU E 2 28  ? -22.835 -9.894  1.442   1.00 62.46 ? 28  GLU B CG    1 
ATOM   1101 C CD    . GLU E 2 28  ? -23.467 -8.980  0.387   1.00 72.57 ? 28  GLU B CD    1 
ATOM   1102 O OE1   . GLU E 2 28  ? -23.085 -7.787  0.313   1.00 77.28 ? 28  GLU B OE1   1 
ATOM   1103 O OE2   . GLU E 2 28  ? -24.389 -9.443  -0.329  1.00 78.97 ? 28  GLU B OE2   1 
ATOM   1104 N N     . ASP E 2 29  ? -19.877 -12.065 3.561   1.00 36.90 ? 29  ASP B N     1 
ATOM   1105 C CA    . ASP E 2 29  ? -19.885 -12.864 4.792   1.00 37.08 ? 29  ASP B CA    1 
ATOM   1106 C C     . ASP E 2 29  ? -18.974 -12.285 5.882   1.00 36.54 ? 29  ASP B C     1 
ATOM   1107 O O     . ASP E 2 29  ? -18.886 -12.867 6.975   1.00 38.07 ? 29  ASP B O     1 
ATOM   1108 C CB    . ASP E 2 29  ? -19.455 -14.311 4.499   1.00 39.07 ? 29  ASP B CB    1 
ATOM   1109 C CG    . ASP E 2 29  ? -20.557 -15.149 3.871   1.00 40.79 ? 29  ASP B CG    1 
ATOM   1110 O OD1   . ASP E 2 29  ? -21.066 -14.766 2.802   1.00 41.05 ? 29  ASP B OD1   1 
ATOM   1111 O OD2   . ASP E 2 29  ? -20.909 -16.200 4.450   1.00 39.48 ? 29  ASP B OD2   1 
ATOM   1112 N N     . GLY E 2 30  ? -18.257 -11.201 5.600   1.00 32.88 ? 30  GLY B N     1 
ATOM   1113 C CA    . GLY E 2 30  ? -17.401 -10.618 6.604   1.00 32.47 ? 30  GLY B CA    1 
ATOM   1114 C C     . GLY E 2 30  ? -16.199 -11.480 6.985   1.00 33.03 ? 30  GLY B C     1 
ATOM   1115 O O     . GLY E 2 30  ? -15.744 -11.483 8.134   1.00 34.36 ? 30  GLY B O     1 
ATOM   1116 N N     . GLU E 2 31  ? -15.676 -12.218 6.015   1.00 33.59 ? 31  GLU B N     1 
ATOM   1117 C CA    . GLU E 2 31  ? -14.527 -13.068 6.260   1.00 33.55 ? 31  GLU B CA    1 
ATOM   1118 C C     . GLU E 2 31  ? -13.427 -12.822 5.262   1.00 29.12 ? 31  GLU B C     1 
ATOM   1119 O O     . GLU E 2 31  ? -13.640 -12.222 4.208   1.00 29.39 ? 31  GLU B O     1 
ATOM   1120 C CB    . GLU E 2 31  ? -14.917 -14.539 6.197   1.00 39.00 ? 31  GLU B CB    1 
ATOM   1121 C CG    . GLU E 2 31  ? -15.669 -15.029 7.402   1.00 46.74 ? 31  GLU B CG    1 
ATOM   1122 C CD    . GLU E 2 31  ? -16.127 -16.455 7.239   1.00 50.00 ? 31  GLU B CD    1 
ATOM   1123 O OE1   . GLU E 2 31  ? -16.428 -16.862 6.089   1.00 53.58 ? 31  GLU B OE1   1 
ATOM   1124 O OE2   . GLU E 2 31  ? -16.181 -17.167 8.265   1.00 55.98 ? 31  GLU B OE2   1 
ATOM   1125 N N     . THR E 2 32  ? -12.270 -13.383 5.574   1.00 29.06 ? 32  THR B N     1 
ATOM   1126 C CA    . THR E 2 32  ? -11.093 -13.263 4.745   1.00 25.29 ? 32  THR B CA    1 
ATOM   1127 C C     . THR E 2 32  ? -10.323 -14.572 4.791   1.00 25.50 ? 32  THR B C     1 
ATOM   1128 O O     . THR E 2 32  ? -10.524 -15.409 5.674   1.00 22.26 ? 32  THR B O     1 
ATOM   1129 C CB    . THR E 2 32  ? -10.173 -12.118 5.243   1.00 24.19 ? 32  THR B CB    1 
ATOM   1130 O OG1   . THR E 2 32  ? -9.919  -12.277 6.644   1.00 28.31 ? 32  THR B OG1   1 
ATOM   1131 C CG2   . THR E 2 32  ? -10.814 -10.750 5.006   1.00 20.92 ? 32  THR B CG2   1 
ATOM   1132 N N     . VAL E 2 33  ? -9.481  -14.769 3.792   1.00 26.78 ? 33  VAL B N     1 
ATOM   1133 C CA    . VAL E 2 33  ? -8.656  -15.950 3.717   1.00 29.70 ? 33  VAL B CA    1 
ATOM   1134 C C     . VAL E 2 33  ? -7.229  -15.524 3.387   1.00 32.59 ? 33  VAL B C     1 
ATOM   1135 O O     . VAL E 2 33  ? -6.990  -14.400 2.918   1.00 32.32 ? 33  VAL B O     1 
ATOM   1136 C CB    . VAL E 2 33  ? -9.187  -16.964 2.671   1.00 34.36 ? 33  VAL B CB    1 
ATOM   1137 C CG1   . VAL E 2 33  ? -10.500 -17.567 3.156   1.00 35.82 ? 33  VAL B CG1   1 
ATOM   1138 C CG2   . VAL E 2 33  ? -9.382  -16.299 1.317   1.00 32.86 ? 33  VAL B CG2   1 
ATOM   1139 N N     . GLY E 2 34  ? -6.282  -16.421 3.638   1.00 33.78 ? 34  GLY B N     1 
ATOM   1140 C CA    . GLY E 2 34  ? -4.893  -16.117 3.375   1.00 31.63 ? 34  GLY B CA    1 
ATOM   1141 C C     . GLY E 2 34  ? -4.337  -15.219 4.464   1.00 31.10 ? 34  GLY B C     1 
ATOM   1142 O O     . GLY E 2 34  ? -5.068  -14.514 5.163   1.00 30.38 ? 34  GLY B O     1 
ATOM   1143 N N     . SER E 2 35  ? -3.023  -15.266 4.615   1.00 33.14 ? 35  SER B N     1 
ATOM   1144 C CA    . SER E 2 35  ? -2.308  -14.466 5.606   1.00 35.83 ? 35  SER B CA    1 
ATOM   1145 C C     . SER E 2 35  ? -2.441  -12.983 5.281   1.00 30.83 ? 35  SER B C     1 
ATOM   1146 O O     . SER E 2 35  ? -2.394  -12.134 6.170   1.00 33.49 ? 35  SER B O     1 
ATOM   1147 C CB    . SER E 2 35  ? -0.836  -14.868 5.614   1.00 37.55 ? 35  SER B CB    1 
ATOM   1148 O OG    . SER E 2 35  ? -0.501  -15.460 4.377   1.00 46.33 ? 35  SER B OG    1 
ATOM   1149 N N     . ASN E 2 36  ? -2.580  -12.684 3.994   1.00 25.70 ? 36  ASN B N     1 
ATOM   1150 C CA    . ASN E 2 36  ? -2.731  -11.310 3.543   1.00 21.26 ? 36  ASN B CA    1 
ATOM   1151 C C     . ASN E 2 36  ? -4.177  -10.860 3.651   1.00 18.90 ? 36  ASN B C     1 
ATOM   1152 O O     . ASN E 2 36  ? -4.523  -9.766  3.215   1.00 22.08 ? 36  ASN B O     1 
ATOM   1153 C CB    . ASN E 2 36  ? -2.227  -11.162 2.114   1.00 21.03 ? 36  ASN B CB    1 
ATOM   1154 C CG    . ASN E 2 36  ? -0.745  -11.468 1.980   1.00 16.15 ? 36  ASN B CG    1 
ATOM   1155 O OD1   . ASN E 2 36  ? -0.225  -11.518 0.880   1.00 19.56 ? 36  ASN B OD1   1 
ATOM   1156 N ND2   . ASN E 2 36  ? -0.057  -11.652 3.100   1.00 23.82 ? 36  ASN B ND2   1 
ATOM   1157 N N     . SER E 2 37  ? -5.029  -11.738 4.182   1.00 17.22 ? 37  SER B N     1 
ATOM   1158 C CA    . SER E 2 37  ? -6.438  -11.446 4.397   1.00 15.60 ? 37  SER B CA    1 
ATOM   1159 C C     . SER E 2 37  ? -7.204  -10.877 3.219   1.00 13.43 ? 37  SER B C     1 
ATOM   1160 O O     . SER E 2 37  ? -7.477  -9.682  3.158   1.00 14.87 ? 37  SER B O     1 
ATOM   1161 C CB    . SER E 2 37  ? -6.612  -10.515 5.596   1.00 20.28 ? 37  SER B CB    1 
ATOM   1162 O OG    . SER E 2 37  ? -6.210  -11.158 6.791   1.00 33.63 ? 37  SER B OG    1 
ATOM   1163 N N     . TYR E 2 38  ? -7.531  -11.740 2.271   1.00 14.57 ? 38  TYR B N     1 
ATOM   1164 C CA    . TYR E 2 38  ? -8.298  -11.347 1.109   1.00 14.69 ? 38  TYR B CA    1 
ATOM   1165 C C     . TYR E 2 38  ? -9.738  -11.814 1.356   1.00 17.20 ? 38  TYR B C     1 
ATOM   1166 O O     . TYR E 2 38  ? -9.957  -12.828 2.023   1.00 17.84 ? 38  TYR B O     1 
ATOM   1167 C CB    . TYR E 2 38  ? -7.713  -12.005 -0.145  1.00 13.06 ? 38  TYR B CB    1 
ATOM   1168 C CG    . TYR E 2 38  ? -6.299  -11.550 -0.460  1.00 15.59 ? 38  TYR B CG    1 
ATOM   1169 C CD1   . TYR E 2 38  ? -6.039  -10.245 -0.868  1.00 17.20 ? 38  TYR B CD1   1 
ATOM   1170 C CD2   . TYR E 2 38  ? -5.218  -12.422 -0.324  1.00 18.77 ? 38  TYR B CD2   1 
ATOM   1171 C CE1   . TYR E 2 38  ? -4.739  -9.819  -1.131  1.00 16.86 ? 38  TYR B CE1   1 
ATOM   1172 C CE2   . TYR E 2 38  ? -3.917  -12.007 -0.586  1.00 15.25 ? 38  TYR B CE2   1 
ATOM   1173 C CZ    . TYR E 2 38  ? -3.689  -10.707 -0.988  1.00 16.79 ? 38  TYR B CZ    1 
ATOM   1174 O OH    . TYR E 2 38  ? -2.410  -10.297 -1.261  1.00 16.09 ? 38  TYR B OH    1 
ATOM   1175 N N     . PRO E 2 39  ? -10.731 -11.032 0.903   1.00 19.04 ? 39  PRO B N     1 
ATOM   1176 C CA    . PRO E 2 39  ? -10.500 -9.789  0.178   1.00 16.37 ? 39  PRO B CA    1 
ATOM   1177 C C     . PRO E 2 39  ? -10.391 -8.627  1.143   1.00 15.71 ? 39  PRO B C     1 
ATOM   1178 O O     . PRO E 2 39  ? -10.948 -8.659  2.232   1.00 17.46 ? 39  PRO B O     1 
ATOM   1179 C CB    . PRO E 2 39  ? -11.744 -9.665  -0.682  1.00 15.73 ? 39  PRO B CB    1 
ATOM   1180 C CG    . PRO E 2 39  ? -12.802 -10.171 0.237   1.00 19.46 ? 39  PRO B CG    1 
ATOM   1181 C CD    . PRO E 2 39  ? -12.170 -11.374 0.906   1.00 18.11 ? 39  PRO B CD    1 
ATOM   1182 N N     . HIS E 2 40  ? -9.599  -7.637  0.762   1.00 18.34 ? 40  HIS B N     1 
ATOM   1183 C CA    . HIS E 2 40  ? -9.439  -6.433  1.555   1.00 14.34 ? 40  HIS B CA    1 
ATOM   1184 C C     . HIS E 2 40  ? -9.440  -5.250  0.602   1.00 15.58 ? 40  HIS B C     1 
ATOM   1185 O O     . HIS E 2 40  ? -9.323  -5.421  -0.617  1.00 14.35 ? 40  HIS B O     1 
ATOM   1186 C CB    . HIS E 2 40  ? -8.191  -6.483  2.459   1.00 16.72 ? 40  HIS B CB    1 
ATOM   1187 C CG    . HIS E 2 40  ? -6.882  -6.580  1.734   1.00 12.58 ? 40  HIS B CG    1 
ATOM   1188 N ND1   . HIS E 2 40  ? -6.043  -7.663  1.877   1.00 10.22 ? 40  HIS B ND1   1 
ATOM   1189 C CD2   . HIS E 2 40  ? -6.213  -5.688  0.965   1.00 7.80  ? 40  HIS B CD2   1 
ATOM   1190 C CE1   . HIS E 2 40  ? -4.911  -7.430  1.236   1.00 6.06  ? 40  HIS B CE1   1 
ATOM   1191 N NE2   . HIS E 2 40  ? -4.993  -6.237  0.674   1.00 6.62  ? 40  HIS B NE2   1 
ATOM   1192 N N     . LYS E 2 41  ? -9.611  -4.063  1.159   1.00 16.64 ? 41  LYS B N     1 
ATOM   1193 C CA    . LYS E 2 41  ? -9.693  -2.840  0.376   1.00 20.42 ? 41  LYS B CA    1 
ATOM   1194 C C     . LYS E 2 41  ? -8.523  -2.465  -0.524  1.00 17.31 ? 41  LYS B C     1 
ATOM   1195 O O     . LYS E 2 41  ? -7.352  -2.547  -0.139  1.00 17.74 ? 41  LYS B O     1 
ATOM   1196 C CB    . LYS E 2 41  ? -10.055 -1.656  1.282   1.00 24.39 ? 41  LYS B CB    1 
ATOM   1197 C CG    . LYS E 2 41  ? -10.390 -0.375  0.528   1.00 34.51 ? 41  LYS B CG    1 
ATOM   1198 C CD    . LYS E 2 41  ? -10.949 0.701   1.448   1.00 42.15 ? 41  LYS B CD    1 
ATOM   1199 C CE    . LYS E 2 41  ? -9.963  1.077   2.557   1.00 48.85 ? 41  LYS B CE    1 
ATOM   1200 N NZ    . LYS E 2 41  ? -9.448  2.484   2.447   1.00 52.42 ? 41  LYS B NZ    1 
ATOM   1201 N N     . TYR E 2 42  ? -8.867  -2.101  -1.752  1.00 13.81 ? 42  TYR B N     1 
ATOM   1202 C CA    . TYR E 2 42  ? -7.903  -1.647  -2.726  1.00 12.00 ? 42  TYR B CA    1 
ATOM   1203 C C     . TYR E 2 42  ? -8.144  -0.141  -2.809  1.00 12.00 ? 42  TYR B C     1 
ATOM   1204 O O     . TYR E 2 42  ? -9.272  0.296   -3.053  1.00 13.56 ? 42  TYR B O     1 
ATOM   1205 C CB    . TYR E 2 42  ? -8.138  -2.305  -4.080  1.00 11.09 ? 42  TYR B CB    1 
ATOM   1206 C CG    . TYR E 2 42  ? -7.151  -1.841  -5.114  1.00 11.38 ? 42  TYR B CG    1 
ATOM   1207 C CD1   . TYR E 2 42  ? -5.834  -2.312  -5.112  1.00 12.28 ? 42  TYR B CD1   1 
ATOM   1208 C CD2   . TYR E 2 42  ? -7.518  -0.918  -6.087  1.00 12.56 ? 42  TYR B CD2   1 
ATOM   1209 C CE1   . TYR E 2 42  ? -4.911  -1.874  -6.053  1.00 14.44 ? 42  TYR B CE1   1 
ATOM   1210 C CE2   . TYR E 2 42  ? -6.599  -0.473  -7.034  1.00 14.03 ? 42  TYR B CE2   1 
ATOM   1211 C CZ    . TYR E 2 42  ? -5.300  -0.955  -7.012  1.00 14.33 ? 42  TYR B CZ    1 
ATOM   1212 O OH    . TYR E 2 42  ? -4.394  -0.522  -7.951  1.00 16.70 ? 42  TYR B OH    1 
ATOM   1213 N N     . ASN E 2 43  ? -7.095  0.637   -2.541  1.00 10.32 ? 43  ASN B N     1 
ATOM   1214 C CA    . ASN E 2 43  ? -7.152  2.092   -2.550  1.00 12.22 ? 43  ASN B CA    1 
ATOM   1215 C C     . ASN E 2 43  ? -7.106  2.733   -3.932  1.00 11.44 ? 43  ASN B C     1 
ATOM   1216 O O     . ASN E 2 43  ? -7.607  3.829   -4.112  1.00 17.87 ? 43  ASN B O     1 
ATOM   1217 C CB    . ASN E 2 43  ? -6.008  2.674   -1.711  1.00 9.04  ? 43  ASN B CB    1 
ATOM   1218 C CG    . ASN E 2 43  ? -6.154  2.388   -0.230  1.00 10.65 ? 43  ASN B CG    1 
ATOM   1219 O OD1   . ASN E 2 43  ? -7.105  2.822   0.402   1.00 15.28 ? 43  ASN B OD1   1 
ATOM   1220 N ND2   . ASN E 2 43  ? -5.195  1.657   0.336   1.00 11.29 ? 43  ASN B ND2   1 
ATOM   1221 N N     . ASN E 2 44  ? -6.504  2.048   -4.900  1.00 14.93 ? 44  ASN B N     1 
ATOM   1222 C CA    . ASN E 2 44  ? -6.331  2.545   -6.272  1.00 14.00 ? 44  ASN B CA    1 
ATOM   1223 C C     . ASN E 2 44  ? -5.259  3.637   -6.329  1.00 19.04 ? 44  ASN B C     1 
ATOM   1224 O O     . ASN E 2 44  ? -5.401  4.649   -7.019  1.00 21.69 ? 44  ASN B O     1 
ATOM   1225 C CB    . ASN E 2 44  ? -7.642  3.039   -6.892  1.00 15.39 ? 44  ASN B CB    1 
ATOM   1226 C CG    . ASN E 2 44  ? -7.535  3.251   -8.404  1.00 14.99 ? 44  ASN B CG    1 
ATOM   1227 O OD1   . ASN E 2 44  ? -6.641  2.704   -9.078  1.00 17.31 ? 44  ASN B OD1   1 
ATOM   1228 N ND2   . ASN E 2 44  ? -8.451  4.040   -8.946  1.00 18.14 ? 44  ASN B ND2   1 
ATOM   1229 N N     . TYR E 2 45  ? -4.176  3.410   -5.597  1.00 17.91 ? 45  TYR B N     1 
ATOM   1230 C CA    . TYR E 2 45  ? -3.049  4.327   -5.563  1.00 17.14 ? 45  TYR B CA    1 
ATOM   1231 C C     . TYR E 2 45  ? -2.600  4.606   -6.994  1.00 16.98 ? 45  TYR B C     1 
ATOM   1232 O O     . TYR E 2 45  ? -2.299  5.747   -7.356  1.00 14.44 ? 45  TYR B O     1 
ATOM   1233 C CB    . TYR E 2 45  ? -1.896  3.663   -4.799  1.00 15.55 ? 45  TYR B CB    1 
ATOM   1234 C CG    . TYR E 2 45  ? -0.555  4.363   -4.941  1.00 14.83 ? 45  TYR B CG    1 
ATOM   1235 C CD1   . TYR E 2 45  ? -0.347  5.619   -4.382  1.00 14.88 ? 45  TYR B CD1   1 
ATOM   1236 C CD2   . TYR E 2 45  ? 0.496   3.776   -5.641  1.00 13.97 ? 45  TYR B CD2   1 
ATOM   1237 C CE1   . TYR E 2 45  ? 0.862   6.275   -4.517  1.00 15.62 ? 45  TYR B CE1   1 
ATOM   1238 C CE2   . TYR E 2 45  ? 1.715   4.431   -5.780  1.00 14.11 ? 45  TYR B CE2   1 
ATOM   1239 C CZ    . TYR E 2 45  ? 1.880   5.681   -5.214  1.00 12.12 ? 45  TYR B CZ    1 
ATOM   1240 O OH    . TYR E 2 45  ? 3.042   6.385   -5.344  1.00 15.20 ? 45  TYR B OH    1 
ATOM   1241 N N     . GLU E 2 46  ? -2.583  3.546   -7.798  1.00 15.83 ? 46  GLU B N     1 
ATOM   1242 C CA    . GLU E 2 46  ? -2.163  3.608   -9.188  1.00 16.56 ? 46  GLU B CA    1 
ATOM   1243 C C     . GLU E 2 46  ? -2.997  4.522   -10.080 1.00 16.95 ? 46  GLU B C     1 
ATOM   1244 O O     . GLU E 2 46  ? -2.626  4.771   -11.219 1.00 20.40 ? 46  GLU B O     1 
ATOM   1245 C CB    . GLU E 2 46  ? -2.146  2.208   -9.792  1.00 13.89 ? 46  GLU B CB    1 
ATOM   1246 C CG    . GLU E 2 46  ? -1.028  1.295   -9.301  1.00 15.06 ? 46  GLU B CG    1 
ATOM   1247 C CD    . GLU E 2 46  ? -1.250  0.736   -7.912  1.00 11.08 ? 46  GLU B CD    1 
ATOM   1248 O OE1   . GLU E 2 46  ? -2.324  0.942   -7.313  1.00 14.26 ? 46  GLU B OE1   1 
ATOM   1249 O OE2   . GLU E 2 46  ? -0.335  0.061   -7.413  1.00 12.17 ? 46  GLU B OE2   1 
ATOM   1250 N N     . GLY E 2 47  ? -4.129  5.004   -9.589  1.00 14.69 ? 47  GLY B N     1 
ATOM   1251 C CA    . GLY E 2 47  ? -4.951  5.863   -10.417 1.00 17.81 ? 47  GLY B CA    1 
ATOM   1252 C C     . GLY E 2 47  ? -5.497  5.177   -11.663 1.00 18.30 ? 47  GLY B C     1 
ATOM   1253 O O     . GLY E 2 47  ? -5.414  5.715   -12.774 1.00 20.05 ? 47  GLY B O     1 
ATOM   1254 N N     . PHE E 2 48  ? -5.994  3.955   -11.502 1.00 18.57 ? 48  PHE B N     1 
ATOM   1255 C CA    . PHE E 2 48  ? -6.582  3.247   -12.627 1.00 19.39 ? 48  PHE B CA    1 
ATOM   1256 C C     . PHE E 2 48  ? -7.933  3.921   -12.823 1.00 22.93 ? 48  PHE B C     1 
ATOM   1257 O O     . PHE E 2 48  ? -8.598  4.270   -11.839 1.00 22.32 ? 48  PHE B O     1 
ATOM   1258 C CB    . PHE E 2 48  ? -6.787  1.769   -12.292 1.00 15.88 ? 48  PHE B CB    1 
ATOM   1259 C CG    . PHE E 2 48  ? -5.512  0.978   -12.206 1.00 13.99 ? 48  PHE B CG    1 
ATOM   1260 C CD1   . PHE E 2 48  ? -4.545  1.077   -13.203 1.00 15.53 ? 48  PHE B CD1   1 
ATOM   1261 C CD2   . PHE E 2 48  ? -5.287  0.123   -11.137 1.00 11.13 ? 48  PHE B CD2   1 
ATOM   1262 C CE1   . PHE E 2 48  ? -3.366  0.327   -13.138 1.00 17.05 ? 48  PHE B CE1   1 
ATOM   1263 C CE2   . PHE E 2 48  ? -4.118  -0.631  -11.054 1.00 13.25 ? 48  PHE B CE2   1 
ATOM   1264 C CZ    . PHE E 2 48  ? -3.159  -0.532  -12.053 1.00 15.06 ? 48  PHE B CZ    1 
ATOM   1265 N N     . ASP E 2 49  ? -8.332  4.154   -14.070 1.00 26.95 ? 49  ASP B N     1 
ATOM   1266 C CA    . ASP E 2 49  ? -9.628  4.794   -14.309 1.00 29.27 ? 49  ASP B CA    1 
ATOM   1267 C C     . ASP E 2 49  ? -10.751 3.758   -14.312 1.00 27.07 ? 49  ASP B C     1 
ATOM   1268 O O     . ASP E 2 49  ? -11.170 3.251   -15.352 1.00 25.64 ? 49  ASP B O     1 
ATOM   1269 C CB    . ASP E 2 49  ? -9.628  5.653   -15.588 1.00 35.41 ? 49  ASP B CB    1 
ATOM   1270 C CG    . ASP E 2 49  ? -9.523  4.835   -16.860 1.00 44.59 ? 49  ASP B CG    1 
ATOM   1271 O OD1   . ASP E 2 49  ? -8.811  3.802   -16.868 1.00 49.24 ? 49  ASP B OD1   1 
ATOM   1272 O OD2   . ASP E 2 49  ? -10.166 5.231   -17.861 1.00 51.68 ? 49  ASP B OD2   1 
ATOM   1273 N N     . PHE E 2 50  ? -11.155 3.368   -13.113 1.00 25.63 ? 50  PHE B N     1 
ATOM   1274 C CA    . PHE E 2 50  ? -12.218 2.402   -12.954 1.00 22.02 ? 50  PHE B CA    1 
ATOM   1275 C C     . PHE E 2 50  ? -13.537 3.102   -13.238 1.00 23.00 ? 50  PHE B C     1 
ATOM   1276 O O     . PHE E 2 50  ? -13.789 4.185   -12.718 1.00 28.92 ? 50  PHE B O     1 
ATOM   1277 C CB    . PHE E 2 50  ? -12.201 1.845   -11.531 1.00 16.14 ? 50  PHE B CB    1 
ATOM   1278 C CG    . PHE E 2 50  ? -11.034 0.941   -11.242 1.00 13.37 ? 50  PHE B CG    1 
ATOM   1279 C CD1   . PHE E 2 50  ? -10.430 0.219   -12.261 1.00 7.53  ? 50  PHE B CD1   1 
ATOM   1280 C CD2   . PHE E 2 50  ? -10.575 0.775   -9.933  1.00 10.75 ? 50  PHE B CD2   1 
ATOM   1281 C CE1   . PHE E 2 50  ? -9.402  -0.655  -11.990 1.00 16.11 ? 50  PHE B CE1   1 
ATOM   1282 C CE2   . PHE E 2 50  ? -9.546  -0.096  -9.648  1.00 11.95 ? 50  PHE B CE2   1 
ATOM   1283 C CZ    . PHE E 2 50  ? -8.954  -0.816  -10.672 1.00 14.92 ? 50  PHE B CZ    1 
ATOM   1284 N N     . SER E 2 51  ? -14.355 2.508   -14.096 1.00 25.01 ? 51  SER B N     1 
ATOM   1285 C CA    . SER E 2 51  ? -15.651 3.077   -14.448 1.00 26.45 ? 51  SER B CA    1 
ATOM   1286 C C     . SER E 2 51  ? -16.647 2.952   -13.293 1.00 26.73 ? 51  SER B C     1 
ATOM   1287 O O     . SER E 2 51  ? -17.522 3.801   -13.128 1.00 27.34 ? 51  SER B O     1 
ATOM   1288 C CB    . SER E 2 51  ? -16.194 2.377   -15.688 1.00 25.30 ? 51  SER B CB    1 
ATOM   1289 O OG    . SER E 2 51  ? -15.140 2.179   -16.621 1.00 32.55 ? 51  SER B OG    1 
ATOM   1290 N N     . VAL E 2 52  ? -16.526 1.885   -12.503 1.00 26.19 ? 52  VAL B N     1 
ATOM   1291 C CA    . VAL E 2 52  ? -17.424 1.664   -11.368 1.00 23.52 ? 52  VAL B CA    1 
ATOM   1292 C C     . VAL E 2 52  ? -16.932 2.454   -10.166 1.00 23.66 ? 52  VAL B C     1 
ATOM   1293 O O     . VAL E 2 52  ? -15.761 2.816   -10.105 1.00 22.12 ? 52  VAL B O     1 
ATOM   1294 C CB    . VAL E 2 52  ? -17.556 0.167   -11.008 1.00 23.00 ? 52  VAL B CB    1 
ATOM   1295 C CG1   . VAL E 2 52  ? -17.889 -0.627  -12.254 1.00 22.08 ? 52  VAL B CG1   1 
ATOM   1296 C CG2   . VAL E 2 52  ? -16.277 -0.350  -10.349 1.00 20.99 ? 52  VAL B CG2   1 
ATOM   1297 N N     . SER E 2 53  ? -17.805 2.662   -9.188  1.00 23.40 ? 53  SER B N     1 
ATOM   1298 C CA    . SER E 2 53  ? -17.440 3.450   -8.020  1.00 24.67 ? 53  SER B CA    1 
ATOM   1299 C C     . SER E 2 53  ? -16.956 2.689   -6.797  1.00 22.77 ? 53  SER B C     1 
ATOM   1300 O O     . SER E 2 53  ? -17.202 1.489   -6.650  1.00 23.69 ? 53  SER B O     1 
ATOM   1301 C CB    . SER E 2 53  ? -18.572 4.410   -7.644  1.00 30.26 ? 53  SER B CB    1 
ATOM   1302 O OG    . SER E 2 53  ? -19.743 3.706   -7.285  1.00 38.70 ? 53  SER B OG    1 
ATOM   1303 N N     . SER E 2 54  ? -16.271 3.429   -5.930  1.00 22.41 ? 54  SER B N     1 
ATOM   1304 C CA    . SER E 2 54  ? -15.689 2.929   -4.698  1.00 23.50 ? 54  SER B CA    1 
ATOM   1305 C C     . SER E 2 54  ? -16.736 2.564   -3.649  1.00 21.42 ? 54  SER B C     1 
ATOM   1306 O O     . SER E 2 54  ? -17.892 2.968   -3.767  1.00 22.91 ? 54  SER B O     1 
ATOM   1307 C CB    . SER E 2 54  ? -14.703 3.982   -4.176  1.00 23.47 ? 54  SER B CB    1 
ATOM   1308 O OG    . SER E 2 54  ? -14.885 4.272   -2.806  1.00 30.77 ? 54  SER B OG    1 
ATOM   1309 N N     . PRO E 2 55  ? -16.341 1.808   -2.605  1.00 21.64 ? 55  PRO B N     1 
ATOM   1310 C CA    . PRO E 2 55  ? -14.997 1.271   -2.335  1.00 24.43 ? 55  PRO B CA    1 
ATOM   1311 C C     . PRO E 2 55  ? -14.616 0.060   -3.192  1.00 21.27 ? 55  PRO B C     1 
ATOM   1312 O O     . PRO E 2 55  ? -15.487 -0.629  -3.723  1.00 23.49 ? 55  PRO B O     1 
ATOM   1313 C CB    . PRO E 2 55  ? -15.071 0.905   -0.855  1.00 22.69 ? 55  PRO B CB    1 
ATOM   1314 C CG    . PRO E 2 55  ? -16.471 0.448   -0.719  1.00 24.28 ? 55  PRO B CG    1 
ATOM   1315 C CD    . PRO E 2 55  ? -17.249 1.490   -1.489  1.00 21.94 ? 55  PRO B CD    1 
ATOM   1316 N N     . TYR E 2 56  ? -13.312 -0.186  -3.304  1.00 19.68 ? 56  TYR B N     1 
ATOM   1317 C CA    . TYR E 2 56  ? -12.772 -1.299  -4.083  1.00 13.61 ? 56  TYR B CA    1 
ATOM   1318 C C     . TYR E 2 56  ? -12.157 -2.367  -3.198  1.00 10.95 ? 56  TYR B C     1 
ATOM   1319 O O     . TYR E 2 56  ? -11.721 -2.097  -2.079  1.00 11.88 ? 56  TYR B O     1 
ATOM   1320 C CB    . TYR E 2 56  ? -11.717 -0.808  -5.069  1.00 12.51 ? 56  TYR B CB    1 
ATOM   1321 C CG    . TYR E 2 56  ? -12.203 0.287   -5.971  1.00 10.27 ? 56  TYR B CG    1 
ATOM   1322 C CD1   . TYR E 2 56  ? -13.224 0.061   -6.893  1.00 15.04 ? 56  TYR B CD1   1 
ATOM   1323 C CD2   . TYR E 2 56  ? -11.651 1.557   -5.899  1.00 11.55 ? 56  TYR B CD2   1 
ATOM   1324 C CE1   . TYR E 2 56  ? -13.680 1.067   -7.715  1.00 10.68 ? 56  TYR B CE1   1 
ATOM   1325 C CE2   . TYR E 2 56  ? -12.094 2.564   -6.716  1.00 11.39 ? 56  TYR B CE2   1 
ATOM   1326 C CZ    . TYR E 2 56  ? -13.106 2.317   -7.625  1.00 14.03 ? 56  TYR B CZ    1 
ATOM   1327 O OH    . TYR E 2 56  ? -13.518 3.328   -8.461  1.00 11.51 ? 56  TYR B OH    1 
ATOM   1328 N N     . TYR E 2 57  ? -12.123 -3.588  -3.707  1.00 9.92  ? 57  TYR B N     1 
ATOM   1329 C CA    . TYR E 2 57  ? -11.562 -4.702  -2.961  1.00 9.90  ? 57  TYR B CA    1 
ATOM   1330 C C     . TYR E 2 57  ? -10.658 -5.491  -3.877  1.00 12.05 ? 57  TYR B C     1 
ATOM   1331 O O     . TYR E 2 57  ? -10.891 -5.574  -5.092  1.00 14.98 ? 57  TYR B O     1 
ATOM   1332 C CB    . TYR E 2 57  ? -12.676 -5.610  -2.407  1.00 12.95 ? 57  TYR B CB    1 
ATOM   1333 C CG    . TYR E 2 57  ? -13.607 -4.859  -1.501  1.00 10.61 ? 57  TYR B CG    1 
ATOM   1334 C CD1   . TYR E 2 57  ? -13.293 -4.670  -0.159  1.00 14.68 ? 57  TYR B CD1   1 
ATOM   1335 C CD2   . TYR E 2 57  ? -14.746 -4.232  -2.012  1.00 12.97 ? 57  TYR B CD2   1 
ATOM   1336 C CE1   . TYR E 2 57  ? -14.083 -3.858  0.660   1.00 18.04 ? 57  TYR B CE1   1 
ATOM   1337 C CE2   . TYR E 2 57  ? -15.549 -3.422  -1.207  1.00 19.27 ? 57  TYR B CE2   1 
ATOM   1338 C CZ    . TYR E 2 57  ? -15.208 -3.241  0.131   1.00 21.55 ? 57  TYR B CZ    1 
ATOM   1339 O OH    . TYR E 2 57  ? -16.002 -2.465  0.940   1.00 28.47 ? 57  TYR B OH    1 
ATOM   1340 N N     . GLU E 2 58  ? -9.629  -6.065  -3.282  1.00 10.44 ? 58  GLU B N     1 
ATOM   1341 C CA    . GLU E 2 58  ? -8.651  -6.861  -3.994  1.00 9.76  ? 58  GLU B CA    1 
ATOM   1342 C C     . GLU E 2 58  ? -8.810  -8.346  -3.631  1.00 8.10  ? 58  GLU B C     1 
ATOM   1343 O O     . GLU E 2 58  ? -8.964  -8.714  -2.468  1.00 8.73  ? 58  GLU B O     1 
ATOM   1344 C CB    . GLU E 2 58  ? -7.262  -6.341  -3.624  1.00 13.74 ? 58  GLU B CB    1 
ATOM   1345 C CG    . GLU E 2 58  ? -6.092  -7.162  -4.107  1.00 12.24 ? 58  GLU B CG    1 
ATOM   1346 C CD    . GLU E 2 58  ? -4.802  -6.688  -3.497  1.00 9.60  ? 58  GLU B CD    1 
ATOM   1347 O OE1   . GLU E 2 58  ? -4.725  -5.491  -3.139  1.00 13.37 ? 58  GLU B OE1   1 
ATOM   1348 O OE2   . GLU E 2 58  ? -3.873  -7.508  -3.376  1.00 12.55 ? 58  GLU B OE2   1 
ATOM   1349 N N     . TRP E 2 59  ? -8.796  -9.191  -4.646  1.00 7.38  ? 59  TRP B N     1 
ATOM   1350 C CA    . TRP E 2 59  ? -8.957  -10.618 -4.450  1.00 7.84  ? 59  TRP B CA    1 
ATOM   1351 C C     . TRP E 2 59  ? -8.145  -11.299 -5.525  1.00 6.85  ? 59  TRP B C     1 
ATOM   1352 O O     . TRP E 2 59  ? -8.169  -10.893 -6.691  1.00 13.49 ? 59  TRP B O     1 
ATOM   1353 C CB    . TRP E 2 59  ? -10.441 -11.011 -4.574  1.00 2.62  ? 59  TRP B CB    1 
ATOM   1354 C CG    . TRP E 2 59  ? -10.701 -12.483 -4.571  1.00 11.31 ? 59  TRP B CG    1 
ATOM   1355 C CD1   . TRP E 2 59  ? -11.063 -13.257 -5.644  1.00 10.28 ? 59  TRP B CD1   1 
ATOM   1356 C CD2   . TRP E 2 59  ? -10.655 -13.366 -3.441  1.00 8.75  ? 59  TRP B CD2   1 
ATOM   1357 N NE1   . TRP E 2 59  ? -11.251 -14.563 -5.243  1.00 13.96 ? 59  TRP B NE1   1 
ATOM   1358 C CE2   . TRP E 2 59  ? -11.009 -14.658 -3.900  1.00 12.70 ? 59  TRP B CE2   1 
ATOM   1359 C CE3   . TRP E 2 59  ? -10.365 -13.183 -2.085  1.00 8.09  ? 59  TRP B CE3   1 
ATOM   1360 C CZ2   . TRP E 2 59  ? -11.079 -15.766 -3.050  1.00 11.03 ? 59  TRP B CZ2   1 
ATOM   1361 C CZ3   . TRP E 2 59  ? -10.439 -14.285 -1.237  1.00 13.00 ? 59  TRP B CZ3   1 
ATOM   1362 C CH2   . TRP E 2 59  ? -10.793 -15.562 -1.727  1.00 11.27 ? 59  TRP B CH2   1 
ATOM   1363 N N     . PRO E 2 60  ? -7.375  -12.325 -5.140  1.00 10.17 ? 60  PRO B N     1 
ATOM   1364 C CA    . PRO E 2 60  ? -6.547  -13.060 -6.101  1.00 11.67 ? 60  PRO B CA    1 
ATOM   1365 C C     . PRO E 2 60  ? -7.294  -13.933 -7.098  1.00 10.64 ? 60  PRO B C     1 
ATOM   1366 O O     . PRO E 2 60  ? -8.211  -14.663 -6.726  1.00 13.40 ? 60  PRO B O     1 
ATOM   1367 C CB    . PRO E 2 60  ? -5.681  -13.945 -5.198  1.00 9.17  ? 60  PRO B CB    1 
ATOM   1368 C CG    . PRO E 2 60  ? -5.641  -13.221 -3.909  1.00 9.69  ? 60  PRO B CG    1 
ATOM   1369 C CD    . PRO E 2 60  ? -7.065  -12.741 -3.772  1.00 9.33  ? 60  PRO B CD    1 
ATOM   1370 N N     . ILE E 2 61  ? -6.930  -13.813 -8.365  1.00 11.46 ? 61  ILE B N     1 
ATOM   1371 C CA    . ILE E 2 61  ? -7.488  -14.657 -9.402  1.00 10.93 ? 61  ILE B CA    1 
ATOM   1372 C C     . ILE E 2 61  ? -6.251  -15.498 -9.744  1.00 14.97 ? 61  ILE B C     1 
ATOM   1373 O O     . ILE E 2 61  ? -5.174  -14.952 -10.005 1.00 12.35 ? 61  ILE B O     1 
ATOM   1374 C CB    . ILE E 2 61  ? -8.035  -13.870 -10.602 1.00 9.27  ? 61  ILE B CB    1 
ATOM   1375 C CG1   . ILE E 2 61  ? -8.606  -14.863 -11.616 1.00 10.95 ? 61  ILE B CG1   1 
ATOM   1376 C CG2   . ILE E 2 61  ? -6.956  -13.008 -11.248 1.00 10.76 ? 61  ILE B CG2   1 
ATOM   1377 C CD1   . ILE E 2 61  ? -9.235  -14.208 -12.814 1.00 6.92  ? 61  ILE B CD1   1 
ATOM   1378 N N     . LEU E 2 62  ? -6.384  -16.823 -9.691  1.00 15.70 ? 62  LEU B N     1 
ATOM   1379 C CA    . LEU E 2 62  ? -5.259  -17.733 -9.910  1.00 17.11 ? 62  LEU B CA    1 
ATOM   1380 C C     . LEU E 2 62  ? -5.145  -18.372 -11.277 1.00 19.48 ? 62  LEU B C     1 
ATOM   1381 O O     . LEU E 2 62  ? -6.096  -18.953 -11.771 1.00 18.65 ? 62  LEU B O     1 
ATOM   1382 C CB    . LEU E 2 62  ? -5.287  -18.820 -8.845  1.00 14.33 ? 62  LEU B CB    1 
ATOM   1383 C CG    . LEU E 2 62  ? -5.644  -18.393 -7.419  1.00 13.90 ? 62  LEU B CG    1 
ATOM   1384 C CD1   . LEU E 2 62  ? -5.651  -19.628 -6.558  1.00 17.07 ? 62  LEU B CD1   1 
ATOM   1385 C CD2   . LEU E 2 62  ? -4.653  -17.396 -6.883  1.00 15.17 ? 62  LEU B CD2   1 
ATOM   1386 N N     . SER E 2 63  ? -3.930  -18.376 -11.818 1.00 20.30 ? 63  SER B N     1 
ATOM   1387 C CA    . SER E 2 63  ? -3.676  -18.953 -13.135 1.00 23.76 ? 63  SER B CA    1 
ATOM   1388 C C     . SER E 2 63  ? -3.879  -20.472 -13.200 1.00 23.32 ? 63  SER B C     1 
ATOM   1389 O O     . SER E 2 63  ? -3.900  -21.057 -14.281 1.00 23.85 ? 63  SER B O     1 
ATOM   1390 C CB    . SER E 2 63  ? -2.271  -18.586 -13.620 1.00 22.70 ? 63  SER B CB    1 
ATOM   1391 O OG    . SER E 2 63  ? -1.275  -19.222 -12.843 1.00 22.15 ? 63  SER B OG    1 
ATOM   1392 N N     . SER E 2 64  ? -4.013  -21.105 -12.038 1.00 25.52 ? 64  SER B N     1 
ATOM   1393 C CA    . SER E 2 64  ? -4.220  -22.543 -11.955 1.00 24.86 ? 64  SER B CA    1 
ATOM   1394 C C     . SER E 2 64  ? -5.659  -22.860 -12.286 1.00 28.47 ? 64  SER B C     1 
ATOM   1395 O O     . SER E 2 64  ? -6.031  -24.029 -12.389 1.00 30.31 ? 64  SER B O     1 
ATOM   1396 C CB    . SER E 2 64  ? -3.921  -23.045 -10.548 1.00 24.00 ? 64  SER B CB    1 
ATOM   1397 O OG    . SER E 2 64  ? -4.865  -22.557 -9.608  1.00 27.38 ? 64  SER B OG    1 
ATOM   1398 N N     . GLY E 2 65  ? -6.473  -21.811 -12.415 1.00 28.25 ? 65  GLY B N     1 
ATOM   1399 C CA    . GLY E 2 65  ? -7.886  -21.976 -12.719 1.00 29.18 ? 65  GLY B CA    1 
ATOM   1400 C C     . GLY E 2 65  ? -8.687  -22.210 -11.451 1.00 27.84 ? 65  GLY B C     1 
ATOM   1401 O O     . GLY E 2 65  ? -9.915  -22.262 -11.467 1.00 24.15 ? 65  GLY B O     1 
ATOM   1402 N N     . ASP E 2 66  ? -7.979  -22.382 -10.346 1.00 27.41 ? 66  ASP B N     1 
ATOM   1403 C CA    . ASP E 2 66  ? -8.616  -22.603 -9.063  1.00 26.47 ? 66  ASP B CA    1 
ATOM   1404 C C     . ASP E 2 66  ? -9.034  -21.292 -8.429  1.00 23.64 ? 66  ASP B C     1 
ATOM   1405 O O     . ASP E 2 66  ? -8.555  -20.225 -8.798  1.00 22.34 ? 66  ASP B O     1 
ATOM   1406 C CB    . ASP E 2 66  ? -7.646  -23.305 -8.115  1.00 31.51 ? 66  ASP B CB    1 
ATOM   1407 C CG    . ASP E 2 66  ? -7.319  -24.705 -8.553  1.00 34.65 ? 66  ASP B CG    1 
ATOM   1408 O OD1   . ASP E 2 66  ? -6.739  -24.880 -9.644  1.00 41.47 ? 66  ASP B OD1   1 
ATOM   1409 O OD2   . ASP E 2 66  ? -7.648  -25.635 -7.798  1.00 35.86 ? 66  ASP B OD2   1 
ATOM   1410 N N     . VAL E 2 67  ? -9.901  -21.398 -7.434  1.00 17.92 ? 67  VAL B N     1 
ATOM   1411 C CA    . VAL E 2 67  ? -10.371 -20.253 -6.689  1.00 19.45 ? 67  VAL B CA    1 
ATOM   1412 C C     . VAL E 2 67  ? -9.538  -20.207 -5.407  1.00 18.76 ? 67  VAL B C     1 
ATOM   1413 O O     . VAL E 2 67  ? -9.270  -21.241 -4.794  1.00 16.97 ? 67  VAL B O     1 
ATOM   1414 C CB    . VAL E 2 67  ? -11.879 -20.379 -6.385  1.00 19.84 ? 67  VAL B CB    1 
ATOM   1415 C CG1   . VAL E 2 67  ? -12.307 -19.382 -5.320  1.00 15.45 ? 67  VAL B CG1   1 
ATOM   1416 C CG2   . VAL E 2 67  ? -12.672 -20.164 -7.674  1.00 16.97 ? 67  VAL B CG2   1 
ATOM   1417 N N     . TYR E 2 68  ? -9.050  -19.015 -5.078  1.00 19.09 ? 68  TYR B N     1 
ATOM   1418 C CA    . TYR E 2 68  ? -8.216  -18.782 -3.900  1.00 18.00 ? 68  TYR B CA    1 
ATOM   1419 C C     . TYR E 2 68  ? -8.907  -19.210 -2.589  1.00 21.11 ? 68  TYR B C     1 
ATOM   1420 O O     . TYR E 2 68  ? -10.066 -18.858 -2.325  1.00 21.21 ? 68  TYR B O     1 
ATOM   1421 C CB    . TYR E 2 68  ? -7.811  -17.293 -3.853  1.00 11.40 ? 68  TYR B CB    1 
ATOM   1422 C CG    . TYR E 2 68  ? -6.794  -16.952 -2.789  1.00 10.96 ? 68  TYR B CG    1 
ATOM   1423 C CD1   . TYR E 2 68  ? -5.458  -17.296 -2.944  1.00 4.18  ? 68  TYR B CD1   1 
ATOM   1424 C CD2   . TYR E 2 68  ? -7.169  -16.295 -1.622  1.00 9.32  ? 68  TYR B CD2   1 
ATOM   1425 C CE1   . TYR E 2 68  ? -4.522  -16.996 -1.962  1.00 13.77 ? 68  TYR B CE1   1 
ATOM   1426 C CE2   . TYR E 2 68  ? -6.238  -15.988 -0.632  1.00 11.12 ? 68  TYR B CE2   1 
ATOM   1427 C CZ    . TYR E 2 68  ? -4.916  -16.343 -0.811  1.00 10.77 ? 68  TYR B CZ    1 
ATOM   1428 O OH    . TYR E 2 68  ? -3.998  -16.057 0.163   1.00 16.23 ? 68  TYR B OH    1 
ATOM   1429 N N     . SER E 2 69  ? -8.164  -19.929 -1.754  1.00 22.23 ? 69  SER B N     1 
ATOM   1430 C CA    . SER E 2 69  ? -8.673  -20.411 -0.471  1.00 26.30 ? 69  SER B CA    1 
ATOM   1431 C C     . SER E 2 69  ? -7.621  -20.244 0.637   1.00 27.81 ? 69  SER B C     1 
ATOM   1432 O O     . SER E 2 69  ? -7.842  -20.596 1.802   1.00 26.64 ? 69  SER B O     1 
ATOM   1433 C CB    . SER E 2 69  ? -9.026  -21.887 -0.603  1.00 28.04 ? 69  SER B CB    1 
ATOM   1434 O OG    . SER E 2 69  ? -7.915  -22.623 -1.112  1.00 33.99 ? 69  SER B OG    1 
ATOM   1435 N N     . GLY E 2 70  ? -6.486  -19.665 0.255   1.00 28.60 ? 70  GLY B N     1 
ATOM   1436 C CA    . GLY E 2 70  ? -5.358  -19.465 1.155   1.00 26.23 ? 70  GLY B CA    1 
ATOM   1437 C C     . GLY E 2 70  ? -4.138  -19.827 0.324   1.00 25.67 ? 70  GLY B C     1 
ATOM   1438 O O     . GLY E 2 70  ? -4.259  -20.153 -0.862  1.00 27.81 ? 70  GLY B O     1 
ATOM   1439 N N     . GLY E 2 71  ? -2.961  -19.806 0.917   1.00 21.98 ? 71  GLY B N     1 
ATOM   1440 C CA    . GLY E 2 71  ? -1.792  -20.138 0.127   1.00 23.69 ? 71  GLY B CA    1 
ATOM   1441 C C     . GLY E 2 71  ? -1.324  -18.976 -0.731  1.00 20.82 ? 71  GLY B C     1 
ATOM   1442 O O     . GLY E 2 71  ? -1.876  -17.874 -0.648  1.00 22.90 ? 71  GLY B O     1 
ATOM   1443 N N     . SER E 2 72  ? -0.316  -19.233 -1.564  1.00 20.33 ? 72  SER B N     1 
ATOM   1444 C CA    . SER E 2 72  ? 0.279   -18.219 -2.440  1.00 19.35 ? 72  SER B CA    1 
ATOM   1445 C C     . SER E 2 72  ? -0.742  -17.475 -3.310  1.00 18.21 ? 72  SER B C     1 
ATOM   1446 O O     . SER E 2 72  ? -1.380  -18.068 -4.183  1.00 21.51 ? 72  SER B O     1 
ATOM   1447 C CB    . SER E 2 72  ? 1.376   -18.843 -3.319  1.00 17.24 ? 72  SER B CB    1 
ATOM   1448 O OG    . SER E 2 72  ? 2.016   -17.850 -4.121  1.00 25.84 ? 72  SER B OG    1 
ATOM   1449 N N     . PRO E 2 73  ? -0.880  -16.155 -3.101  1.00 14.51 ? 73  PRO B N     1 
ATOM   1450 C CA    . PRO E 2 73  ? -1.831  -15.381 -3.888  1.00 15.12 ? 73  PRO B CA    1 
ATOM   1451 C C     . PRO E 2 73  ? -1.417  -15.145 -5.329  1.00 15.12 ? 73  PRO B C     1 
ATOM   1452 O O     . PRO E 2 73  ? -2.264  -14.900 -6.188  1.00 18.64 ? 73  PRO B O     1 
ATOM   1453 C CB    . PRO E 2 73  ? -1.934  -14.075 -3.098  1.00 15.24 ? 73  PRO B CB    1 
ATOM   1454 C CG    . PRO E 2 73  ? -0.625  -13.949 -2.471  1.00 14.34 ? 73  PRO B CG    1 
ATOM   1455 C CD    . PRO E 2 73  ? -0.329  -15.331 -2.011  1.00 13.73 ? 73  PRO B CD    1 
ATOM   1456 N N     . GLY E 2 74  ? -0.130  -15.277 -5.618  1.00 14.13 ? 74  GLY B N     1 
ATOM   1457 C CA    . GLY E 2 74  ? 0.311   -15.009 -6.971  1.00 10.42 ? 74  GLY B CA    1 
ATOM   1458 C C     . GLY E 2 74  ? 0.364   -13.507 -7.217  1.00 7.65  ? 74  GLY B C     1 
ATOM   1459 O O     . GLY E 2 74  ? 0.286   -12.712 -6.290  1.00 9.20  ? 74  GLY B O     1 
ATOM   1460 N N     . ALA E 2 75  ? 0.463   -13.105 -8.471  1.00 5.98  ? 75  ALA B N     1 
ATOM   1461 C CA    . ALA E 2 75  ? 0.572   -11.700 -8.795  1.00 8.85  ? 75  ALA B CA    1 
ATOM   1462 C C     . ALA E 2 75  ? -0.671  -11.061 -9.391  1.00 9.53  ? 75  ALA B C     1 
ATOM   1463 O O     . ALA E 2 75  ? -0.716  -9.848  -9.551  1.00 11.26 ? 75  ALA B O     1 
ATOM   1464 C CB    . ALA E 2 75  ? 1.732   -11.512 -9.755  1.00 11.83 ? 75  ALA B CB    1 
ATOM   1465 N N     . ASP E 2 76  ? -1.671  -11.869 -9.724  1.00 7.79  ? 76  ASP B N     1 
ATOM   1466 C CA    . ASP E 2 76  ? -2.864  -11.358 -10.373 1.00 8.77  ? 76  ASP B CA    1 
ATOM   1467 C C     . ASP E 2 76  ? -4.024  -11.094 -9.451  1.00 7.91  ? 76  ASP B C     1 
ATOM   1468 O O     . ASP E 2 76  ? -4.219  -11.820 -8.487  1.00 7.14  ? 76  ASP B O     1 
ATOM   1469 C CB    . ASP E 2 76  ? -3.284  -12.307 -11.483 1.00 12.25 ? 76  ASP B CB    1 
ATOM   1470 C CG    . ASP E 2 76  ? -2.174  -12.575 -12.467 1.00 10.06 ? 76  ASP B CG    1 
ATOM   1471 O OD1   . ASP E 2 76  ? -1.331  -11.694 -12.707 1.00 15.08 ? 76  ASP B OD1   1 
ATOM   1472 O OD2   . ASP E 2 76  ? -2.143  -13.683 -13.012 1.00 14.76 ? 76  ASP B OD2   1 
ATOM   1473 N N     . ARG E 2 77  ? -4.831  -10.097 -9.798  1.00 5.61  ? 77  ARG B N     1 
ATOM   1474 C CA    . ARG E 2 77  ? -5.963  -9.711  -8.971  1.00 13.11 ? 77  ARG B CA    1 
ATOM   1475 C C     . ARG E 2 77  ? -7.207  -9.263  -9.726  1.00 14.21 ? 77  ARG B C     1 
ATOM   1476 O O     . ARG E 2 77  ? -7.139  -8.736  -10.833 1.00 12.10 ? 77  ARG B O     1 
ATOM   1477 C CB    . ARG E 2 77  ? -5.585  -8.527  -8.071  1.00 17.06 ? 77  ARG B CB    1 
ATOM   1478 C CG    . ARG E 2 77  ? -4.360  -8.687  -7.214  1.00 16.12 ? 77  ARG B CG    1 
ATOM   1479 C CD    . ARG E 2 77  ? -4.616  -9.559  -6.018  1.00 13.91 ? 77  ARG B CD    1 
ATOM   1480 N NE    . ARG E 2 77  ? -3.422  -9.594  -5.197  1.00 16.65 ? 77  ARG B NE    1 
ATOM   1481 C CZ    . ARG E 2 77  ? -2.460  -10.497 -5.314  1.00 11.16 ? 77  ARG B CZ    1 
ATOM   1482 N NH1   . ARG E 2 77  ? -2.544  -11.465 -6.218  1.00 8.35  ? 77  ARG B NH1   1 
ATOM   1483 N NH2   . ARG E 2 77  ? -1.399  -10.406 -4.538  1.00 12.31 ? 77  ARG B NH2   1 
ATOM   1484 N N     . VAL E 2 78  ? -8.345  -9.471  -9.078  1.00 12.23 ? 78  VAL B N     1 
ATOM   1485 C CA    . VAL E 2 78  ? -9.627  -9.019  -9.569  1.00 10.67 ? 78  VAL B CA    1 
ATOM   1486 C C     . VAL E 2 78  ? -9.965  -7.930  -8.546  1.00 8.81  ? 78  VAL B C     1 
ATOM   1487 O O     . VAL E 2 78  ? -9.743  -8.102  -7.342  1.00 10.74 ? 78  VAL B O     1 
ATOM   1488 C CB    . VAL E 2 78  ? -10.735 -10.100 -9.482  1.00 6.77  ? 78  VAL B CB    1 
ATOM   1489 C CG1   . VAL E 2 78  ? -12.040 -9.531  -9.978  1.00 12.92 ? 78  VAL B CG1   1 
ATOM   1490 C CG2   . VAL E 2 78  ? -10.375 -11.297 -10.299 1.00 13.62 ? 78  VAL B CG2   1 
ATOM   1491 N N     . VAL E 2 79  ? -10.389 -6.777  -9.042  1.00 11.54 ? 79  VAL B N     1 
ATOM   1492 C CA    . VAL E 2 79  ? -10.792 -5.673  -8.184  1.00 12.19 ? 79  VAL B CA    1 
ATOM   1493 C C     . VAL E 2 79  ? -12.277 -5.462  -8.449  1.00 9.28  ? 79  VAL B C     1 
ATOM   1494 O O     . VAL E 2 79  ? -12.668 -5.232  -9.592  1.00 7.34  ? 79  VAL B O     1 
ATOM   1495 C CB    . VAL E 2 79  ? -10.058 -4.356  -8.535  1.00 8.77  ? 79  VAL B CB    1 
ATOM   1496 C CG1   . VAL E 2 79  ? -10.599 -3.216  -7.705  1.00 8.66  ? 79  VAL B CG1   1 
ATOM   1497 C CG2   . VAL E 2 79  ? -8.602  -4.497  -8.298  1.00 7.69  ? 79  VAL B CG2   1 
ATOM   1498 N N     . PHE E 2 80  ? -13.099 -5.593  -7.415  1.00 9.78  ? 80  PHE B N     1 
ATOM   1499 C CA    . PHE E 2 80  ? -14.536 -5.370  -7.553  1.00 11.52 ? 80  PHE B CA    1 
ATOM   1500 C C     . PHE E 2 80  ? -14.979 -4.347  -6.530  1.00 10.59 ? 80  PHE B C     1 
ATOM   1501 O O     . PHE E 2 80  ? -14.216 -4.000  -5.630  1.00 10.50 ? 80  PHE B O     1 
ATOM   1502 C CB    . PHE E 2 80  ? -15.355 -6.675  -7.405  1.00 12.51 ? 80  PHE B CB    1 
ATOM   1503 C CG    . PHE E 2 80  ? -15.091 -7.441  -6.133  1.00 11.68 ? 80  PHE B CG    1 
ATOM   1504 C CD1   . PHE E 2 80  ? -15.815 -7.172  -4.978  1.00 14.04 ? 80  PHE B CD1   1 
ATOM   1505 C CD2   . PHE E 2 80  ? -14.099 -8.418  -6.087  1.00 11.29 ? 80  PHE B CD2   1 
ATOM   1506 C CE1   . PHE E 2 80  ? -15.549 -7.858  -3.786  1.00 12.80 ? 80  PHE B CE1   1 
ATOM   1507 C CE2   . PHE E 2 80  ? -13.824 -9.111  -4.904  1.00 15.57 ? 80  PHE B CE2   1 
ATOM   1508 C CZ    . PHE E 2 80  ? -14.544 -8.832  -3.755  1.00 13.76 ? 80  PHE B CZ    1 
ATOM   1509 N N     . ASN E 2 81  ? -16.195 -3.835  -6.676  1.00 13.80 ? 81  ASN B N     1 
ATOM   1510 C CA    . ASN E 2 81  ? -16.678 -2.883  -5.706  1.00 14.49 ? 81  ASN B CA    1 
ATOM   1511 C C     . ASN E 2 81  ? -17.742 -3.433  -4.766  1.00 16.70 ? 81  ASN B C     1 
ATOM   1512 O O     . ASN E 2 81  ? -18.076 -4.634  -4.784  1.00 14.99 ? 81  ASN B O     1 
ATOM   1513 C CB    . ASN E 2 81  ? -17.093 -1.566  -6.367  1.00 16.53 ? 81  ASN B CB    1 
ATOM   1514 C CG    . ASN E 2 81  ? -18.472 -1.595  -6.943  1.00 16.81 ? 81  ASN B CG    1 
ATOM   1515 O OD1   . ASN E 2 81  ? -19.063 -2.654  -7.142  1.00 17.98 ? 81  ASN B OD1   1 
ATOM   1516 N ND2   . ASN E 2 81  ? -19.004 -0.413  -7.219  1.00 18.51 ? 81  ASN B ND2   1 
ATOM   1517 N N     . GLU E 2 82  ? -18.223 -2.552  -3.902  1.00 21.02 ? 82  GLU B N     1 
ATOM   1518 C CA    . GLU E 2 82  ? -19.228 -2.875  -2.903  1.00 23.96 ? 82  GLU B CA    1 
ATOM   1519 C C     . GLU E 2 82  ? -20.503 -3.479  -3.503  1.00 23.49 ? 82  GLU B C     1 
ATOM   1520 O O     . GLU E 2 82  ? -21.143 -4.336  -2.890  1.00 24.90 ? 82  GLU B O     1 
ATOM   1521 C CB    . GLU E 2 82  ? -19.573 -1.605  -2.135  1.00 28.66 ? 82  GLU B CB    1 
ATOM   1522 C CG    . GLU E 2 82  ? -20.423 -1.845  -0.913  1.00 37.60 ? 82  GLU B CG    1 
ATOM   1523 C CD    . GLU E 2 82  ? -19.743 -2.758  0.082   1.00 40.78 ? 82  GLU B CD    1 
ATOM   1524 O OE1   . GLU E 2 82  ? -18.618 -2.425  0.499   1.00 41.25 ? 82  GLU B OE1   1 
ATOM   1525 O OE2   . GLU E 2 82  ? -20.330 -3.802  0.447   1.00 47.71 ? 82  GLU B OE2   1 
ATOM   1526 N N     . ASN E 2 83  ? -20.861 -3.034  -4.705  1.00 22.68 ? 83  ASN B N     1 
ATOM   1527 C CA    . ASN E 2 83  ? -22.053 -3.518  -5.382  1.00 18.41 ? 83  ASN B CA    1 
ATOM   1528 C C     . ASN E 2 83  ? -21.780 -4.684  -6.316  1.00 20.55 ? 83  ASN B C     1 
ATOM   1529 O O     . ASN E 2 83  ? -22.504 -4.890  -7.291  1.00 17.59 ? 83  ASN B O     1 
ATOM   1530 C CB    . ASN E 2 83  ? -22.719 -2.377  -6.148  1.00 22.94 ? 83  ASN B CB    1 
ATOM   1531 C CG    . ASN E 2 83  ? -22.932 -1.153  -5.286  1.00 25.24 ? 83  ASN B CG    1 
ATOM   1532 O OD1   . ASN E 2 83  ? -22.427 -0.070  -5.594  1.00 29.99 ? 83  ASN B OD1   1 
ATOM   1533 N ND2   . ASN E 2 83  ? -23.633 -1.328  -4.162  1.00 28.91 ? 83  ASN B ND2   1 
ATOM   1534 N N     . ASN E 2 84  ? -20.734 -5.450  -6.008  1.00 21.11 ? 84  ASN B N     1 
ATOM   1535 C CA    . ASN E 2 84  ? -20.341 -6.624  -6.792  1.00 19.70 ? 84  ASN B CA    1 
ATOM   1536 C C     . ASN E 2 84  ? -20.166 -6.293  -8.267  1.00 18.41 ? 84  ASN B C     1 
ATOM   1537 O O     . ASN E 2 84  ? -20.539 -7.081  -9.140  1.00 20.32 ? 84  ASN B O     1 
ATOM   1538 C CB    . ASN E 2 84  ? -21.372 -7.750  -6.623  1.00 23.60 ? 84  ASN B CB    1 
ATOM   1539 C CG    . ASN E 2 84  ? -20.824 -9.136  -6.963  1.00 25.73 ? 84  ASN B CG    1 
ATOM   1540 O OD1   . ASN E 2 84  ? -21.296 -10.131 -6.435  1.00 35.03 ? 84  ASN B OD1   1 
ATOM   1541 N ND2   . ASN E 2 84  ? -19.850 -9.208  -7.845  1.00 32.24 ? 84  ASN B ND2   1 
ATOM   1542 N N     . GLN E 2 85  ? -19.581 -5.141  -8.551  1.00 15.47 ? 85  GLN B N     1 
ATOM   1543 C CA    . GLN E 2 85  ? -19.331 -4.756  -9.931  1.00 13.27 ? 85  GLN B CA    1 
ATOM   1544 C C     . GLN E 2 85  ? -17.852 -4.883  -10.233 1.00 12.22 ? 85  GLN B C     1 
ATOM   1545 O O     . GLN E 2 85  ? -17.023 -4.543  -9.394  1.00 12.32 ? 85  GLN B O     1 
ATOM   1546 C CB    . GLN E 2 85  ? -19.770 -3.326  -10.179 1.00 12.59 ? 85  GLN B CB    1 
ATOM   1547 C CG    . GLN E 2 85  ? -21.227 -3.106  -9.984  1.00 16.70 ? 85  GLN B CG    1 
ATOM   1548 C CD    . GLN E 2 85  ? -21.595 -1.684  -10.253 1.00 22.22 ? 85  GLN B CD    1 
ATOM   1549 O OE1   . GLN E 2 85  ? -21.307 -0.796  -9.441  1.00 24.70 ? 85  GLN B OE1   1 
ATOM   1550 N NE2   . GLN E 2 85  ? -22.179 -1.432  -11.423 1.00 25.85 ? 85  GLN B NE2   1 
ATOM   1551 N N     . LEU E 2 86  ? -17.541 -5.406  -11.419 1.00 12.96 ? 86  LEU B N     1 
ATOM   1552 C CA    . LEU E 2 86  ? -16.168 -5.571  -11.876 1.00 17.04 ? 86  LEU B CA    1 
ATOM   1553 C C     . LEU E 2 86  ? -15.539 -4.174  -12.017 1.00 17.93 ? 86  LEU B C     1 
ATOM   1554 O O     . LEU E 2 86  ? -16.083 -3.290  -12.719 1.00 20.20 ? 86  LEU B O     1 
ATOM   1555 C CB    . LEU E 2 86  ? -16.147 -6.262  -13.248 1.00 12.82 ? 86  LEU B CB    1 
ATOM   1556 C CG    . LEU E 2 86  ? -15.010 -7.155  -13.759 1.00 13.45 ? 86  LEU B CG    1 
ATOM   1557 C CD1   . LEU E 2 86  ? -14.941 -7.085  -15.282 1.00 9.27  ? 86  LEU B CD1   1 
ATOM   1558 C CD2   . LEU E 2 86  ? -13.683 -6.760  -13.162 1.00 12.03 ? 86  LEU B CD2   1 
ATOM   1559 N N     . ALA E 2 87  ? -14.432 -3.960  -11.306 1.00 17.40 ? 87  ALA B N     1 
ATOM   1560 C CA    . ALA E 2 87  ? -13.693 -2.706  -11.377 1.00 13.57 ? 87  ALA B CA    1 
ATOM   1561 C C     . ALA E 2 87  ? -12.553 -2.932  -12.367 1.00 13.30 ? 87  ALA B C     1 
ATOM   1562 O O     . ALA E 2 87  ? -12.381 -2.154  -13.295 1.00 14.40 ? 87  ALA B O     1 
ATOM   1563 C CB    . ALA E 2 87  ? -13.156 -2.319  -10.014 1.00 16.17 ? 87  ALA B CB    1 
ATOM   1564 N N     . GLY E 2 88  ? -11.809 -4.026  -12.198 1.00 10.89 ? 88  GLY B N     1 
ATOM   1565 C CA    . GLY E 2 88  ? -10.724 -4.322  -13.112 1.00 10.27 ? 88  GLY B CA    1 
ATOM   1566 C C     . GLY E 2 88  ? -9.936  -5.556  -12.754 1.00 8.62  ? 88  GLY B C     1 
ATOM   1567 O O     . GLY E 2 88  ? -10.202 -6.201  -11.740 1.00 11.44 ? 88  GLY B O     1 
ATOM   1568 N N     . VAL E 2 89  ? -9.023  -5.936  -13.641 1.00 11.92 ? 89  VAL B N     1 
ATOM   1569 C CA    . VAL E 2 89  ? -8.137  -7.090  -13.414 1.00 13.15 ? 89  VAL B CA    1 
ATOM   1570 C C     . VAL E 2 89  ? -6.700  -6.535  -13.496 1.00 13.50 ? 89  VAL B C     1 
ATOM   1571 O O     . VAL E 2 89  ? -6.310  -5.897  -14.490 1.00 15.08 ? 89  VAL B O     1 
ATOM   1572 C CB    . VAL E 2 89  ? -8.350  -8.207  -14.455 1.00 11.89 ? 89  VAL B CB    1 
ATOM   1573 C CG1   . VAL E 2 89  ? -7.435  -9.383  -14.183 1.00 12.94 ? 89  VAL B CG1   1 
ATOM   1574 C CG2   . VAL E 2 89  ? -9.772  -8.682  -14.399 1.00 17.78 ? 89  VAL B CG2   1 
ATOM   1575 N N     . ILE E 2 90  ? -5.942  -6.721  -12.423 1.00 11.41 ? 90  ILE B N     1 
ATOM   1576 C CA    . ILE E 2 90  ? -4.591  -6.196  -12.344 1.00 10.62 ? 90  ILE B CA    1 
ATOM   1577 C C     . ILE E 2 90  ? -3.541  -7.241  -11.946 1.00 9.98  ? 90  ILE B C     1 
ATOM   1578 O O     . ILE E 2 90  ? -3.872  -8.374  -11.563 1.00 13.68 ? 90  ILE B O     1 
ATOM   1579 C CB    . ILE E 2 90  ? -4.554  -4.983  -11.384 1.00 6.35  ? 90  ILE B CB    1 
ATOM   1580 C CG1   . ILE E 2 90  ? -5.043  -5.387  -9.983  1.00 8.41  ? 90  ILE B CG1   1 
ATOM   1581 C CG2   . ILE E 2 90  ? -5.407  -3.877  -11.931 1.00 4.76  ? 90  ILE B CG2   1 
ATOM   1582 C CD1   . ILE E 2 90  ? -5.023  -4.260  -8.957  1.00 4.50  ? 90  ILE B CD1   1 
ATOM   1583 N N     . THR E 2 91  ? -2.275  -6.857  -12.048 1.00 12.89 ? 91  THR B N     1 
ATOM   1584 C CA    . THR E 2 91  ? -1.177  -7.767  -11.723 1.00 11.55 ? 91  THR B CA    1 
ATOM   1585 C C     . THR E 2 91  ? 0.090   -7.016  -11.333 1.00 14.43 ? 91  THR B C     1 
ATOM   1586 O O     . THR E 2 91  ? 0.261   -5.842  -11.667 1.00 13.59 ? 91  THR B O     1 
ATOM   1587 C CB    . THR E 2 91  ? -0.853  -8.687  -12.922 1.00 6.44  ? 91  THR B CB    1 
ATOM   1588 O OG1   . THR E 2 91  ? 0.159   -9.630  -12.561 1.00 9.03  ? 91  THR B OG1   1 
ATOM   1589 C CG2   . THR E 2 91  ? -0.369  -7.896  -14.088 1.00 6.88  ? 91  THR B CG2   1 
ATOM   1590 N N     . HIS E 2 92  ? 0.949   -7.684  -10.575 1.00 14.33 ? 92  HIS B N     1 
ATOM   1591 C CA    . HIS E 2 92  ? 2.215   -7.100  -10.177 1.00 11.82 ? 92  HIS B CA    1 
ATOM   1592 C C     . HIS E 2 92  ? 3.181   -7.206  -11.359 1.00 13.36 ? 92  HIS B C     1 
ATOM   1593 O O     . HIS E 2 92  ? 4.042   -6.363  -11.540 1.00 15.98 ? 92  HIS B O     1 
ATOM   1594 C CB    . HIS E 2 92  ? 2.796   -7.866  -9.007  1.00 7.69  ? 92  HIS B CB    1 
ATOM   1595 C CG    . HIS E 2 92  ? 2.100   -7.615  -7.711  1.00 5.60  ? 92  HIS B CG    1 
ATOM   1596 N ND1   . HIS E 2 92  ? 1.883   -6.351  -7.221  1.00 12.51 ? 92  HIS B ND1   1 
ATOM   1597 C CD2   . HIS E 2 92  ? 1.605   -8.473  -6.787  1.00 8.75  ? 92  HIS B CD2   1 
ATOM   1598 C CE1   . HIS E 2 92  ? 1.282   -6.431  -6.042  1.00 11.53 ? 92  HIS B CE1   1 
ATOM   1599 N NE2   . HIS E 2 92  ? 1.101   -7.707  -5.759  1.00 10.77 ? 92  HIS B NE2   1 
ATOM   1600 N N     . THR E 2 93  ? 3.020   -8.254  -12.161 1.00 16.70 ? 93  THR B N     1 
ATOM   1601 C CA    . THR E 2 93  ? 3.868   -8.499  -13.330 1.00 14.17 ? 93  THR B CA    1 
ATOM   1602 C C     . THR E 2 93  ? 4.084   -7.289  -14.244 1.00 16.02 ? 93  THR B C     1 
ATOM   1603 O O     . THR E 2 93  ? 3.199   -6.890  -14.998 1.00 17.33 ? 93  THR B O     1 
ATOM   1604 C CB    . THR E 2 93  ? 3.329   -9.683  -14.162 1.00 13.32 ? 93  THR B CB    1 
ATOM   1605 O OG1   . THR E 2 93  ? 3.227   -10.844 -13.321 1.00 16.55 ? 93  THR B OG1   1 
ATOM   1606 C CG2   . THR E 2 93  ? 4.246   -9.988  -15.334 1.00 9.25  ? 93  THR B CG2   1 
ATOM   1607 N N     . GLY E 2 94  ? 5.289   -6.738  -14.202 1.00 20.76 ? 94  GLY B N     1 
ATOM   1608 C CA    . GLY E 2 94  ? 5.593   -5.587  -15.031 1.00 23.30 ? 94  GLY B CA    1 
ATOM   1609 C C     . GLY E 2 94  ? 5.544   -4.289  -14.266 1.00 24.42 ? 94  GLY B C     1 
ATOM   1610 O O     . GLY E 2 94  ? 5.714   -3.221  -14.854 1.00 28.99 ? 94  GLY B O     1 
ATOM   1611 N N     . ALA E 2 95  ? 5.283   -4.382  -12.965 1.00 23.00 ? 95  ALA B N     1 
ATOM   1612 C CA    . ALA E 2 95  ? 5.210   -3.207  -12.100 1.00 19.94 ? 95  ALA B CA    1 
ATOM   1613 C C     . ALA E 2 95  ? 6.360   -3.275  -11.120 1.00 18.31 ? 95  ALA B C     1 
ATOM   1614 O O     . ALA E 2 95  ? 6.916   -4.347  -10.897 1.00 21.08 ? 95  ALA B O     1 
ATOM   1615 C CB    . ALA E 2 95  ? 3.887   -3.169  -11.348 1.00 12.89 ? 95  ALA B CB    1 
ATOM   1616 N N     . SER E 2 96  ? 6.713   -2.136  -10.539 1.00 18.16 ? 96  SER B N     1 
ATOM   1617 C CA    . SER E 2 96  ? 7.800   -2.077  -9.577  1.00 16.87 ? 96  SER B CA    1 
ATOM   1618 C C     . SER E 2 96  ? 7.307   -2.327  -8.165  1.00 17.34 ? 96  SER B C     1 
ATOM   1619 O O     . SER E 2 96  ? 6.194   -1.931  -7.807  1.00 19.05 ? 96  SER B O     1 
ATOM   1620 C CB    . SER E 2 96  ? 8.448   -0.705  -9.625  1.00 19.34 ? 96  SER B CB    1 
ATOM   1621 O OG    . SER E 2 96  ? 8.979   -0.462  -10.908 1.00 25.12 ? 96  SER B OG    1 
ATOM   1622 N N     . GLY E 2 97  ? 8.157   -2.947  -7.358  1.00 18.04 ? 97  GLY B N     1 
ATOM   1623 C CA    . GLY E 2 97  ? 7.813   -3.228  -5.972  1.00 17.86 ? 97  GLY B CA    1 
ATOM   1624 C C     . GLY E 2 97  ? 6.481   -3.925  -5.814  1.00 13.90 ? 97  GLY B C     1 
ATOM   1625 O O     . GLY E 2 97  ? 6.239   -4.958  -6.423  1.00 16.09 ? 97  GLY B O     1 
ATOM   1626 N N     . ASN E 2 98  ? 5.622   -3.369  -4.979  1.00 14.56 ? 98  ASN B N     1 
ATOM   1627 C CA    . ASN E 2 98  ? 4.301   -3.938  -4.772  1.00 14.11 ? 98  ASN B CA    1 
ATOM   1628 C C     . ASN E 2 98  ? 3.211   -3.166  -5.488  1.00 15.21 ? 98  ASN B C     1 
ATOM   1629 O O     . ASN E 2 98  ? 2.057   -3.180  -5.063  1.00 14.84 ? 98  ASN B O     1 
ATOM   1630 C CB    . ASN E 2 98  ? 3.971   -4.081  -3.287  1.00 15.72 ? 98  ASN B CB    1 
ATOM   1631 C CG    . ASN E 2 98  ? 4.280   -5.469  -2.760  1.00 18.23 ? 98  ASN B CG    1 
ATOM   1632 O OD1   . ASN E 2 98  ? 4.398   -5.681  -1.554  1.00 26.57 ? 98  ASN B OD1   1 
ATOM   1633 N ND2   . ASN E 2 98  ? 4.414   -6.427  -3.664  1.00 19.03 ? 98  ASN B ND2   1 
ATOM   1634 N N     . ASN E 2 99  ? 3.575   -2.504  -6.581  1.00 12.67 ? 99  ASN B N     1 
ATOM   1635 C CA    . ASN E 2 99  ? 2.618   -1.762  -7.396  1.00 10.91 ? 99  ASN B CA    1 
ATOM   1636 C C     . ASN E 2 99  ? 1.954   -2.719  -8.366  1.00 8.94  ? 99  ASN B C     1 
ATOM   1637 O O     . ASN E 2 99  ? 2.392   -3.860  -8.535  1.00 13.44 ? 99  ASN B O     1 
ATOM   1638 C CB    . ASN E 2 99  ? 3.316   -0.672  -8.215  1.00 10.76 ? 99  ASN B CB    1 
ATOM   1639 C CG    . ASN E 2 99  ? 3.670   0.559   -7.397  1.00 13.88 ? 99  ASN B CG    1 
ATOM   1640 O OD1   . ASN E 2 99  ? 3.861   1.634   -7.955  1.00 19.75 ? 99  ASN B OD1   1 
ATOM   1641 N ND2   . ASN E 2 99  ? 3.783   0.405   -6.087  1.00 21.45 ? 99  ASN B ND2   1 
ATOM   1642 N N     . PHE E 2 100 ? 0.940   -2.223  -9.057  1.00 11.47 ? 100 PHE B N     1 
ATOM   1643 C CA    . PHE E 2 100 ? 0.209   -3.019  -10.031 1.00 11.35 ? 100 PHE B CA    1 
ATOM   1644 C C     . PHE E 2 100 ? 0.109   -2.248  -11.303 1.00 10.77 ? 100 PHE B C     1 
ATOM   1645 O O     . PHE E 2 100 ? 0.318   -1.025  -11.312 1.00 13.96 ? 100 PHE B O     1 
ATOM   1646 C CB    . PHE E 2 100 ? -1.229  -3.260  -9.599  1.00 9.19  ? 100 PHE B CB    1 
ATOM   1647 C CG    . PHE E 2 100 ? -1.374  -4.026  -8.347  1.00 5.29  ? 100 PHE B CG    1 
ATOM   1648 C CD1   . PHE E 2 100 ? -1.391  -5.406  -8.375  1.00 5.52  ? 100 PHE B CD1   1 
ATOM   1649 C CD2   . PHE E 2 100 ? -1.589  -3.371  -7.146  1.00 5.24  ? 100 PHE B CD2   1 
ATOM   1650 C CE1   . PHE E 2 100 ? -1.630  -6.139  -7.225  1.00 9.28  ? 100 PHE B CE1   1 
ATOM   1651 C CE2   . PHE E 2 100 ? -1.830  -4.091  -5.981  1.00 8.60  ? 100 PHE B CE2   1 
ATOM   1652 C CZ    . PHE E 2 100 ? -1.854  -5.479  -6.021  1.00 7.61  ? 100 PHE B CZ    1 
ATOM   1653 N N     . VAL E 2 101 ? -0.218  -2.971  -12.362 1.00 13.31 ? 101 VAL B N     1 
ATOM   1654 C CA    . VAL E 2 101 ? -0.422  -2.418  -13.698 1.00 15.94 ? 101 VAL B CA    1 
ATOM   1655 C C     . VAL E 2 101 ? -1.681  -3.166  -14.139 1.00 16.30 ? 101 VAL B C     1 
ATOM   1656 O O     . VAL E 2 101 ? -1.991  -4.240  -13.592 1.00 8.17  ? 101 VAL B O     1 
ATOM   1657 C CB    . VAL E 2 101 ? 0.768   -2.710  -14.727 1.00 16.56 ? 101 VAL B CB    1 
ATOM   1658 C CG1   . VAL E 2 101 ? 2.015   -1.902  -14.372 1.00 14.86 ? 101 VAL B CG1   1 
ATOM   1659 C CG2   . VAL E 2 101 ? 1.112   -4.207  -14.801 1.00 17.99 ? 101 VAL B CG2   1 
ATOM   1660 N N     . GLU E 2 102 ? -2.430  -2.579  -15.070 1.00 20.42 ? 102 GLU B N     1 
ATOM   1661 C CA    . GLU E 2 102 ? -3.652  -3.197  -15.585 1.00 24.28 ? 102 GLU B CA    1 
ATOM   1662 C C     . GLU E 2 102 ? -3.372  -4.344  -16.546 1.00 23.69 ? 102 GLU B C     1 
ATOM   1663 O O     . GLU E 2 102 ? -2.366  -4.352  -17.260 1.00 23.20 ? 102 GLU B O     1 
ATOM   1664 C CB    . GLU E 2 102 ? -4.539  -2.171  -16.288 1.00 25.27 ? 102 GLU B CB    1 
ATOM   1665 C CG    . GLU E 2 102 ? -5.499  -1.440  -15.353 1.00 35.95 ? 102 GLU B CG    1 
ATOM   1666 C CD    . GLU E 2 102 ? -6.378  -0.400  -16.060 1.00 42.45 ? 102 GLU B CD    1 
ATOM   1667 O OE1   . GLU E 2 102 ? -5.823  0.557   -16.657 1.00 43.88 ? 102 GLU B OE1   1 
ATOM   1668 O OE2   . GLU E 2 102 ? -7.626  -0.533  -15.998 1.00 42.03 ? 102 GLU B OE2   1 
ATOM   1669 N N     . CYS E 2 103 ? -4.238  -5.350  -16.496 1.00 23.89 ? 103 CYS B N     1 
ATOM   1670 C CA    . CYS E 2 103 ? -4.112  -6.483  -17.392 1.00 22.17 ? 103 CYS B CA    1 
ATOM   1671 C C     . CYS E 2 103 ? -4.823  -6.047  -18.658 1.00 25.73 ? 103 CYS B C     1 
ATOM   1672 O O     . CYS E 2 103 ? -5.873  -5.391  -18.607 1.00 29.02 ? 103 CYS B O     1 
ATOM   1673 C CB    . CYS E 2 103 ? -4.779  -7.714  -16.813 1.00 17.46 ? 103 CYS B CB    1 
ATOM   1674 S SG    . CYS E 2 103 ? -3.959  -8.334  -15.321 1.00 17.20 ? 103 CYS B SG    1 
ATOM   1675 N N     . THR E 2 104 ? -4.230  -6.382  -19.799 1.00 30.79 ? 104 THR B N     1 
ATOM   1676 C CA    . THR E 2 104 ? -4.751  -6.014  -21.106 1.00 33.88 ? 104 THR B CA    1 
ATOM   1677 C C     . THR E 2 104 ? -5.759  -6.980  -21.721 1.00 34.11 ? 104 THR B C     1 
ATOM   1678 O O     . THR E 2 104 ? -6.275  -6.669  -22.810 1.00 37.40 ? 104 THR B O     1 
ATOM   1679 C CB    . THR E 2 104 ? -3.581  -5.785  -22.088 1.00 36.04 ? 104 THR B CB    1 
ATOM   1680 O OG1   . THR E 2 104 ? -2.570  -6.790  -21.886 1.00 37.06 ? 104 THR B OG1   1 
ATOM   1681 C CG2   . THR E 2 104 ? -2.967  -4.394  -21.863 1.00 36.69 ? 104 THR B CG2   1 
ATOM   1682 O OXT   . THR E 2 104 ? -6.023  -8.032  -21.120 1.00 35.30 ? 104 THR B OXT   1 
HETATM 1683 O O     . HOH F 3 .   ? 2.740   11.435  1.590   1.00 25.87 ? 137 HOH C O     1 
HETATM 1684 O O     . HOH G 3 .   ? 4.747   -4.654  4.068   1.00 34.17 ? 188 HOH D O     1 
HETATM 1685 O O     . HOH G 3 .   ? 8.070   -5.660  2.702   1.00 33.76 ? 195 HOH D O     1 
HETATM 1686 O O     . HOH H 3 .   ? 13.210  15.648  13.894  1.00 10.87 ? 107 HOH A O     1 
HETATM 1687 O O     . HOH H 3 .   ? 9.980   16.719  5.076   1.00 9.10  ? 108 HOH A O     1 
HETATM 1688 O O     . HOH H 3 .   ? 14.454  15.441  0.590   1.00 6.44  ? 110 HOH A O     1 
HETATM 1689 O O     . HOH H 3 .   ? 21.461  19.965  4.295   1.00 26.43 ? 111 HOH A O     1 
HETATM 1690 O O     . HOH H 3 .   ? 17.851  19.585  13.639  1.00 43.69 ? 112 HOH A O     1 
HETATM 1691 O O     . HOH H 3 .   ? 14.421  5.841   16.252  1.00 25.48 ? 113 HOH A O     1 
HETATM 1692 O O     . HOH H 3 .   ? 15.269  17.182  16.221  1.00 18.01 ? 114 HOH A O     1 
HETATM 1693 O O     . HOH H 3 .   ? -3.242  8.289   14.809  1.00 29.58 ? 115 HOH A O     1 
HETATM 1694 O O     . HOH H 3 .   ? 0.990   -1.215  6.792   1.00 18.56 ? 116 HOH A O     1 
HETATM 1695 O O     . HOH H 3 .   ? 8.233   15.518  13.005  1.00 17.79 ? 117 HOH A O     1 
HETATM 1696 O O     . HOH H 3 .   ? 11.735  18.931  5.303   1.00 29.74 ? 118 HOH A O     1 
HETATM 1697 O O     . HOH H 3 .   ? 14.868  2.919   -1.983  1.00 19.27 ? 119 HOH A O     1 
HETATM 1698 O O     . HOH H 3 .   ? 24.763  5.856   6.381   1.00 42.06 ? 120 HOH A O     1 
HETATM 1699 O O     . HOH H 3 .   ? -3.063  5.460   -0.889  1.00 23.93 ? 127 HOH A O     1 
HETATM 1700 O O     . HOH H 3 .   ? 17.220  11.095  -4.014  1.00 18.67 ? 133 HOH A O     1 
HETATM 1701 O O     . HOH H 3 .   ? 10.823  16.694  12.306  1.00 20.62 ? 134 HOH A O     1 
HETATM 1702 O O     . HOH H 3 .   ? 9.540   13.984  20.335  1.00 28.56 ? 135 HOH A O     1 
HETATM 1703 O O     . HOH H 3 .   ? 14.859  -8.959  6.409   1.00 23.27 ? 139 HOH A O     1 
HETATM 1704 O O     . HOH H 3 .   ? 4.436   22.068  9.747   1.00 33.56 ? 140 HOH A O     1 
HETATM 1705 O O     . HOH H 3 .   ? 18.113  3.670   5.447   1.00 49.04 ? 141 HOH A O     1 
HETATM 1706 O O     . HOH H 3 .   ? 14.992  3.668   5.671   1.00 28.03 ? 142 HOH A O     1 
HETATM 1707 O O     . HOH H 3 .   ? 23.798  8.943   5.299   1.00 17.08 ? 144 HOH A O     1 
HETATM 1708 O O     . HOH H 3 .   ? 18.727  18.732  6.364   1.00 26.60 ? 145 HOH A O     1 
HETATM 1709 O O     . HOH H 3 .   ? 3.368   14.830  19.628  1.00 47.23 ? 146 HOH A O     1 
HETATM 1710 O O     . HOH H 3 .   ? -1.141  17.770  5.603   1.00 15.51 ? 147 HOH A O     1 
HETATM 1711 O O     . HOH H 3 .   ? -5.765  16.031  11.144  1.00 25.46 ? 148 HOH A O     1 
HETATM 1712 O O     . HOH H 3 .   ? 9.841   4.326   -6.059  1.00 41.89 ? 149 HOH A O     1 
HETATM 1713 O O     . HOH H 3 .   ? 18.685  10.578  -0.703  1.00 30.70 ? 155 HOH A O     1 
HETATM 1714 O O     . HOH H 3 .   ? 3.084   17.918  17.336  1.00 25.62 ? 156 HOH A O     1 
HETATM 1715 O O     . HOH H 3 .   ? 15.434  0.404   -0.557  1.00 31.56 ? 157 HOH A O     1 
HETATM 1716 O O     . HOH H 3 .   ? -4.236  4.782   9.654   1.00 31.03 ? 169 HOH A O     1 
HETATM 1717 O O     . HOH H 3 .   ? 16.676  17.555  -1.345  1.00 32.09 ? 170 HOH A O     1 
HETATM 1718 O O     . HOH H 3 .   ? 4.433   0.782   22.568  1.00 32.06 ? 171 HOH A O     1 
HETATM 1719 O O     . HOH H 3 .   ? 7.528   13.437  22.372  1.00 27.20 ? 177 HOH A O     1 
HETATM 1720 O O     . HOH H 3 .   ? 28.165  10.049  10.419  1.00 30.60 ? 178 HOH A O     1 
HETATM 1721 O O     . HOH H 3 .   ? 18.643  2.528   1.564   1.00 32.34 ? 179 HOH A O     1 
HETATM 1722 O O     . HOH H 3 .   ? -1.974  6.177   13.581  1.00 28.73 ? 180 HOH A O     1 
HETATM 1723 O O     . HOH H 3 .   ? 18.973  20.898  -2.891  1.00 33.26 ? 181 HOH A O     1 
HETATM 1724 O O     . HOH H 3 .   ? 21.138  18.247  9.446   1.00 34.29 ? 182 HOH A O     1 
HETATM 1725 O O     . HOH H 3 .   ? 11.398  12.820  22.318  1.00 37.05 ? 183 HOH A O     1 
HETATM 1726 O O     . HOH H 3 .   ? -0.730  16.992  20.053  1.00 37.97 ? 184 HOH A O     1 
HETATM 1727 O O     . HOH H 3 .   ? -4.386  17.130  17.676  1.00 35.57 ? 185 HOH A O     1 
HETATM 1728 O O     . HOH H 3 .   ? -6.940  4.057   19.579  1.00 34.80 ? 186 HOH A O     1 
HETATM 1729 O O     . HOH H 3 .   ? -1.339  8.327   26.047  1.00 33.11 ? 187 HOH A O     1 
HETATM 1730 O O     . HOH H 3 .   ? 9.943   6.148   -8.506  1.00 30.54 ? 189 HOH A O     1 
HETATM 1731 O O     . HOH H 3 .   ? 11.562  18.405  2.568   1.00 35.99 ? 190 HOH A O     1 
HETATM 1732 O O     . HOH H 3 .   ? 13.062  1.548   17.173  1.00 28.88 ? 191 HOH A O     1 
HETATM 1733 O O     . HOH H 3 .   ? -3.710  7.106   -3.148  1.00 34.20 ? 194 HOH A O     1 
HETATM 1734 O O     . HOH I 3 .   ? -11.063 -18.126 -11.342 1.00 13.38 ? 109 HOH B O     1 
HETATM 1735 O O     . HOH I 3 .   ? 1.219   -12.655 -14.108 1.00 24.53 ? 121 HOH B O     1 
HETATM 1736 O O     . HOH I 3 .   ? -8.400  -18.416 -13.497 1.00 36.96 ? 122 HOH B O     1 
HETATM 1737 O O     . HOH I 3 .   ? -16.770 -18.926 -7.465  1.00 39.88 ? 123 HOH B O     1 
HETATM 1738 O O     . HOH I 3 .   ? -10.114 -16.802 -6.992  1.00 9.37  ? 124 HOH B O     1 
HETATM 1739 O O     . HOH I 3 .   ? -3.742  -15.917 8.775   1.00 37.47 ? 125 HOH B O     1 
HETATM 1740 O O     . HOH I 3 .   ? -11.414 1.752   -2.273  1.00 21.94 ? 126 HOH B O     1 
HETATM 1741 O O     . HOH I 3 .   ? -10.325 -4.260  4.220   1.00 50.13 ? 128 HOH B O     1 
HETATM 1742 O O     . HOH I 3 .   ? 2.860   3.361   -9.821  1.00 43.78 ? 129 HOH B O     1 
HETATM 1743 O O     . HOH I 3 .   ? -6.132  7.806   -7.494  1.00 50.83 ? 130 HOH B O     1 
HETATM 1744 O O     . HOH I 3 .   ? -9.682  -26.259 -5.023  1.00 42.62 ? 131 HOH B O     1 
HETATM 1745 O O     . HOH I 3 .   ? 4.981   -7.895  -5.899  1.00 27.75 ? 132 HOH B O     1 
HETATM 1746 O O     . HOH I 3 .   ? -15.570 6.524   -6.840  1.00 21.65 ? 136 HOH B O     1 
HETATM 1747 O O     . HOH I 3 .   ? -26.267 -11.277 -1.188  1.00 44.71 ? 138 HOH B O     1 
HETATM 1748 O O     . HOH I 3 .   ? 1.079   -15.468 -10.336 1.00 28.47 ? 143 HOH B O     1 
HETATM 1749 O O     . HOH I 3 .   ? 4.059   -12.230 -7.233  1.00 43.98 ? 150 HOH B O     1 
HETATM 1750 O O     . HOH I 3 .   ? -20.756 -19.554 -9.175  1.00 40.98 ? 151 HOH B O     1 
HETATM 1751 O O     . HOH I 3 .   ? -22.127 -13.473 -4.485  1.00 34.33 ? 152 HOH B O     1 
HETATM 1752 O O     . HOH I 3 .   ? -11.638 -24.108 -7.273  1.00 19.82 ? 153 HOH B O     1 
HETATM 1753 O O     . HOH I 3 .   ? 11.814  -2.802  -9.666  1.00 44.11 ? 154 HOH B O     1 
HETATM 1754 O O     . HOH I 3 .   ? -14.062 -7.728  2.979   1.00 49.20 ? 158 HOH B O     1 
HETATM 1755 O O     . HOH I 3 .   ? -7.066  -19.035 5.062   1.00 36.93 ? 159 HOH B O     1 
HETATM 1756 O O     . HOH I 3 .   ? -1.584  -17.128 2.754   1.00 38.01 ? 160 HOH B O     1 
HETATM 1757 O O     . HOH I 3 .   ? -1.486  3.440   -14.702 1.00 43.94 ? 161 HOH B O     1 
HETATM 1758 O O     . HOH I 3 .   ? -1.793  0.198   -15.908 1.00 26.12 ? 162 HOH B O     1 
HETATM 1759 O O     . HOH I 3 .   ? -13.496 6.889   -15.205 1.00 42.31 ? 163 HOH B O     1 
HETATM 1760 O O     . HOH I 3 .   ? -14.190 -0.119  -14.008 1.00 32.09 ? 164 HOH B O     1 
HETATM 1761 O O     . HOH I 3 .   ? -9.108  -4.421  -16.333 1.00 34.26 ? 165 HOH B O     1 
HETATM 1762 O O     . HOH I 3 .   ? 5.321   0.144   -11.416 1.00 28.69 ? 166 HOH B O     1 
HETATM 1763 O O     . HOH I 3 .   ? -20.195 -17.632 -5.765  1.00 39.71 ? 167 HOH B O     1 
HETATM 1764 O O     . HOH I 3 .   ? -17.999 -22.157 -11.886 1.00 43.38 ? 168 HOH B O     1 
HETATM 1765 O O     . HOH I 3 .   ? 4.959   2.696   -4.984  1.00 35.39 ? 172 HOH B O     1 
HETATM 1766 O O     . HOH I 3 .   ? 0.544   7.318   -8.575  1.00 29.41 ? 173 HOH B O     1 
HETATM 1767 O O     . HOH I 3 .   ? -1.592  -16.521 -11.033 1.00 19.24 ? 174 HOH B O     1 
HETATM 1768 O O     . HOH I 3 .   ? -2.439  -14.761 -9.167  1.00 33.04 ? 175 HOH B O     1 
HETATM 1769 O O     . HOH I 3 .   ? -15.413 -17.067 -20.889 1.00 23.62 ? 176 HOH B O     1 
HETATM 1770 O O     . HOH I 3 .   ? -14.976 -21.575 -13.622 1.00 35.53 ? 192 HOH B O     1 
HETATM 1771 O O     . HOH I 3 .   ? -12.547 -11.762 9.355   1.00 32.78 ? 193 HOH B O     1 
HETATM 1772 O O     . HOH I 3 .   ? -8.847  -17.808 -9.498  1.00 28.76 ? 196 HOH B O     1 
HETATM 1773 O O     . HOH I 3 .   ? -0.606  -19.905 -17.235 1.00 31.86 ? 197 HOH B O     1 
HETATM 1774 O O     . HOH I 3 .   ? -22.981 -8.269  -9.717  1.00 33.15 ? 198 HOH B O     1 
# 
